data_5GHC
#
_entry.id   5GHC
#
_cell.length_a   1.000
_cell.length_b   1.000
_cell.length_c   1.000
_cell.angle_alpha   90.00
_cell.angle_beta   90.00
_cell.angle_gamma   90.00
#
_symmetry.space_group_name_H-M   'P 1'
#
_entity_poly.entity_id   1
_entity_poly.type   'polypeptide(L)'
_entity_poly.pdbx_seq_one_letter_code
;MGSSHHHHHHSQDPMADEKPKEGVKTENNDHINLKVAGQDGSVVQF(ALY)IKRHTPLSKLMKAYCERQGLSMRQIRFRF
DGQPINETDTPAQLEMEDEDTIDVFQQQTGG
;
_entity_poly.pdbx_strand_id   A
#
# COMPACT_ATOMS: atom_id res chain seq x y z
N MET A 15 21.86 7.72 1.87
CA MET A 15 22.67 7.51 3.10
C MET A 15 21.78 7.17 4.31
N ALA A 16 21.48 8.17 5.15
CA ALA A 16 20.67 7.94 6.35
C ALA A 16 19.19 7.85 6.01
N ASP A 17 18.86 8.14 4.79
CA ASP A 17 17.49 8.07 4.30
C ASP A 17 17.13 6.65 3.89
N GLU A 18 18.09 5.75 3.99
CA GLU A 18 17.88 4.38 3.62
C GLU A 18 18.48 3.42 4.65
N LYS A 19 19.53 3.87 5.31
CA LYS A 19 20.22 3.08 6.31
C LYS A 19 20.55 3.95 7.51
N PRO A 20 20.21 3.49 8.72
CA PRO A 20 20.54 4.22 9.95
C PRO A 20 22.04 4.30 10.18
N LYS A 21 22.44 5.08 11.17
CA LYS A 21 23.85 5.21 11.52
C LYS A 21 24.39 3.93 12.15
N GLU A 22 23.52 2.96 12.35
CA GLU A 22 23.90 1.70 12.97
C GLU A 22 24.85 0.92 12.07
N GLY A 23 25.54 -0.05 12.64
CA GLY A 23 26.50 -0.80 11.87
C GLY A 23 25.88 -2.02 11.24
N VAL A 24 25.48 -2.97 12.06
CA VAL A 24 24.90 -4.20 11.57
C VAL A 24 23.38 -4.16 11.64
N LYS A 25 22.75 -4.05 10.49
CA LYS A 25 21.29 -4.08 10.41
C LYS A 25 20.87 -4.64 9.08
N THR A 26 19.79 -5.38 9.08
CA THR A 26 19.31 -6.01 7.88
C THR A 26 17.81 -6.27 7.96
N GLU A 27 17.18 -6.42 6.80
CA GLU A 27 15.76 -6.69 6.70
C GLU A 27 15.51 -7.83 5.75
N ASN A 28 15.79 -9.03 6.19
CA ASN A 28 15.54 -10.21 5.36
C ASN A 28 14.13 -10.69 5.53
N ASN A 29 13.33 -9.84 6.16
CA ASN A 29 11.93 -10.11 6.41
C ASN A 29 11.19 -10.25 5.10
N ASP A 30 9.96 -10.66 5.17
CA ASP A 30 9.18 -10.86 3.98
C ASP A 30 8.56 -9.54 3.57
N HIS A 31 9.28 -8.82 2.76
CA HIS A 31 8.82 -7.53 2.30
C HIS A 31 8.46 -7.62 0.85
N ILE A 32 7.34 -7.06 0.50
CA ILE A 32 6.86 -7.15 -0.84
C ILE A 32 6.71 -5.77 -1.47
N ASN A 33 6.63 -5.75 -2.77
CA ASN A 33 6.46 -4.54 -3.51
C ASN A 33 5.01 -4.39 -3.91
N LEU A 34 4.45 -3.23 -3.70
CA LEU A 34 3.09 -2.99 -4.08
C LEU A 34 3.02 -1.83 -5.02
N LYS A 35 2.27 -1.98 -6.08
CA LYS A 35 2.12 -0.94 -7.04
C LYS A 35 0.68 -0.53 -7.08
N VAL A 36 0.43 0.73 -7.27
CA VAL A 36 -0.92 1.22 -7.29
C VAL A 36 -1.19 1.96 -8.58
N ALA A 37 -2.34 1.70 -9.19
CA ALA A 37 -2.70 2.32 -10.45
C ALA A 37 -3.93 3.17 -10.30
N GLY A 38 -3.86 4.40 -10.78
CA GLY A 38 -4.98 5.29 -10.70
C GLY A 38 -5.69 5.40 -12.02
N GLN A 39 -6.76 6.17 -12.03
CA GLN A 39 -7.58 6.37 -13.22
C GLN A 39 -6.76 6.97 -14.35
N ASP A 40 -5.80 7.78 -13.97
CA ASP A 40 -4.90 8.45 -14.91
C ASP A 40 -3.94 7.45 -15.57
N GLY A 41 -3.81 6.28 -14.99
CA GLY A 41 -2.86 5.31 -15.49
C GLY A 41 -1.52 5.48 -14.81
N SER A 42 -1.48 6.36 -13.83
CA SER A 42 -0.27 6.63 -13.09
C SER A 42 -0.08 5.56 -12.04
N VAL A 43 1.07 4.93 -12.03
CA VAL A 43 1.36 3.87 -11.09
C VAL A 43 2.56 4.21 -10.22
N VAL A 44 2.47 3.91 -8.94
CA VAL A 44 3.56 4.14 -8.01
C VAL A 44 3.95 2.82 -7.36
N GLN A 45 5.24 2.57 -7.24
CA GLN A 45 5.71 1.32 -6.63
C GLN A 45 6.22 1.57 -5.21
N PHE A 46 5.99 0.62 -4.32
CA PHE A 46 6.42 0.76 -2.93
C PHE A 46 7.01 -0.56 -2.42
N ILE A 48 7.35 -2.51 1.07
CA ILE A 48 6.99 -2.58 2.49
C ILE A 48 6.93 -4.03 2.97
N LYS A 49 6.88 -4.22 4.28
CA LYS A 49 6.80 -5.57 4.83
C LYS A 49 5.37 -6.08 4.77
N ARG A 50 5.23 -7.39 4.71
CA ARG A 50 3.93 -8.04 4.64
C ARG A 50 3.10 -7.78 5.89
N HIS A 51 3.75 -7.39 6.96
CA HIS A 51 3.07 -7.18 8.23
C HIS A 51 2.93 -5.69 8.46
N THR A 52 3.48 -4.93 7.55
CA THR A 52 3.44 -3.51 7.59
C THR A 52 2.17 -3.00 6.92
N PRO A 53 1.45 -2.07 7.56
CA PRO A 53 0.20 -1.53 7.03
C PRO A 53 0.40 -0.85 5.69
N LEU A 54 -0.33 -1.33 4.68
CA LEU A 54 -0.27 -0.78 3.33
C LEU A 54 -0.77 0.67 3.31
N SER A 55 -1.46 1.05 4.37
CA SER A 55 -2.01 2.38 4.55
C SER A 55 -0.93 3.45 4.34
N LYS A 56 0.29 3.12 4.72
CA LYS A 56 1.42 4.02 4.57
C LYS A 56 1.62 4.37 3.11
N LEU A 57 1.69 3.36 2.27
CA LEU A 57 1.88 3.55 0.85
C LEU A 57 0.65 4.19 0.22
N MET A 58 -0.54 3.83 0.73
CA MET A 58 -1.78 4.38 0.19
C MET A 58 -1.84 5.88 0.37
N LYS A 59 -1.60 6.33 1.59
CA LYS A 59 -1.60 7.75 1.87
C LYS A 59 -0.46 8.44 1.17
N ALA A 60 0.67 7.77 1.04
CA ALA A 60 1.82 8.30 0.33
C ALA A 60 1.47 8.50 -1.14
N TYR A 61 0.68 7.57 -1.68
CA TYR A 61 0.24 7.64 -3.06
C TYR A 61 -0.56 8.91 -3.30
N CYS A 62 -1.61 9.14 -2.52
CA CYS A 62 -2.46 10.30 -2.72
C CYS A 62 -1.71 11.61 -2.46
N GLU A 63 -0.81 11.58 -1.48
CA GLU A 63 -0.02 12.76 -1.14
C GLU A 63 0.90 13.18 -2.27
N ARG A 64 1.49 12.21 -2.95
CA ARG A 64 2.42 12.51 -4.02
C ARG A 64 1.68 12.74 -5.34
N GLN A 65 0.54 12.07 -5.51
CA GLN A 65 -0.23 12.17 -6.75
C GLN A 65 -1.13 13.39 -6.79
N GLY A 66 -1.44 13.92 -5.63
CA GLY A 66 -2.33 15.06 -5.59
C GLY A 66 -3.77 14.62 -5.52
N LEU A 67 -4.01 13.59 -4.73
CA LEU A 67 -5.36 13.06 -4.55
C LEU A 67 -5.73 13.06 -3.08
N SER A 68 -7.02 12.97 -2.79
CA SER A 68 -7.48 12.95 -1.41
C SER A 68 -8.12 11.60 -1.10
N MET A 69 -8.05 11.17 0.16
CA MET A 69 -8.65 9.91 0.59
C MET A 69 -10.17 9.94 0.46
N ARG A 70 -10.73 11.14 0.48
CA ARG A 70 -12.17 11.29 0.30
C ARG A 70 -12.51 11.34 -1.18
N GLN A 71 -11.50 11.58 -2.02
CA GLN A 71 -11.68 11.69 -3.46
C GLN A 71 -11.43 10.37 -4.15
N ILE A 72 -10.58 9.55 -3.60
CA ILE A 72 -10.27 8.26 -4.21
C ILE A 72 -10.41 7.11 -3.23
N ARG A 73 -10.18 5.91 -3.73
CA ARG A 73 -10.23 4.71 -2.93
C ARG A 73 -9.40 3.62 -3.56
N PHE A 74 -8.72 2.83 -2.74
CA PHE A 74 -7.89 1.75 -3.20
C PHE A 74 -8.67 0.44 -3.11
N ARG A 75 -8.39 -0.47 -4.01
CA ARG A 75 -9.10 -1.72 -4.07
C ARG A 75 -8.20 -2.85 -4.56
N PHE A 76 -8.28 -3.98 -3.87
CA PHE A 76 -7.49 -5.15 -4.21
C PHE A 76 -8.32 -6.39 -4.02
N ASP A 77 -8.06 -7.40 -4.84
CA ASP A 77 -8.83 -8.67 -4.85
C ASP A 77 -10.30 -8.39 -5.05
N GLY A 78 -10.59 -7.26 -5.64
CA GLY A 78 -11.93 -6.87 -5.88
C GLY A 78 -12.53 -6.11 -4.71
N GLN A 79 -11.95 -6.28 -3.53
CA GLN A 79 -12.47 -5.66 -2.32
C GLN A 79 -11.74 -4.34 -2.02
N PRO A 80 -12.44 -3.37 -1.40
CA PRO A 80 -11.86 -2.07 -1.07
C PRO A 80 -10.84 -2.17 0.08
N ILE A 81 -9.79 -1.38 -0.01
CA ILE A 81 -8.74 -1.38 0.99
C ILE A 81 -8.92 -0.23 1.96
N ASN A 82 -8.53 -0.45 3.22
CA ASN A 82 -8.61 0.56 4.25
C ASN A 82 -7.27 0.68 4.92
N GLU A 83 -7.12 1.66 5.79
CA GLU A 83 -5.88 1.83 6.52
C GLU A 83 -5.74 0.79 7.63
N THR A 84 -6.82 0.04 7.85
CA THR A 84 -6.82 -1.01 8.85
C THR A 84 -6.45 -2.36 8.25
N ASP A 85 -6.27 -2.38 6.94
CA ASP A 85 -5.90 -3.60 6.24
C ASP A 85 -4.39 -3.72 6.05
N THR A 86 -3.90 -4.93 6.13
CA THR A 86 -2.49 -5.23 5.91
C THR A 86 -2.35 -6.15 4.70
N PRO A 87 -1.21 -6.05 3.97
CA PRO A 87 -1.00 -6.80 2.72
C PRO A 87 -1.05 -8.32 2.92
N ALA A 88 -0.64 -8.78 4.08
CA ALA A 88 -0.60 -10.20 4.36
C ALA A 88 -2.00 -10.79 4.47
N GLN A 89 -2.99 -9.96 4.78
CA GLN A 89 -4.37 -10.40 4.91
C GLN A 89 -4.95 -10.79 3.56
N LEU A 90 -4.59 -10.05 2.52
CA LEU A 90 -5.10 -10.32 1.20
C LEU A 90 -4.24 -11.37 0.53
N GLU A 91 -3.15 -11.75 1.20
CA GLU A 91 -2.21 -12.75 0.71
C GLU A 91 -1.68 -12.37 -0.66
N MET A 92 -1.33 -11.11 -0.80
CA MET A 92 -0.85 -10.57 -2.06
C MET A 92 0.66 -10.80 -2.21
N GLU A 93 1.16 -10.70 -3.44
CA GLU A 93 2.57 -10.93 -3.71
C GLU A 93 3.23 -9.64 -4.14
N ASP A 94 4.55 -9.62 -4.13
CA ASP A 94 5.30 -8.45 -4.59
C ASP A 94 5.05 -8.16 -6.07
N GLU A 95 5.03 -6.88 -6.37
CA GLU A 95 4.82 -6.34 -7.71
C GLU A 95 3.37 -6.47 -8.15
N ASP A 96 2.47 -6.67 -7.20
CA ASP A 96 1.04 -6.73 -7.54
C ASP A 96 0.50 -5.30 -7.74
N THR A 97 -0.67 -5.18 -8.35
CA THR A 97 -1.22 -3.87 -8.67
C THR A 97 -2.50 -3.56 -7.88
N ILE A 98 -2.60 -2.32 -7.41
CA ILE A 98 -3.75 -1.83 -6.67
C ILE A 98 -4.66 -1.03 -7.60
N ASP A 99 -5.96 -1.19 -7.45
CA ASP A 99 -6.92 -0.46 -8.28
C ASP A 99 -7.46 0.74 -7.52
N VAL A 100 -7.21 1.92 -8.03
CA VAL A 100 -7.71 3.14 -7.42
C VAL A 100 -8.75 3.77 -8.32
N PHE A 101 -9.81 4.24 -7.72
CA PHE A 101 -10.89 4.85 -8.46
C PHE A 101 -11.35 6.10 -7.75
N GLN A 102 -11.97 7.01 -8.50
CA GLN A 102 -12.40 8.28 -7.93
C GLN A 102 -13.79 8.17 -7.29
N GLN A 103 -13.83 8.37 -5.98
CA GLN A 103 -15.07 8.35 -5.20
C GLN A 103 -15.56 9.76 -4.92
N GLN A 104 -15.08 10.71 -5.72
CA GLN A 104 -15.43 12.11 -5.56
C GLN A 104 -16.93 12.32 -5.75
N THR A 105 -17.62 12.65 -4.66
CA THR A 105 -19.05 12.90 -4.70
C THR A 105 -19.44 13.88 -3.60
N GLY A 106 -19.88 15.07 -4.00
CA GLY A 106 -20.27 16.06 -3.04
C GLY A 106 -20.22 17.46 -3.62
N GLY A 107 -19.58 18.37 -2.93
CA GLY A 107 -19.46 19.72 -3.41
C GLY A 107 -19.18 20.69 -2.29
N MET A 15 15.94 6.24 20.99
CA MET A 15 17.09 6.78 20.23
C MET A 15 17.66 5.76 19.26
N ALA A 16 17.77 4.52 19.69
CA ALA A 16 18.29 3.45 18.88
C ALA A 16 17.36 2.25 18.99
N ASP A 17 16.39 2.19 18.11
CA ASP A 17 15.38 1.13 18.17
C ASP A 17 15.68 -0.01 17.23
N GLU A 18 16.53 0.21 16.25
CA GLU A 18 16.88 -0.85 15.32
C GLU A 18 17.91 -1.79 15.92
N LYS A 19 17.59 -3.08 15.90
CA LYS A 19 18.46 -4.14 16.41
C LYS A 19 18.56 -4.11 17.94
N PRO A 20 17.83 -5.00 18.60
CA PRO A 20 17.85 -5.13 20.05
C PRO A 20 18.91 -6.13 20.50
N LYS A 21 18.75 -6.66 21.73
CA LYS A 21 19.63 -7.69 22.26
C LYS A 21 19.74 -8.94 21.35
N GLU A 22 18.79 -9.11 20.44
CA GLU A 22 18.83 -10.23 19.50
C GLU A 22 19.88 -9.99 18.43
N GLY A 23 20.28 -11.04 17.74
CA GLY A 23 21.36 -10.93 16.80
C GLY A 23 20.93 -10.44 15.44
N VAL A 24 20.50 -11.35 14.61
CA VAL A 24 20.17 -11.03 13.23
C VAL A 24 18.79 -10.43 13.10
N LYS A 25 18.72 -9.12 13.05
CA LYS A 25 17.48 -8.41 12.85
C LYS A 25 17.53 -7.59 11.60
N THR A 26 16.98 -8.12 10.54
CA THR A 26 16.98 -7.44 9.27
C THR A 26 15.72 -7.76 8.50
N GLU A 27 15.22 -6.80 7.75
CA GLU A 27 13.99 -6.97 7.01
C GLU A 27 14.27 -7.42 5.59
N ASN A 28 15.49 -7.85 5.36
CA ASN A 28 15.90 -8.33 4.03
C ASN A 28 15.31 -9.70 3.77
N ASN A 29 14.87 -10.35 4.84
CA ASN A 29 14.26 -11.67 4.73
C ASN A 29 12.75 -11.53 4.59
N ASP A 30 12.31 -10.29 4.50
CA ASP A 30 10.90 -9.99 4.38
C ASP A 30 10.74 -8.84 3.39
N HIS A 31 9.55 -8.22 3.39
CA HIS A 31 9.21 -7.07 2.58
C HIS A 31 8.97 -7.44 1.13
N ILE A 32 7.93 -6.86 0.58
CA ILE A 32 7.50 -7.13 -0.78
C ILE A 32 7.25 -5.82 -1.51
N ASN A 33 7.05 -5.91 -2.80
CA ASN A 33 6.78 -4.73 -3.61
C ASN A 33 5.31 -4.64 -3.91
N LEU A 34 4.73 -3.51 -3.62
CA LEU A 34 3.34 -3.29 -3.91
C LEU A 34 3.22 -2.14 -4.86
N LYS A 35 2.31 -2.21 -5.81
CA LYS A 35 2.16 -1.17 -6.78
C LYS A 35 0.73 -0.72 -6.86
N VAL A 36 0.54 0.54 -7.01
CA VAL A 36 -0.78 1.11 -7.06
C VAL A 36 -1.00 1.83 -8.37
N ALA A 37 -2.07 1.50 -9.04
CA ALA A 37 -2.38 2.11 -10.31
C ALA A 37 -3.72 2.80 -10.25
N GLY A 38 -3.76 4.02 -10.71
CA GLY A 38 -4.99 4.76 -10.70
C GLY A 38 -5.52 4.93 -12.08
N GLN A 39 -6.85 4.98 -12.20
CA GLN A 39 -7.53 5.16 -13.48
C GLN A 39 -7.06 6.41 -14.28
N ASP A 40 -6.30 7.29 -13.64
CA ASP A 40 -5.75 8.46 -14.32
C ASP A 40 -4.61 8.04 -15.24
N GLY A 41 -4.03 6.89 -14.94
CA GLY A 41 -2.99 6.34 -15.78
C GLY A 41 -1.64 6.47 -15.13
N SER A 42 -1.63 6.45 -13.81
CA SER A 42 -0.41 6.56 -13.06
C SER A 42 -0.25 5.37 -12.11
N VAL A 43 0.98 5.10 -11.71
CA VAL A 43 1.27 3.98 -10.83
C VAL A 43 2.48 4.27 -9.94
N VAL A 44 2.39 3.87 -8.68
CA VAL A 44 3.49 4.08 -7.73
C VAL A 44 3.91 2.73 -7.15
N GLN A 45 5.21 2.53 -7.02
CA GLN A 45 5.73 1.29 -6.47
C GLN A 45 6.30 1.51 -5.07
N PHE A 46 6.14 0.53 -4.20
CA PHE A 46 6.64 0.62 -2.83
C PHE A 46 7.25 -0.69 -2.38
N ILE A 48 7.53 -2.51 1.06
CA ILE A 48 7.16 -2.50 2.49
C ILE A 48 7.10 -3.91 3.02
N LYS A 49 7.04 -4.04 4.34
CA LYS A 49 6.99 -5.34 4.97
C LYS A 49 5.59 -5.92 4.83
N ARG A 50 5.50 -7.24 4.79
CA ARG A 50 4.21 -7.91 4.65
C ARG A 50 3.39 -7.79 5.93
N HIS A 51 4.05 -7.36 7.00
CA HIS A 51 3.38 -7.19 8.29
C HIS A 51 3.15 -5.70 8.51
N THR A 52 3.65 -4.92 7.59
CA THR A 52 3.55 -3.49 7.63
C THR A 52 2.24 -3.03 7.00
N PRO A 53 1.54 -2.09 7.65
CA PRO A 53 0.25 -1.58 7.16
C PRO A 53 0.38 -0.95 5.76
N LEU A 54 -0.42 -1.45 4.83
CA LEU A 54 -0.42 -0.95 3.46
C LEU A 54 -0.91 0.49 3.38
N SER A 55 -1.58 0.93 4.43
CA SER A 55 -2.12 2.28 4.51
C SER A 55 -1.05 3.33 4.27
N LYS A 56 0.19 3.00 4.61
CA LYS A 56 1.29 3.92 4.45
C LYS A 56 1.52 4.22 2.98
N LEU A 57 1.41 3.20 2.14
CA LEU A 57 1.59 3.39 0.70
C LEU A 57 0.37 4.09 0.12
N MET A 58 -0.80 3.81 0.69
CA MET A 58 -2.04 4.40 0.21
C MET A 58 -2.04 5.91 0.43
N LYS A 59 -1.73 6.33 1.65
CA LYS A 59 -1.69 7.75 1.95
C LYS A 59 -0.54 8.41 1.21
N ALA A 60 0.57 7.69 1.06
CA ALA A 60 1.72 8.21 0.34
C ALA A 60 1.36 8.42 -1.12
N TYR A 61 0.45 7.58 -1.63
CA TYR A 61 0.00 7.68 -3.00
C TYR A 61 -0.73 8.99 -3.22
N CYS A 62 -1.76 9.24 -2.43
CA CYS A 62 -2.57 10.43 -2.59
C CYS A 62 -1.74 11.69 -2.36
N GLU A 63 -0.83 11.62 -1.41
CA GLU A 63 0.01 12.76 -1.09
C GLU A 63 0.96 13.10 -2.23
N ARG A 64 1.53 12.10 -2.88
CA ARG A 64 2.48 12.33 -3.96
C ARG A 64 1.78 12.55 -5.30
N GLN A 65 0.63 11.93 -5.48
CA GLN A 65 -0.12 12.04 -6.73
C GLN A 65 -0.92 13.31 -6.79
N GLY A 66 -1.21 13.86 -5.64
CA GLY A 66 -2.00 15.06 -5.59
C GLY A 66 -3.49 14.73 -5.53
N LEU A 67 -3.82 13.71 -4.75
CA LEU A 67 -5.19 13.29 -4.60
C LEU A 67 -5.57 13.28 -3.12
N SER A 68 -6.85 13.18 -2.83
CA SER A 68 -7.31 13.12 -1.46
C SER A 68 -8.01 11.79 -1.19
N MET A 69 -8.00 11.35 0.07
CA MET A 69 -8.67 10.10 0.45
C MET A 69 -10.17 10.16 0.19
N ARG A 70 -10.72 11.36 0.22
CA ARG A 70 -12.14 11.55 -0.09
C ARG A 70 -12.35 11.68 -1.60
N GLN A 71 -11.25 11.86 -2.32
CA GLN A 71 -11.30 12.02 -3.76
C GLN A 71 -11.04 10.71 -4.50
N ILE A 72 -10.48 9.73 -3.81
CA ILE A 72 -10.18 8.45 -4.45
C ILE A 72 -10.49 7.29 -3.52
N ARG A 73 -10.31 6.09 -4.02
CA ARG A 73 -10.52 4.88 -3.26
C ARG A 73 -9.64 3.76 -3.76
N PHE A 74 -9.12 2.97 -2.84
CA PHE A 74 -8.23 1.86 -3.15
C PHE A 74 -8.99 0.55 -3.08
N ARG A 75 -8.73 -0.32 -4.03
CA ARG A 75 -9.39 -1.60 -4.11
C ARG A 75 -8.39 -2.68 -4.51
N PHE A 76 -8.59 -3.89 -4.02
CA PHE A 76 -7.74 -5.01 -4.35
C PHE A 76 -8.51 -6.31 -4.24
N ASP A 77 -8.21 -7.23 -5.14
CA ASP A 77 -8.89 -8.54 -5.19
C ASP A 77 -10.40 -8.37 -5.29
N GLY A 78 -10.82 -7.23 -5.82
CA GLY A 78 -12.24 -6.96 -5.97
C GLY A 78 -12.85 -6.23 -4.78
N GLN A 79 -12.21 -6.35 -3.62
CA GLN A 79 -12.72 -5.74 -2.39
C GLN A 79 -12.03 -4.41 -2.09
N PRO A 80 -12.73 -3.49 -1.40
CA PRO A 80 -12.16 -2.20 -1.02
C PRO A 80 -11.11 -2.36 0.08
N ILE A 81 -10.03 -1.62 -0.01
CA ILE A 81 -8.97 -1.70 0.97
C ILE A 81 -9.22 -0.71 2.11
N ASN A 82 -8.81 -1.06 3.32
CA ASN A 82 -8.96 -0.18 4.47
C ASN A 82 -7.58 0.20 4.95
N GLU A 83 -7.47 1.32 5.64
CA GLU A 83 -6.18 1.74 6.13
C GLU A 83 -5.72 0.87 7.31
N THR A 84 -6.64 0.08 7.83
CA THR A 84 -6.36 -0.84 8.90
C THR A 84 -6.10 -2.25 8.37
N ASP A 85 -5.89 -2.38 7.08
CA ASP A 85 -5.63 -3.68 6.47
C ASP A 85 -4.12 -3.91 6.28
N THR A 86 -3.70 -5.16 6.31
CA THR A 86 -2.30 -5.52 6.11
C THR A 86 -2.16 -6.31 4.80
N PRO A 87 -1.08 -6.08 4.03
CA PRO A 87 -0.85 -6.77 2.74
C PRO A 87 -0.91 -8.29 2.86
N ALA A 88 -0.45 -8.78 4.00
CA ALA A 88 -0.41 -10.21 4.26
C ALA A 88 -1.82 -10.78 4.45
N GLN A 89 -2.79 -9.93 4.67
CA GLN A 89 -4.16 -10.36 4.85
C GLN A 89 -4.78 -10.77 3.54
N LEU A 90 -4.45 -10.04 2.48
CA LEU A 90 -5.02 -10.32 1.17
C LEU A 90 -4.20 -11.37 0.43
N GLU A 91 -3.11 -11.85 1.06
CA GLU A 91 -2.24 -12.86 0.46
C GLU A 91 -1.67 -12.38 -0.86
N MET A 92 -1.44 -11.09 -0.93
CA MET A 92 -0.90 -10.48 -2.13
C MET A 92 0.61 -10.72 -2.20
N GLU A 93 1.16 -10.57 -3.37
CA GLU A 93 2.59 -10.80 -3.57
C GLU A 93 3.22 -9.58 -4.19
N ASP A 94 4.54 -9.59 -4.33
CA ASP A 94 5.25 -8.49 -4.95
C ASP A 94 4.75 -8.21 -6.36
N GLU A 95 4.73 -6.92 -6.69
CA GLU A 95 4.33 -6.41 -7.99
C GLU A 95 2.83 -6.40 -8.15
N ASP A 96 2.11 -6.46 -7.02
CA ASP A 96 0.65 -6.40 -7.04
C ASP A 96 0.18 -5.06 -7.62
N THR A 97 -0.98 -5.05 -8.24
CA THR A 97 -1.55 -3.81 -8.73
C THR A 97 -2.82 -3.42 -7.96
N ILE A 98 -2.74 -2.32 -7.23
CA ILE A 98 -3.87 -1.78 -6.49
C ILE A 98 -4.75 -0.98 -7.45
N ASP A 99 -6.04 -1.06 -7.27
CA ASP A 99 -6.99 -0.34 -8.11
C ASP A 99 -7.49 0.91 -7.42
N VAL A 100 -7.18 2.06 -8.00
CA VAL A 100 -7.66 3.31 -7.45
C VAL A 100 -8.62 4.00 -8.41
N PHE A 101 -9.72 4.50 -7.88
CA PHE A 101 -10.74 5.16 -8.68
C PHE A 101 -11.18 6.44 -7.99
N GLN A 102 -11.66 7.40 -8.77
CA GLN A 102 -12.03 8.70 -8.23
C GLN A 102 -13.39 8.66 -7.51
N GLN A 103 -13.37 9.02 -6.24
CA GLN A 103 -14.58 9.09 -5.42
C GLN A 103 -14.91 10.53 -5.08
N GLN A 104 -14.36 11.47 -5.87
CA GLN A 104 -14.60 12.89 -5.66
C GLN A 104 -16.09 13.19 -5.56
N THR A 105 -16.87 12.52 -6.39
CA THR A 105 -18.30 12.64 -6.35
C THR A 105 -18.88 11.66 -5.34
N GLY A 106 -19.42 12.18 -4.25
CA GLY A 106 -19.96 11.34 -3.20
C GLY A 106 -18.88 10.64 -2.42
N GLY A 107 -18.04 11.41 -1.74
CA GLY A 107 -16.96 10.83 -0.98
C GLY A 107 -16.86 11.45 0.40
N MET A 15 -11.65 -7.54 13.57
CA MET A 15 -10.64 -7.52 12.47
C MET A 15 -9.23 -7.73 13.00
N ALA A 16 -8.85 -7.04 14.07
CA ALA A 16 -7.53 -7.17 14.66
C ALA A 16 -7.63 -7.92 15.98
N ASP A 17 -8.51 -8.90 16.00
CA ASP A 17 -8.78 -9.70 17.19
C ASP A 17 -7.59 -10.57 17.56
N GLU A 18 -6.80 -10.94 16.56
CA GLU A 18 -5.66 -11.80 16.78
C GLU A 18 -4.60 -11.13 17.64
N LYS A 19 -3.97 -10.10 17.11
CA LYS A 19 -2.92 -9.39 17.83
C LYS A 19 -2.71 -8.01 17.25
N PRO A 20 -2.20 -7.07 18.07
CA PRO A 20 -1.89 -5.72 17.62
C PRO A 20 -0.52 -5.65 16.92
N LYS A 21 -0.03 -4.44 16.74
CA LYS A 21 1.27 -4.22 16.10
C LYS A 21 2.19 -3.42 17.01
N GLU A 22 1.88 -3.42 18.29
CA GLU A 22 2.63 -2.67 19.28
C GLU A 22 2.97 -3.53 20.48
N GLY A 23 3.74 -2.97 21.42
CA GLY A 23 4.15 -3.70 22.58
C GLY A 23 5.42 -4.44 22.28
N VAL A 24 5.27 -5.57 21.65
CA VAL A 24 6.39 -6.38 21.24
C VAL A 24 6.13 -6.87 19.85
N LYS A 25 7.02 -6.56 18.93
CA LYS A 25 6.82 -6.90 17.55
C LYS A 25 8.13 -7.41 16.98
N THR A 26 8.05 -8.45 16.17
CA THR A 26 9.22 -8.99 15.52
C THR A 26 8.85 -9.50 14.14
N GLU A 27 9.72 -9.26 13.18
CA GLU A 27 9.50 -9.70 11.83
C GLU A 27 10.84 -9.94 11.15
N ASN A 28 10.84 -10.66 10.05
CA ASN A 28 12.09 -11.05 9.38
C ASN A 28 12.51 -10.00 8.38
N ASN A 29 11.86 -8.83 8.43
CA ASN A 29 12.09 -7.77 7.43
C ASN A 29 11.65 -8.29 6.08
N ASP A 30 10.73 -9.24 6.15
CA ASP A 30 10.17 -9.88 4.99
C ASP A 30 9.21 -8.93 4.31
N HIS A 31 9.66 -8.36 3.22
CA HIS A 31 8.91 -7.34 2.55
C HIS A 31 8.63 -7.67 1.12
N ILE A 32 7.65 -6.98 0.57
CA ILE A 32 7.25 -7.14 -0.80
C ILE A 32 7.10 -5.78 -1.46
N ASN A 33 6.94 -5.77 -2.76
CA ASN A 33 6.75 -4.55 -3.50
C ASN A 33 5.31 -4.42 -3.90
N LEU A 34 4.71 -3.30 -3.63
CA LEU A 34 3.32 -3.10 -3.99
C LEU A 34 3.23 -1.97 -4.96
N LYS A 35 2.34 -2.08 -5.92
CA LYS A 35 2.17 -1.07 -6.90
C LYS A 35 0.73 -0.66 -6.99
N VAL A 36 0.51 0.60 -7.16
CA VAL A 36 -0.83 1.14 -7.19
C VAL A 36 -1.10 1.84 -8.50
N ALA A 37 -2.16 1.44 -9.16
CA ALA A 37 -2.52 2.02 -10.44
C ALA A 37 -3.84 2.76 -10.33
N GLY A 38 -3.84 3.99 -10.78
CA GLY A 38 -5.04 4.76 -10.73
C GLY A 38 -5.72 4.78 -12.07
N GLN A 39 -7.02 5.08 -12.07
CA GLN A 39 -7.81 5.20 -13.30
C GLN A 39 -7.19 6.17 -14.32
N ASP A 40 -6.27 7.01 -13.85
CA ASP A 40 -5.59 7.97 -14.69
C ASP A 40 -4.50 7.29 -15.51
N GLY A 41 -4.05 6.14 -15.06
CA GLY A 41 -2.99 5.43 -15.74
C GLY A 41 -1.67 5.55 -15.01
N SER A 42 -1.62 6.40 -13.99
CA SER A 42 -0.42 6.58 -13.21
C SER A 42 -0.27 5.43 -12.21
N VAL A 43 0.96 5.15 -11.81
CA VAL A 43 1.23 4.05 -10.91
C VAL A 43 2.46 4.34 -10.04
N VAL A 44 2.39 3.95 -8.77
CA VAL A 44 3.50 4.16 -7.84
C VAL A 44 3.93 2.84 -7.25
N GLN A 45 5.23 2.63 -7.12
CA GLN A 45 5.75 1.40 -6.55
C GLN A 45 6.31 1.64 -5.16
N PHE A 46 6.11 0.68 -4.26
CA PHE A 46 6.57 0.82 -2.86
C PHE A 46 7.22 -0.47 -2.37
N ILE A 48 7.46 -2.31 1.10
CA ILE A 48 7.05 -2.38 2.50
C ILE A 48 6.95 -3.81 2.96
N LYS A 49 6.94 -4.03 4.26
CA LYS A 49 6.84 -5.37 4.78
C LYS A 49 5.42 -5.88 4.69
N ARG A 50 5.28 -7.19 4.54
CA ARG A 50 3.94 -7.80 4.45
C ARG A 50 3.24 -7.74 5.80
N HIS A 51 3.99 -7.33 6.80
CA HIS A 51 3.48 -7.23 8.15
C HIS A 51 3.24 -5.75 8.46
N THR A 52 3.69 -4.91 7.56
CA THR A 52 3.56 -3.49 7.65
C THR A 52 2.21 -3.03 7.07
N PRO A 53 1.52 -2.08 7.72
CA PRO A 53 0.23 -1.59 7.24
C PRO A 53 0.33 -0.94 5.86
N LEU A 54 -0.50 -1.40 4.93
CA LEU A 54 -0.49 -0.90 3.55
C LEU A 54 -0.95 0.56 3.46
N SER A 55 -1.63 1.02 4.51
CA SER A 55 -2.13 2.39 4.56
C SER A 55 -1.03 3.41 4.35
N LYS A 56 0.19 3.05 4.72
CA LYS A 56 1.33 3.94 4.58
C LYS A 56 1.55 4.28 3.10
N LEU A 57 1.49 3.26 2.24
CA LEU A 57 1.67 3.47 0.80
C LEU A 57 0.45 4.17 0.22
N MET A 58 -0.73 3.83 0.75
CA MET A 58 -1.97 4.41 0.23
C MET A 58 -2.00 5.91 0.45
N LYS A 59 -1.62 6.34 1.65
CA LYS A 59 -1.58 7.76 1.94
C LYS A 59 -0.46 8.43 1.19
N ALA A 60 0.66 7.73 1.06
CA ALA A 60 1.80 8.26 0.33
C ALA A 60 1.42 8.50 -1.12
N TYR A 61 0.62 7.59 -1.67
CA TYR A 61 0.14 7.70 -3.03
C TYR A 61 -0.63 9.00 -3.21
N CYS A 62 -1.64 9.21 -2.39
CA CYS A 62 -2.47 10.39 -2.48
C CYS A 62 -1.64 11.65 -2.29
N GLU A 63 -0.77 11.63 -1.30
CA GLU A 63 0.03 12.79 -0.96
C GLU A 63 1.06 13.14 -2.05
N ARG A 64 1.55 12.14 -2.77
CA ARG A 64 2.53 12.40 -3.85
C ARG A 64 1.84 12.64 -5.20
N GLN A 65 0.71 11.95 -5.43
CA GLN A 65 -0.03 12.07 -6.67
C GLN A 65 -0.86 13.33 -6.72
N GLY A 66 -1.17 13.87 -5.57
CA GLY A 66 -2.00 15.02 -5.52
C GLY A 66 -3.45 14.64 -5.44
N LEU A 67 -3.74 13.61 -4.66
CA LEU A 67 -5.08 13.12 -4.48
C LEU A 67 -5.42 13.11 -3.00
N SER A 68 -6.68 12.97 -2.68
CA SER A 68 -7.10 12.93 -1.30
C SER A 68 -7.75 11.59 -0.99
N MET A 69 -7.74 11.19 0.27
CA MET A 69 -8.38 9.95 0.70
C MET A 69 -9.89 9.99 0.44
N ARG A 70 -10.43 11.19 0.46
CA ARG A 70 -11.85 11.41 0.19
C ARG A 70 -12.10 11.51 -1.32
N GLN A 71 -11.04 11.76 -2.07
CA GLN A 71 -11.12 11.94 -3.50
C GLN A 71 -10.98 10.63 -4.24
N ILE A 72 -10.32 9.67 -3.63
CA ILE A 72 -10.11 8.39 -4.28
C ILE A 72 -10.43 7.21 -3.36
N ARG A 73 -10.28 6.02 -3.91
CA ARG A 73 -10.49 4.78 -3.18
C ARG A 73 -9.57 3.70 -3.71
N PHE A 74 -9.02 2.91 -2.80
CA PHE A 74 -8.13 1.81 -3.16
C PHE A 74 -8.88 0.50 -3.13
N ARG A 75 -8.59 -0.37 -4.06
CA ARG A 75 -9.29 -1.63 -4.18
C ARG A 75 -8.33 -2.74 -4.58
N PHE A 76 -8.56 -3.93 -4.04
CA PHE A 76 -7.76 -5.10 -4.35
C PHE A 76 -8.63 -6.34 -4.25
N ASP A 77 -8.37 -7.33 -5.09
CA ASP A 77 -9.15 -8.58 -5.14
C ASP A 77 -10.62 -8.27 -5.40
N GLY A 78 -10.87 -7.13 -5.97
CA GLY A 78 -12.22 -6.73 -6.25
C GLY A 78 -12.86 -5.99 -5.08
N GLN A 79 -12.32 -6.18 -3.88
CA GLN A 79 -12.84 -5.56 -2.67
C GLN A 79 -12.10 -4.26 -2.35
N PRO A 80 -12.74 -3.35 -1.61
CA PRO A 80 -12.12 -2.10 -1.20
C PRO A 80 -11.13 -2.31 -0.05
N ILE A 81 -10.03 -1.58 -0.08
CA ILE A 81 -9.00 -1.70 0.94
C ILE A 81 -9.26 -0.72 2.09
N ASN A 82 -8.78 -1.07 3.28
CA ASN A 82 -8.95 -0.21 4.44
C ASN A 82 -7.60 0.25 4.91
N GLU A 83 -7.58 1.29 5.71
CA GLU A 83 -6.34 1.80 6.24
C GLU A 83 -5.83 0.89 7.35
N THR A 84 -6.71 0.09 7.89
CA THR A 84 -6.37 -0.82 8.96
C THR A 84 -6.11 -2.24 8.43
N ASP A 85 -5.99 -2.38 7.12
CA ASP A 85 -5.76 -3.68 6.52
C ASP A 85 -4.26 -3.91 6.28
N THR A 86 -3.85 -5.15 6.25
CA THR A 86 -2.46 -5.49 6.00
C THR A 86 -2.30 -6.24 4.68
N PRO A 87 -1.16 -6.05 3.99
CA PRO A 87 -0.90 -6.72 2.71
C PRO A 87 -0.93 -8.24 2.83
N ALA A 88 -0.61 -8.73 4.00
CA ALA A 88 -0.59 -10.16 4.25
C ALA A 88 -1.99 -10.71 4.46
N GLN A 89 -2.96 -9.82 4.68
CA GLN A 89 -4.33 -10.23 4.89
C GLN A 89 -4.89 -10.79 3.60
N LEU A 90 -4.58 -10.12 2.51
CA LEU A 90 -5.05 -10.52 1.21
C LEU A 90 -4.04 -11.45 0.55
N GLU A 91 -2.93 -11.69 1.26
CA GLU A 91 -1.84 -12.58 0.80
C GLU A 91 -1.30 -12.12 -0.54
N MET A 92 -1.26 -10.83 -0.75
CA MET A 92 -0.81 -10.27 -2.00
C MET A 92 0.70 -10.49 -2.17
N GLU A 93 1.17 -10.41 -3.39
CA GLU A 93 2.57 -10.67 -3.71
C GLU A 93 3.23 -9.41 -4.24
N ASP A 94 4.55 -9.41 -4.31
CA ASP A 94 5.28 -8.29 -4.86
C ASP A 94 4.92 -8.03 -6.32
N GLU A 95 4.84 -6.75 -6.65
CA GLU A 95 4.49 -6.24 -7.98
C GLU A 95 2.98 -6.24 -8.19
N ASP A 96 2.24 -6.34 -7.08
CA ASP A 96 0.78 -6.32 -7.12
C ASP A 96 0.28 -5.00 -7.69
N THR A 97 -0.85 -5.02 -8.36
CA THR A 97 -1.45 -3.79 -8.87
C THR A 97 -2.75 -3.43 -8.14
N ILE A 98 -2.69 -2.35 -7.36
CA ILE A 98 -3.85 -1.84 -6.63
C ILE A 98 -4.73 -1.04 -7.58
N ASP A 99 -6.04 -1.18 -7.46
CA ASP A 99 -6.99 -0.48 -8.31
C ASP A 99 -7.52 0.76 -7.60
N VAL A 100 -7.20 1.92 -8.13
CA VAL A 100 -7.68 3.17 -7.54
C VAL A 100 -8.65 3.85 -8.47
N PHE A 101 -9.75 4.33 -7.90
CA PHE A 101 -10.78 5.00 -8.65
C PHE A 101 -11.15 6.29 -7.97
N GLN A 102 -11.88 7.17 -8.64
CA GLN A 102 -12.18 8.48 -8.09
C GLN A 102 -13.53 8.51 -7.38
N GLN A 103 -13.53 9.08 -6.19
CA GLN A 103 -14.75 9.25 -5.40
C GLN A 103 -15.13 10.73 -5.31
N GLN A 104 -14.53 11.52 -6.17
CA GLN A 104 -14.79 12.94 -6.20
C GLN A 104 -15.55 13.31 -7.47
N THR A 105 -16.77 13.77 -7.30
CA THR A 105 -17.60 14.16 -8.41
C THR A 105 -18.68 15.12 -7.94
N GLY A 106 -19.04 16.07 -8.77
CA GLY A 106 -20.07 17.02 -8.42
C GLY A 106 -19.85 18.34 -9.10
N GLY A 107 -20.82 18.76 -9.87
CA GLY A 107 -20.69 20.00 -10.60
C GLY A 107 -20.78 19.76 -12.08
N MET A 15 14.44 13.59 3.80
CA MET A 15 13.50 12.75 4.58
C MET A 15 14.27 11.71 5.42
N ALA A 16 15.38 11.22 4.88
CA ALA A 16 16.23 10.28 5.59
C ALA A 16 17.66 10.77 5.59
N ASP A 17 17.84 12.04 5.20
CA ASP A 17 19.16 12.65 5.12
C ASP A 17 19.43 13.40 6.40
N GLU A 18 18.39 13.57 7.19
CA GLU A 18 18.47 14.30 8.46
C GLU A 18 18.92 13.35 9.58
N LYS A 19 19.99 12.59 9.32
CA LYS A 19 20.53 11.62 10.26
C LYS A 19 19.50 10.56 10.68
N PRO A 20 19.59 9.36 10.11
CA PRO A 20 18.71 8.25 10.46
C PRO A 20 19.20 7.55 11.73
N LYS A 21 18.49 6.50 12.15
CA LYS A 21 18.89 5.68 13.29
C LYS A 21 20.37 5.30 13.20
N GLU A 22 20.85 5.05 11.97
CA GLU A 22 22.24 4.76 11.71
C GLU A 22 22.49 4.72 10.21
N GLY A 23 23.75 4.70 9.81
CA GLY A 23 24.10 4.72 8.41
C GLY A 23 23.87 3.40 7.70
N VAL A 24 24.23 2.30 8.36
CA VAL A 24 24.08 0.99 7.75
C VAL A 24 22.63 0.52 7.81
N LYS A 25 22.10 0.13 6.67
CA LYS A 25 20.74 -0.35 6.59
C LYS A 25 20.72 -1.86 6.52
N THR A 26 19.76 -2.44 7.18
CA THR A 26 19.63 -3.87 7.21
C THR A 26 18.15 -4.27 7.32
N GLU A 27 17.77 -5.30 6.60
CA GLU A 27 16.38 -5.71 6.57
C GLU A 27 16.07 -6.78 7.61
N ASN A 28 16.56 -8.00 7.37
CA ASN A 28 16.29 -9.16 8.23
C ASN A 28 14.78 -9.44 8.31
N ASN A 29 14.04 -8.92 7.35
CA ASN A 29 12.59 -9.07 7.33
C ASN A 29 12.13 -9.51 5.96
N ASP A 30 10.84 -9.75 5.84
CA ASP A 30 10.24 -10.13 4.57
C ASP A 30 9.33 -9.02 4.07
N HIS A 31 9.80 -8.31 3.05
CA HIS A 31 9.03 -7.21 2.50
C HIS A 31 8.73 -7.45 1.04
N ILE A 32 7.67 -6.85 0.57
CA ILE A 32 7.25 -7.01 -0.81
C ILE A 32 7.06 -5.65 -1.47
N ASN A 33 6.86 -5.68 -2.78
CA ASN A 33 6.65 -4.47 -3.54
C ASN A 33 5.21 -4.37 -3.97
N LEU A 34 4.56 -3.31 -3.59
CA LEU A 34 3.17 -3.12 -3.96
C LEU A 34 3.10 -1.94 -4.91
N LYS A 35 2.28 -2.06 -5.91
CA LYS A 35 2.14 -1.00 -6.88
C LYS A 35 0.71 -0.60 -6.99
N VAL A 36 0.47 0.67 -7.13
CA VAL A 36 -0.88 1.17 -7.19
C VAL A 36 -1.13 1.88 -8.49
N ALA A 37 -2.21 1.53 -9.16
CA ALA A 37 -2.55 2.13 -10.43
C ALA A 37 -3.86 2.88 -10.32
N GLY A 38 -3.83 4.14 -10.66
CA GLY A 38 -5.02 4.93 -10.61
C GLY A 38 -5.67 5.00 -11.95
N GLN A 39 -6.96 5.30 -11.98
CA GLN A 39 -7.72 5.43 -13.23
C GLN A 39 -7.07 6.40 -14.24
N ASP A 40 -6.14 7.21 -13.77
CA ASP A 40 -5.42 8.16 -14.63
C ASP A 40 -4.37 7.44 -15.46
N GLY A 41 -3.95 6.27 -15.00
CA GLY A 41 -2.91 5.53 -15.68
C GLY A 41 -1.58 5.74 -15.01
N SER A 42 -1.61 6.37 -13.85
CA SER A 42 -0.41 6.64 -13.10
C SER A 42 -0.22 5.56 -12.04
N VAL A 43 0.94 4.93 -12.06
CA VAL A 43 1.25 3.87 -11.11
C VAL A 43 2.43 4.24 -10.23
N VAL A 44 2.36 3.87 -8.96
CA VAL A 44 3.44 4.13 -8.02
C VAL A 44 3.86 2.83 -7.37
N GLN A 45 5.15 2.62 -7.20
CA GLN A 45 5.64 1.39 -6.60
C GLN A 45 6.17 1.66 -5.19
N PHE A 46 5.93 0.72 -4.27
CA PHE A 46 6.36 0.88 -2.89
C PHE A 46 7.02 -0.41 -2.38
N ILE A 48 7.35 -2.26 1.09
CA ILE A 48 6.97 -2.34 2.50
C ILE A 48 6.91 -3.78 2.95
N LYS A 49 6.82 -3.99 4.25
CA LYS A 49 6.73 -5.33 4.79
C LYS A 49 5.31 -5.85 4.61
N ARG A 50 5.18 -7.15 4.48
CA ARG A 50 3.87 -7.78 4.29
C ARG A 50 3.04 -7.70 5.56
N HIS A 51 3.70 -7.46 6.67
CA HIS A 51 3.04 -7.42 7.96
C HIS A 51 2.87 -5.97 8.38
N THR A 52 3.36 -5.10 7.54
CA THR A 52 3.29 -3.68 7.74
C THR A 52 2.03 -3.10 7.10
N PRO A 53 1.35 -2.16 7.79
CA PRO A 53 0.11 -1.54 7.29
C PRO A 53 0.33 -0.87 5.93
N LEU A 54 -0.40 -1.33 4.93
CA LEU A 54 -0.29 -0.78 3.58
C LEU A 54 -0.79 0.66 3.51
N SER A 55 -1.52 1.07 4.54
CA SER A 55 -2.03 2.43 4.66
C SER A 55 -0.92 3.45 4.43
N LYS A 56 0.31 3.10 4.83
CA LYS A 56 1.43 4.00 4.65
C LYS A 56 1.63 4.29 3.17
N LEU A 57 1.62 3.25 2.35
CA LEU A 57 1.81 3.41 0.92
C LEU A 57 0.58 4.04 0.28
N MET A 58 -0.60 3.69 0.79
CA MET A 58 -1.83 4.25 0.26
C MET A 58 -1.87 5.75 0.45
N LYS A 59 -1.57 6.20 1.68
CA LYS A 59 -1.54 7.63 1.95
C LYS A 59 -0.40 8.29 1.19
N ALA A 60 0.70 7.57 1.05
CA ALA A 60 1.85 8.07 0.33
C ALA A 60 1.50 8.27 -1.14
N TYR A 61 0.64 7.40 -1.67
CA TYR A 61 0.20 7.50 -3.05
C TYR A 61 -0.58 8.77 -3.28
N CYS A 62 -1.62 9.00 -2.48
CA CYS A 62 -2.46 10.16 -2.66
C CYS A 62 -1.69 11.45 -2.44
N GLU A 63 -0.78 11.44 -1.48
CA GLU A 63 0.01 12.62 -1.17
C GLU A 63 0.94 13.00 -2.32
N ARG A 64 1.58 12.01 -2.93
CA ARG A 64 2.50 12.28 -4.03
C ARG A 64 1.74 12.54 -5.33
N GLN A 65 0.55 11.96 -5.43
CA GLN A 65 -0.26 12.12 -6.62
C GLN A 65 -1.09 13.40 -6.58
N GLY A 66 -1.30 13.94 -5.39
CA GLY A 66 -2.07 15.15 -5.28
C GLY A 66 -3.54 14.90 -4.98
N LEU A 67 -3.88 13.64 -4.73
CA LEU A 67 -5.26 13.28 -4.44
C LEU A 67 -5.51 13.17 -2.94
N SER A 68 -6.75 12.97 -2.58
CA SER A 68 -7.13 12.83 -1.19
C SER A 68 -7.88 11.53 -0.97
N MET A 69 -7.92 11.05 0.27
CA MET A 69 -8.60 9.80 0.62
C MET A 69 -10.10 9.88 0.36
N ARG A 70 -10.65 11.07 0.41
CA ARG A 70 -12.06 11.26 0.11
C ARG A 70 -12.28 11.41 -1.39
N GLN A 71 -11.19 11.66 -2.11
CA GLN A 71 -11.23 11.86 -3.55
C GLN A 71 -11.02 10.55 -4.30
N ILE A 72 -10.34 9.61 -3.69
CA ILE A 72 -10.07 8.33 -4.33
C ILE A 72 -10.29 7.16 -3.39
N ARG A 73 -10.09 5.97 -3.90
CA ARG A 73 -10.21 4.77 -3.11
C ARG A 73 -9.37 3.65 -3.70
N PHE A 74 -8.74 2.88 -2.83
CA PHE A 74 -7.89 1.77 -3.22
C PHE A 74 -8.68 0.48 -3.13
N ARG A 75 -8.44 -0.41 -4.07
CA ARG A 75 -9.17 -1.66 -4.14
C ARG A 75 -8.26 -2.80 -4.61
N PHE A 76 -8.40 -3.95 -3.98
CA PHE A 76 -7.60 -5.12 -4.32
C PHE A 76 -8.46 -6.36 -4.17
N ASP A 77 -8.19 -7.36 -5.01
CA ASP A 77 -8.97 -8.63 -5.01
C ASP A 77 -10.43 -8.32 -5.30
N GLY A 78 -10.66 -7.19 -5.89
CA GLY A 78 -11.99 -6.77 -6.18
C GLY A 78 -12.64 -6.05 -5.03
N GLN A 79 -12.11 -6.26 -3.83
CA GLN A 79 -12.66 -5.66 -2.61
C GLN A 79 -11.94 -4.36 -2.25
N PRO A 80 -12.65 -3.43 -1.62
CA PRO A 80 -12.08 -2.16 -1.18
C PRO A 80 -11.05 -2.36 -0.06
N ILE A 81 -9.95 -1.64 -0.14
CA ILE A 81 -8.90 -1.73 0.87
C ILE A 81 -9.16 -0.73 1.98
N ASN A 82 -8.72 -1.05 3.20
CA ASN A 82 -8.88 -0.16 4.33
C ASN A 82 -7.51 0.17 4.87
N GLU A 83 -7.37 1.32 5.48
CA GLU A 83 -6.09 1.75 5.98
C GLU A 83 -5.69 0.96 7.21
N THR A 84 -6.63 0.31 7.83
CA THR A 84 -6.36 -0.43 9.03
C THR A 84 -6.05 -1.89 8.71
N ASP A 85 -5.94 -2.22 7.42
CA ASP A 85 -5.66 -3.60 7.03
C ASP A 85 -4.18 -3.78 6.68
N THR A 86 -3.78 -5.01 6.47
CA THR A 86 -2.41 -5.34 6.09
C THR A 86 -2.36 -6.14 4.79
N PRO A 87 -1.28 -5.98 4.00
CA PRO A 87 -1.11 -6.66 2.71
C PRO A 87 -1.10 -8.18 2.84
N ALA A 88 -0.61 -8.68 3.97
CA ALA A 88 -0.54 -10.11 4.22
C ALA A 88 -1.93 -10.71 4.41
N GLN A 89 -2.90 -9.86 4.72
CA GLN A 89 -4.26 -10.30 4.90
C GLN A 89 -4.88 -10.71 3.58
N LEU A 90 -4.55 -9.98 2.53
CA LEU A 90 -5.06 -10.27 1.22
C LEU A 90 -4.11 -11.22 0.52
N GLU A 91 -3.09 -11.67 1.28
CA GLU A 91 -2.03 -12.58 0.82
C GLU A 91 -1.46 -12.17 -0.54
N MET A 92 -1.42 -10.88 -0.77
CA MET A 92 -0.94 -10.32 -2.01
C MET A 92 0.57 -10.52 -2.13
N GLU A 93 1.07 -10.44 -3.34
CA GLU A 93 2.48 -10.68 -3.60
C GLU A 93 3.12 -9.44 -4.19
N ASP A 94 4.45 -9.42 -4.22
CA ASP A 94 5.18 -8.32 -4.81
C ASP A 94 4.82 -8.12 -6.28
N GLU A 95 4.82 -6.85 -6.69
CA GLU A 95 4.49 -6.42 -8.05
C GLU A 95 2.97 -6.38 -8.26
N ASP A 96 2.24 -6.40 -7.15
CA ASP A 96 0.78 -6.32 -7.19
C ASP A 96 0.30 -4.99 -7.77
N THR A 97 -0.83 -4.99 -8.46
CA THR A 97 -1.40 -3.77 -8.99
C THR A 97 -2.71 -3.40 -8.25
N ILE A 98 -2.64 -2.33 -7.48
CA ILE A 98 -3.79 -1.82 -6.75
C ILE A 98 -4.70 -1.01 -7.66
N ASP A 99 -5.99 -1.18 -7.50
CA ASP A 99 -6.98 -0.46 -8.32
C ASP A 99 -7.48 0.78 -7.59
N VAL A 100 -7.14 1.94 -8.12
CA VAL A 100 -7.61 3.19 -7.54
C VAL A 100 -8.60 3.87 -8.45
N PHE A 101 -9.68 4.34 -7.87
CA PHE A 101 -10.73 4.98 -8.61
C PHE A 101 -11.15 6.26 -7.91
N GLN A 102 -11.67 7.19 -8.67
CA GLN A 102 -12.07 8.48 -8.13
C GLN A 102 -13.42 8.38 -7.40
N GLN A 103 -13.39 8.58 -6.09
CA GLN A 103 -14.60 8.55 -5.27
C GLN A 103 -14.98 9.96 -4.86
N GLN A 104 -14.46 10.93 -5.58
CA GLN A 104 -14.73 12.33 -5.33
C GLN A 104 -16.20 12.66 -5.56
N THR A 105 -16.84 11.87 -6.40
CA THR A 105 -18.23 12.06 -6.71
C THR A 105 -19.08 10.97 -6.07
N GLY A 106 -20.14 11.36 -5.37
CA GLY A 106 -21.02 10.41 -4.75
C GLY A 106 -22.46 10.69 -5.12
N GLY A 107 -23.10 9.73 -5.76
CA GLY A 107 -24.48 9.90 -6.16
C GLY A 107 -25.06 8.61 -6.70
N MET A 15 26.56 17.38 6.76
CA MET A 15 27.76 17.25 7.62
C MET A 15 27.82 15.87 8.23
N ALA A 16 27.00 15.64 9.24
CA ALA A 16 26.91 14.33 9.87
C ALA A 16 25.75 13.58 9.24
N ASP A 17 25.91 13.25 7.97
CA ASP A 17 24.87 12.62 7.19
C ASP A 17 24.89 11.13 7.39
N GLU A 18 26.08 10.56 7.47
CA GLU A 18 26.22 9.12 7.60
C GLU A 18 26.23 8.69 9.05
N LYS A 19 25.13 8.08 9.50
CA LYS A 19 25.05 7.57 10.85
C LYS A 19 26.04 6.40 11.03
N PRO A 20 26.57 6.22 12.25
CA PRO A 20 27.51 5.14 12.55
C PRO A 20 26.92 3.75 12.30
N LYS A 21 27.67 2.75 12.70
CA LYS A 21 27.28 1.36 12.52
C LYS A 21 26.51 0.87 13.74
N GLU A 22 26.00 1.79 14.55
CA GLU A 22 25.27 1.43 15.74
C GLU A 22 23.78 1.46 15.50
N GLY A 23 23.27 0.41 14.92
CA GLY A 23 21.84 0.32 14.70
C GLY A 23 21.49 -0.92 13.92
N VAL A 24 21.34 -2.03 14.63
CA VAL A 24 21.04 -3.32 13.98
C VAL A 24 19.55 -3.42 13.57
N LYS A 25 19.10 -2.42 12.92
CA LYS A 25 17.77 -2.36 12.39
C LYS A 25 17.87 -2.00 10.94
N THR A 26 17.62 -2.94 10.05
CA THR A 26 17.75 -2.68 8.65
C THR A 26 16.39 -2.76 7.98
N GLU A 27 16.12 -1.82 7.10
CA GLU A 27 14.86 -1.78 6.36
C GLU A 27 14.75 -2.94 5.34
N ASN A 28 15.85 -3.65 5.16
CA ASN A 28 15.88 -4.72 4.18
C ASN A 28 15.51 -6.07 4.79
N ASN A 29 14.27 -6.19 5.24
CA ASN A 29 13.79 -7.47 5.79
C ASN A 29 12.26 -7.52 5.79
N ASP A 30 11.70 -8.69 5.43
CA ASP A 30 10.25 -8.94 5.53
C ASP A 30 9.46 -7.96 4.67
N HIS A 31 10.01 -7.58 3.52
CA HIS A 31 9.35 -6.59 2.69
C HIS A 31 9.04 -7.09 1.29
N ILE A 32 7.99 -6.55 0.71
CA ILE A 32 7.55 -6.88 -0.62
C ILE A 32 7.26 -5.61 -1.42
N ASN A 33 7.03 -5.76 -2.71
CA ASN A 33 6.72 -4.63 -3.58
C ASN A 33 5.22 -4.53 -3.76
N LEU A 34 4.69 -3.33 -3.73
CA LEU A 34 3.29 -3.09 -4.00
C LEU A 34 3.15 -2.00 -5.01
N LYS A 35 2.26 -2.16 -5.96
CA LYS A 35 2.06 -1.16 -6.97
C LYS A 35 0.61 -0.75 -7.05
N VAL A 36 0.38 0.51 -7.27
CA VAL A 36 -0.98 1.03 -7.30
C VAL A 36 -1.24 1.73 -8.62
N ALA A 37 -2.38 1.44 -9.23
CA ALA A 37 -2.74 1.99 -10.52
C ALA A 37 -3.90 2.97 -10.39
N GLY A 38 -3.72 4.15 -10.94
CA GLY A 38 -4.74 5.16 -10.89
C GLY A 38 -5.53 5.24 -12.17
N GLN A 39 -6.64 5.94 -12.13
CA GLN A 39 -7.54 6.06 -13.27
C GLN A 39 -6.86 6.81 -14.40
N ASP A 40 -5.97 7.71 -14.03
CA ASP A 40 -5.26 8.53 -15.01
C ASP A 40 -4.20 7.72 -15.75
N GLY A 41 -3.90 6.53 -15.25
CA GLY A 41 -2.91 5.67 -15.89
C GLY A 41 -1.59 5.70 -15.17
N SER A 42 -1.53 6.44 -14.09
CA SER A 42 -0.32 6.55 -13.29
C SER A 42 -0.22 5.36 -12.33
N VAL A 43 1.01 4.95 -12.03
CA VAL A 43 1.25 3.80 -11.15
C VAL A 43 2.47 4.08 -10.28
N VAL A 44 2.36 3.77 -8.99
CA VAL A 44 3.47 3.97 -8.07
C VAL A 44 3.87 2.66 -7.43
N GLN A 45 5.17 2.41 -7.35
CA GLN A 45 5.67 1.20 -6.74
C GLN A 45 6.22 1.48 -5.35
N PHE A 46 5.96 0.59 -4.41
CA PHE A 46 6.42 0.77 -3.03
C PHE A 46 7.13 -0.47 -2.51
N ILE A 48 7.45 -2.20 1.11
CA ILE A 48 7.04 -2.19 2.52
C ILE A 48 7.02 -3.59 3.09
N LYS A 49 6.94 -3.69 4.41
CA LYS A 49 6.89 -4.98 5.08
C LYS A 49 5.51 -5.58 4.97
N ARG A 50 5.44 -6.90 4.89
CA ARG A 50 4.16 -7.61 4.79
C ARG A 50 3.41 -7.57 6.12
N HIS A 51 4.11 -7.18 7.18
CA HIS A 51 3.51 -7.07 8.50
C HIS A 51 3.19 -5.60 8.74
N THR A 52 3.59 -4.79 7.81
CA THR A 52 3.41 -3.37 7.86
C THR A 52 2.10 -2.97 7.17
N PRO A 53 1.33 -2.07 7.80
CA PRO A 53 0.06 -1.61 7.24
C PRO A 53 0.24 -0.94 5.89
N LEU A 54 -0.50 -1.42 4.90
CA LEU A 54 -0.42 -0.87 3.55
C LEU A 54 -0.91 0.58 3.49
N SER A 55 -1.62 1.00 4.53
CA SER A 55 -2.14 2.35 4.63
C SER A 55 -1.06 3.40 4.40
N LYS A 56 0.17 3.07 4.79
CA LYS A 56 1.30 3.96 4.61
C LYS A 56 1.53 4.25 3.13
N LEU A 57 1.57 3.18 2.33
CA LEU A 57 1.77 3.33 0.89
C LEU A 57 0.56 4.01 0.26
N MET A 58 -0.63 3.72 0.79
CA MET A 58 -1.85 4.29 0.26
C MET A 58 -1.86 5.80 0.43
N LYS A 59 -1.56 6.27 1.63
CA LYS A 59 -1.55 7.69 1.89
C LYS A 59 -0.42 8.36 1.12
N ALA A 60 0.71 7.66 1.03
CA ALA A 60 1.85 8.18 0.29
C ALA A 60 1.48 8.36 -1.18
N TYR A 61 0.70 7.41 -1.71
CA TYR A 61 0.23 7.47 -3.08
C TYR A 61 -0.58 8.74 -3.33
N CYS A 62 -1.59 8.98 -2.51
CA CYS A 62 -2.46 10.13 -2.71
C CYS A 62 -1.68 11.44 -2.51
N GLU A 63 -0.77 11.43 -1.54
CA GLU A 63 0.02 12.62 -1.24
C GLU A 63 0.95 12.98 -2.39
N ARG A 64 1.56 11.97 -3.02
CA ARG A 64 2.47 12.21 -4.13
C ARG A 64 1.70 12.45 -5.42
N GLN A 65 0.53 11.84 -5.55
CA GLN A 65 -0.27 11.95 -6.76
C GLN A 65 -1.14 13.20 -6.78
N GLY A 66 -1.32 13.84 -5.63
CA GLY A 66 -2.12 15.04 -5.59
C GLY A 66 -3.59 14.78 -5.28
N LEU A 67 -3.91 13.53 -4.96
CA LEU A 67 -5.29 13.17 -4.63
C LEU A 67 -5.49 13.11 -3.12
N SER A 68 -6.72 12.89 -2.72
CA SER A 68 -7.05 12.79 -1.31
C SER A 68 -7.79 11.49 -1.03
N MET A 69 -7.80 11.06 0.24
CA MET A 69 -8.48 9.83 0.63
C MET A 69 -9.99 9.94 0.48
N ARG A 70 -10.49 11.16 0.52
CA ARG A 70 -11.91 11.40 0.30
C ARG A 70 -12.20 11.52 -1.19
N GLN A 71 -11.16 11.77 -1.96
CA GLN A 71 -11.26 11.93 -3.40
C GLN A 71 -11.10 10.61 -4.13
N ILE A 72 -10.38 9.69 -3.54
CA ILE A 72 -10.13 8.40 -4.17
C ILE A 72 -10.27 7.25 -3.19
N ARG A 73 -10.11 6.05 -3.71
CA ARG A 73 -10.19 4.83 -2.91
C ARG A 73 -9.34 3.74 -3.52
N PHE A 74 -8.72 2.95 -2.67
CA PHE A 74 -7.88 1.85 -3.10
C PHE A 74 -8.65 0.54 -3.03
N ARG A 75 -8.39 -0.33 -3.96
CA ARG A 75 -9.09 -1.59 -4.05
C ARG A 75 -8.17 -2.72 -4.47
N PHE A 76 -8.47 -3.91 -4.03
CA PHE A 76 -7.72 -5.08 -4.36
C PHE A 76 -8.59 -6.31 -4.25
N ASP A 77 -8.36 -7.29 -5.10
CA ASP A 77 -9.19 -8.52 -5.14
C ASP A 77 -10.65 -8.17 -5.37
N GLY A 78 -10.88 -7.01 -5.95
CA GLY A 78 -12.21 -6.56 -6.19
C GLY A 78 -12.84 -5.88 -4.98
N GLN A 79 -12.24 -6.08 -3.81
CA GLN A 79 -12.74 -5.49 -2.57
C GLN A 79 -11.96 -4.22 -2.22
N PRO A 80 -12.63 -3.23 -1.59
CA PRO A 80 -11.98 -1.98 -1.20
C PRO A 80 -11.00 -2.17 -0.05
N ILE A 81 -9.86 -1.50 -0.13
CA ILE A 81 -8.83 -1.61 0.89
C ILE A 81 -9.07 -0.58 2.00
N ASN A 82 -8.62 -0.89 3.21
CA ASN A 82 -8.78 0.00 4.33
C ASN A 82 -7.45 0.19 4.99
N GLU A 83 -7.38 1.09 5.95
CA GLU A 83 -6.16 1.31 6.69
C GLU A 83 -6.00 0.22 7.76
N THR A 84 -7.05 -0.57 7.92
CA THR A 84 -7.07 -1.64 8.89
C THR A 84 -6.63 -2.97 8.25
N ASP A 85 -6.35 -2.93 6.96
CA ASP A 85 -5.89 -4.11 6.26
C ASP A 85 -4.39 -4.07 5.98
N THR A 86 -3.76 -5.23 6.07
CA THR A 86 -2.35 -5.37 5.76
C THR A 86 -2.18 -6.19 4.47
N PRO A 87 -1.03 -6.05 3.80
CA PRO A 87 -0.75 -6.80 2.55
C PRO A 87 -0.81 -8.31 2.75
N ALA A 88 -0.51 -8.74 3.95
CA ALA A 88 -0.49 -10.16 4.30
C ALA A 88 -1.90 -10.71 4.52
N GLN A 89 -2.89 -9.83 4.61
CA GLN A 89 -4.25 -10.26 4.85
C GLN A 89 -4.92 -10.78 3.59
N LEU A 90 -4.64 -10.13 2.48
CA LEU A 90 -5.21 -10.54 1.20
C LEU A 90 -4.26 -11.48 0.48
N GLU A 91 -3.13 -11.76 1.14
CA GLU A 91 -2.10 -12.63 0.61
C GLU A 91 -1.66 -12.16 -0.78
N MET A 92 -1.38 -10.88 -0.88
CA MET A 92 -0.97 -10.30 -2.14
C MET A 92 0.52 -10.51 -2.36
N GLU A 93 0.93 -10.55 -3.61
CA GLU A 93 2.31 -10.81 -3.96
C GLU A 93 3.03 -9.52 -4.26
N ASP A 94 4.35 -9.54 -4.28
CA ASP A 94 5.11 -8.39 -4.69
C ASP A 94 4.72 -7.96 -6.10
N GLU A 95 4.72 -6.66 -6.32
CA GLU A 95 4.36 -6.05 -7.59
C GLU A 95 2.88 -6.23 -7.90
N ASP A 96 2.09 -6.48 -6.89
CA ASP A 96 0.66 -6.65 -7.09
C ASP A 96 0.03 -5.32 -7.47
N THR A 97 -1.10 -5.35 -8.16
CA THR A 97 -1.72 -4.15 -8.66
C THR A 97 -2.91 -3.70 -7.82
N ILE A 98 -2.81 -2.50 -7.26
CA ILE A 98 -3.89 -1.90 -6.52
C ILE A 98 -4.76 -1.07 -7.47
N ASP A 99 -6.07 -1.19 -7.34
CA ASP A 99 -6.98 -0.42 -8.19
C ASP A 99 -7.51 0.79 -7.45
N VAL A 100 -7.23 1.95 -7.96
CA VAL A 100 -7.72 3.17 -7.36
C VAL A 100 -8.74 3.81 -8.27
N PHE A 101 -9.77 4.34 -7.67
CA PHE A 101 -10.83 4.99 -8.43
C PHE A 101 -11.21 6.28 -7.74
N GLN A 102 -11.72 7.22 -8.50
CA GLN A 102 -12.07 8.53 -7.99
C GLN A 102 -13.44 8.50 -7.34
N GLN A 103 -13.49 8.77 -6.05
CA GLN A 103 -14.74 8.82 -5.30
C GLN A 103 -15.34 10.22 -5.31
N GLN A 104 -14.93 11.02 -6.26
CA GLN A 104 -15.46 12.35 -6.41
C GLN A 104 -16.37 12.39 -7.60
N THR A 105 -17.66 12.49 -7.34
CA THR A 105 -18.64 12.51 -8.39
C THR A 105 -18.88 13.93 -8.88
N GLY A 106 -18.25 14.27 -9.99
CA GLY A 106 -18.41 15.60 -10.54
C GLY A 106 -17.77 15.70 -11.91
N GLY A 107 -18.07 16.77 -12.62
CA GLY A 107 -17.49 16.97 -13.93
C GLY A 107 -16.25 17.83 -13.88
N MET A 15 5.30 16.72 7.33
CA MET A 15 6.11 17.16 8.48
C MET A 15 7.09 16.07 8.92
N ALA A 16 6.70 14.81 8.79
CA ALA A 16 7.53 13.69 9.21
C ALA A 16 8.29 13.08 8.04
N ASP A 17 8.14 13.65 6.86
CA ASP A 17 8.83 13.15 5.67
C ASP A 17 10.10 13.96 5.42
N GLU A 18 10.48 14.76 6.42
CA GLU A 18 11.69 15.58 6.32
C GLU A 18 12.93 14.72 6.44
N LYS A 19 13.36 14.18 5.28
CA LYS A 19 14.54 13.31 5.18
C LYS A 19 14.58 12.24 6.28
N PRO A 20 13.71 11.22 6.19
CA PRO A 20 13.66 10.16 7.19
C PRO A 20 14.81 9.17 7.03
N LYS A 21 14.96 8.30 8.01
CA LYS A 21 16.01 7.28 8.01
C LYS A 21 15.83 6.21 6.93
N GLU A 22 14.73 6.29 6.18
CA GLU A 22 14.50 5.34 5.11
C GLU A 22 15.40 5.64 3.92
N GLY A 23 15.61 4.65 3.08
CA GLY A 23 16.48 4.82 1.94
C GLY A 23 17.71 3.96 2.07
N VAL A 24 17.92 3.45 3.26
CA VAL A 24 19.04 2.58 3.56
C VAL A 24 18.77 1.18 2.99
N LYS A 25 19.84 0.47 2.67
CA LYS A 25 19.71 -0.88 2.11
C LYS A 25 19.04 -1.79 3.10
N THR A 26 17.86 -2.26 2.74
CA THR A 26 17.09 -3.13 3.59
C THR A 26 16.62 -4.36 2.84
N GLU A 27 17.26 -5.49 3.08
CA GLU A 27 16.90 -6.71 2.41
C GLU A 27 16.91 -7.87 3.38
N ASN A 28 16.11 -8.89 3.07
CA ASN A 28 16.05 -10.13 3.88
C ASN A 28 15.40 -9.81 5.22
N ASN A 29 14.60 -8.80 5.20
CA ASN A 29 13.94 -8.29 6.37
C ASN A 29 12.44 -8.50 6.31
N ASP A 30 11.99 -9.36 5.37
CA ASP A 30 10.57 -9.73 5.22
C ASP A 30 9.77 -8.57 4.63
N HIS A 31 10.18 -8.11 3.45
CA HIS A 31 9.46 -7.06 2.75
C HIS A 31 9.11 -7.48 1.32
N ILE A 32 8.10 -6.81 0.76
CA ILE A 32 7.64 -7.10 -0.58
C ILE A 32 7.38 -5.80 -1.35
N ASN A 33 7.14 -5.91 -2.63
CA ASN A 33 6.87 -4.76 -3.47
C ASN A 33 5.40 -4.71 -3.81
N LEU A 34 4.81 -3.54 -3.70
CA LEU A 34 3.41 -3.34 -4.03
C LEU A 34 3.31 -2.20 -5.01
N LYS A 35 2.39 -2.28 -5.94
CA LYS A 35 2.23 -1.25 -6.94
C LYS A 35 0.79 -0.81 -7.02
N VAL A 36 0.60 0.45 -7.25
CA VAL A 36 -0.73 1.02 -7.28
C VAL A 36 -0.99 1.74 -8.60
N ALA A 37 -2.12 1.47 -9.21
CA ALA A 37 -2.47 2.05 -10.48
C ALA A 37 -3.80 2.82 -10.38
N GLY A 38 -3.85 3.96 -11.00
CA GLY A 38 -5.06 4.75 -10.98
C GLY A 38 -5.68 4.84 -12.35
N GLN A 39 -6.97 5.18 -12.39
CA GLN A 39 -7.70 5.28 -13.66
C GLN A 39 -7.08 6.37 -14.53
N ASP A 40 -6.33 7.26 -13.89
CA ASP A 40 -5.71 8.39 -14.56
C ASP A 40 -4.42 7.98 -15.26
N GLY A 41 -4.15 6.70 -15.38
CA GLY A 41 -2.95 6.26 -16.05
C GLY A 41 -1.69 6.53 -15.27
N SER A 42 -1.75 6.34 -13.97
CA SER A 42 -0.58 6.57 -13.14
C SER A 42 -0.36 5.39 -12.20
N VAL A 43 0.91 5.10 -11.89
CA VAL A 43 1.25 3.98 -11.03
C VAL A 43 2.49 4.28 -10.18
N VAL A 44 2.43 3.91 -8.89
CA VAL A 44 3.56 4.11 -7.99
C VAL A 44 3.97 2.78 -7.37
N GLN A 45 5.26 2.53 -7.27
CA GLN A 45 5.76 1.29 -6.70
C GLN A 45 6.37 1.53 -5.31
N PHE A 46 6.12 0.60 -4.39
CA PHE A 46 6.61 0.74 -3.01
C PHE A 46 7.26 -0.55 -2.51
N ILE A 48 7.40 -2.35 1.05
CA ILE A 48 6.99 -2.38 2.45
C ILE A 48 6.96 -3.81 2.94
N LYS A 49 6.62 -4.01 4.20
CA LYS A 49 6.58 -5.33 4.77
C LYS A 49 5.17 -5.89 4.70
N ARG A 50 5.06 -7.20 4.62
CA ARG A 50 3.78 -7.88 4.50
C ARG A 50 2.93 -7.72 5.76
N HIS A 51 3.58 -7.49 6.88
CA HIS A 51 2.87 -7.39 8.15
C HIS A 51 2.74 -5.94 8.54
N THR A 52 3.21 -5.10 7.66
CA THR A 52 3.20 -3.68 7.83
C THR A 52 1.98 -3.08 7.13
N PRO A 53 1.31 -2.10 7.78
CA PRO A 53 0.11 -1.46 7.22
C PRO A 53 0.37 -0.82 5.87
N LEU A 54 -0.38 -1.24 4.86
CA LEU A 54 -0.22 -0.72 3.51
C LEU A 54 -0.71 0.71 3.41
N SER A 55 -1.47 1.13 4.41
CA SER A 55 -1.99 2.49 4.50
C SER A 55 -0.88 3.53 4.31
N LYS A 56 0.34 3.17 4.71
CA LYS A 56 1.48 4.04 4.53
C LYS A 56 1.69 4.35 3.06
N LEU A 57 1.66 3.31 2.24
CA LEU A 57 1.83 3.47 0.80
C LEU A 57 0.61 4.16 0.21
N MET A 58 -0.57 3.82 0.72
CA MET A 58 -1.80 4.41 0.21
C MET A 58 -1.82 5.91 0.42
N LYS A 59 -1.46 6.36 1.63
CA LYS A 59 -1.43 7.78 1.91
C LYS A 59 -0.32 8.45 1.11
N ALA A 60 0.79 7.76 0.97
CA ALA A 60 1.93 8.28 0.23
C ALA A 60 1.53 8.49 -1.23
N TYR A 61 0.68 7.61 -1.73
CA TYR A 61 0.17 7.70 -3.08
C TYR A 61 -0.63 8.98 -3.27
N CYS A 62 -1.66 9.18 -2.45
CA CYS A 62 -2.52 10.33 -2.60
C CYS A 62 -1.78 11.63 -2.32
N GLU A 63 -0.87 11.61 -1.36
CA GLU A 63 -0.13 12.79 -0.99
C GLU A 63 0.89 13.18 -2.06
N ARG A 64 1.40 12.21 -2.81
CA ARG A 64 2.35 12.50 -3.88
C ARG A 64 1.63 12.75 -5.21
N GLN A 65 0.49 12.11 -5.40
CA GLN A 65 -0.27 12.24 -6.64
C GLN A 65 -1.10 13.49 -6.67
N GLY A 66 -1.40 14.02 -5.51
CA GLY A 66 -2.24 15.19 -5.44
C GLY A 66 -3.69 14.80 -5.36
N LEU A 67 -3.98 13.76 -4.58
CA LEU A 67 -5.33 13.30 -4.37
C LEU A 67 -5.62 13.23 -2.90
N SER A 68 -6.88 13.09 -2.55
CA SER A 68 -7.27 12.99 -1.17
C SER A 68 -7.98 11.67 -0.90
N MET A 69 -7.91 11.18 0.34
CA MET A 69 -8.55 9.92 0.73
C MET A 69 -10.07 9.96 0.54
N ARG A 70 -10.63 11.15 0.60
CA ARG A 70 -12.06 11.33 0.37
C ARG A 70 -12.35 11.46 -1.14
N GLN A 71 -11.29 11.67 -1.91
CA GLN A 71 -11.39 11.85 -3.34
C GLN A 71 -11.19 10.55 -4.10
N ILE A 72 -10.44 9.64 -3.53
CA ILE A 72 -10.15 8.38 -4.21
C ILE A 72 -10.34 7.20 -3.28
N ARG A 73 -10.19 6.02 -3.83
CA ARG A 73 -10.30 4.80 -3.05
C ARG A 73 -9.43 3.71 -3.64
N PHE A 74 -8.87 2.90 -2.78
CA PHE A 74 -7.99 1.80 -3.18
C PHE A 74 -8.75 0.49 -3.11
N ARG A 75 -8.51 -0.38 -4.06
CA ARG A 75 -9.17 -1.67 -4.10
C ARG A 75 -8.24 -2.75 -4.59
N PHE A 76 -8.36 -3.93 -3.99
CA PHE A 76 -7.57 -5.08 -4.35
C PHE A 76 -8.40 -6.33 -4.22
N ASP A 77 -8.13 -7.31 -5.06
CA ASP A 77 -8.87 -8.60 -5.07
C ASP A 77 -10.35 -8.36 -5.26
N GLY A 78 -10.68 -7.25 -5.88
CA GLY A 78 -12.05 -6.90 -6.12
C GLY A 78 -12.75 -6.40 -4.87
N GLN A 79 -12.01 -6.20 -3.80
CA GLN A 79 -12.58 -5.69 -2.55
C GLN A 79 -11.87 -4.40 -2.13
N PRO A 80 -12.60 -3.47 -1.48
CA PRO A 80 -12.05 -2.19 -1.04
C PRO A 80 -11.00 -2.36 0.05
N ILE A 81 -9.93 -1.60 -0.06
CA ILE A 81 -8.86 -1.66 0.92
C ILE A 81 -9.10 -0.64 2.01
N ASN A 82 -8.70 -0.96 3.23
CA ASN A 82 -8.83 -0.05 4.33
C ASN A 82 -7.47 0.34 4.81
N GLU A 83 -7.41 1.36 5.60
CA GLU A 83 -6.17 1.82 6.15
C GLU A 83 -5.76 0.91 7.31
N THR A 84 -6.73 0.20 7.85
CA THR A 84 -6.50 -0.69 8.97
C THR A 84 -6.17 -2.11 8.51
N ASP A 85 -6.07 -2.32 7.22
CA ASP A 85 -5.80 -3.64 6.69
C ASP A 85 -4.31 -3.79 6.36
N THR A 86 -3.85 -5.02 6.28
CA THR A 86 -2.46 -5.29 5.91
C THR A 86 -2.37 -6.09 4.62
N PRO A 87 -1.23 -5.96 3.89
CA PRO A 87 -1.01 -6.67 2.63
C PRO A 87 -1.06 -8.19 2.79
N ALA A 88 -0.66 -8.66 3.96
CA ALA A 88 -0.65 -10.10 4.25
C ALA A 88 -2.06 -10.62 4.41
N GLN A 89 -3.00 -9.73 4.67
CA GLN A 89 -4.39 -10.11 4.86
C GLN A 89 -4.97 -10.62 3.56
N LEU A 90 -4.58 -9.99 2.48
CA LEU A 90 -5.08 -10.33 1.17
C LEU A 90 -4.13 -11.33 0.51
N GLU A 91 -3.11 -11.76 1.28
CA GLU A 91 -2.07 -12.71 0.84
C GLU A 91 -1.56 -12.38 -0.56
N MET A 92 -1.39 -11.10 -0.83
CA MET A 92 -0.95 -10.62 -2.12
C MET A 92 0.54 -10.90 -2.31
N GLU A 93 0.98 -10.85 -3.55
CA GLU A 93 2.36 -11.14 -3.88
C GLU A 93 3.06 -9.87 -4.31
N ASP A 94 4.39 -9.90 -4.34
CA ASP A 94 5.17 -8.77 -4.81
C ASP A 94 4.78 -8.35 -6.22
N GLU A 95 4.70 -7.04 -6.40
CA GLU A 95 4.39 -6.39 -7.67
C GLU A 95 2.92 -6.44 -7.98
N ASP A 96 2.12 -6.54 -6.94
CA ASP A 96 0.66 -6.52 -7.08
C ASP A 96 0.20 -5.17 -7.69
N THR A 97 -0.94 -5.17 -8.35
CA THR A 97 -1.48 -3.94 -8.88
C THR A 97 -2.76 -3.49 -8.14
N ILE A 98 -2.64 -2.44 -7.35
CA ILE A 98 -3.76 -1.87 -6.62
C ILE A 98 -4.57 -0.99 -7.55
N ASP A 99 -5.88 -1.08 -7.47
CA ASP A 99 -6.72 -0.25 -8.32
C ASP A 99 -7.27 0.94 -7.54
N VAL A 100 -7.02 2.12 -8.04
CA VAL A 100 -7.50 3.34 -7.43
C VAL A 100 -8.50 4.01 -8.33
N PHE A 101 -9.62 4.39 -7.78
CA PHE A 101 -10.69 4.95 -8.55
C PHE A 101 -11.22 6.18 -7.86
N GLN A 102 -11.76 7.10 -8.63
CA GLN A 102 -12.23 8.37 -8.09
C GLN A 102 -13.59 8.22 -7.39
N GLN A 103 -13.58 8.40 -6.09
CA GLN A 103 -14.79 8.36 -5.28
C GLN A 103 -15.12 9.74 -4.74
N GLN A 104 -14.65 10.76 -5.43
CA GLN A 104 -14.88 12.15 -5.06
C GLN A 104 -16.37 12.45 -5.06
N THR A 105 -17.04 12.05 -6.11
CA THR A 105 -18.45 12.27 -6.24
C THR A 105 -19.21 10.99 -5.87
N GLY A 106 -20.33 11.14 -5.17
CA GLY A 106 -21.10 9.99 -4.78
C GLY A 106 -22.30 10.37 -3.95
N GLY A 107 -22.12 11.29 -3.04
CA GLY A 107 -23.21 11.71 -2.19
C GLY A 107 -22.85 12.95 -1.42
N MET A 15 14.45 -2.22 16.46
CA MET A 15 15.30 -3.27 17.05
C MET A 15 16.67 -3.32 16.36
N ALA A 16 16.68 -3.51 15.04
CA ALA A 16 17.93 -3.56 14.28
C ALA A 16 18.36 -2.15 13.86
N ASP A 17 17.73 -1.15 14.46
CA ASP A 17 18.05 0.24 14.19
C ASP A 17 19.35 0.62 14.90
N GLU A 18 19.82 -0.28 15.75
CA GLU A 18 21.06 -0.10 16.45
C GLU A 18 22.04 -1.19 16.04
N LYS A 19 23.15 -0.80 15.45
CA LYS A 19 24.14 -1.75 14.96
C LYS A 19 24.65 -2.66 16.08
N PRO A 20 24.54 -3.98 15.88
CA PRO A 20 24.97 -5.00 16.84
C PRO A 20 26.49 -5.13 16.93
N LYS A 21 26.97 -6.33 17.23
CA LYS A 21 28.41 -6.59 17.32
C LYS A 21 28.90 -7.26 16.04
N GLU A 22 28.08 -7.15 15.01
CA GLU A 22 28.35 -7.74 13.72
C GLU A 22 27.92 -6.75 12.63
N GLY A 23 28.19 -7.06 11.38
CA GLY A 23 27.85 -6.13 10.32
C GLY A 23 27.25 -6.77 9.10
N VAL A 24 27.88 -7.82 8.58
CA VAL A 24 27.40 -8.46 7.37
C VAL A 24 26.38 -9.54 7.69
N LYS A 25 25.14 -9.13 7.88
CA LYS A 25 24.06 -10.04 8.13
C LYS A 25 22.78 -9.51 7.49
N THR A 26 22.07 -10.36 6.78
CA THR A 26 20.83 -9.96 6.13
C THR A 26 19.70 -9.85 7.16
N GLU A 27 18.57 -9.29 6.74
CA GLU A 27 17.45 -9.09 7.64
C GLU A 27 16.31 -10.02 7.29
N ASN A 28 15.85 -10.77 8.29
CA ASN A 28 14.66 -11.61 8.19
C ASN A 28 13.37 -10.76 8.06
N ASN A 29 13.49 -9.62 7.41
CA ASN A 29 12.36 -8.73 7.19
C ASN A 29 11.66 -9.08 5.90
N ASP A 30 10.52 -9.74 6.02
CA ASP A 30 9.76 -10.16 4.86
C ASP A 30 9.04 -8.98 4.25
N HIS A 31 9.61 -8.43 3.21
CA HIS A 31 9.03 -7.28 2.58
C HIS A 31 8.73 -7.55 1.12
N ILE A 32 7.66 -6.96 0.65
CA ILE A 32 7.22 -7.15 -0.71
C ILE A 32 7.03 -5.81 -1.39
N ASN A 33 6.87 -5.84 -2.69
CA ASN A 33 6.65 -4.64 -3.48
C ASN A 33 5.18 -4.53 -3.81
N LEU A 34 4.64 -3.34 -3.72
CA LEU A 34 3.25 -3.13 -4.07
C LEU A 34 3.16 -2.00 -5.04
N LYS A 35 2.36 -2.18 -6.06
CA LYS A 35 2.18 -1.16 -7.04
C LYS A 35 0.74 -0.73 -7.10
N VAL A 36 0.53 0.51 -7.35
CA VAL A 36 -0.80 1.06 -7.40
C VAL A 36 -1.04 1.73 -8.73
N ALA A 37 -2.18 1.46 -9.32
CA ALA A 37 -2.51 2.02 -10.62
C ALA A 37 -3.73 2.90 -10.51
N GLY A 38 -3.58 4.16 -10.81
CA GLY A 38 -4.66 5.08 -10.74
C GLY A 38 -5.50 5.07 -11.98
N GLN A 39 -6.75 5.46 -11.84
CA GLN A 39 -7.69 5.55 -12.95
C GLN A 39 -7.22 6.50 -14.06
N ASP A 40 -6.22 7.31 -13.78
CA ASP A 40 -5.69 8.25 -14.75
C ASP A 40 -4.50 7.65 -15.49
N GLY A 41 -4.00 6.51 -15.00
CA GLY A 41 -2.89 5.85 -15.65
C GLY A 41 -1.59 6.01 -14.91
N SER A 42 -1.65 6.59 -13.73
CA SER A 42 -0.47 6.79 -12.93
C SER A 42 -0.23 5.60 -11.99
N VAL A 43 0.95 5.02 -12.07
CA VAL A 43 1.28 3.89 -11.22
C VAL A 43 2.49 4.18 -10.33
N VAL A 44 2.36 3.87 -9.05
CA VAL A 44 3.45 4.09 -8.10
C VAL A 44 3.87 2.76 -7.48
N GLN A 45 5.17 2.54 -7.39
CA GLN A 45 5.68 1.33 -6.80
C GLN A 45 6.23 1.58 -5.40
N PHE A 46 6.02 0.64 -4.47
CA PHE A 46 6.47 0.79 -3.08
C PHE A 46 7.13 -0.49 -2.58
N ILE A 48 7.32 -2.37 1.05
CA ILE A 48 6.88 -2.41 2.44
C ILE A 48 6.90 -3.84 2.95
N LYS A 49 6.75 -4.01 4.24
CA LYS A 49 6.75 -5.32 4.83
C LYS A 49 5.36 -5.92 4.79
N ARG A 50 5.29 -7.24 4.76
CA ARG A 50 4.03 -7.97 4.69
C ARG A 50 3.16 -7.75 5.93
N HIS A 51 3.80 -7.41 7.03
CA HIS A 51 3.09 -7.25 8.30
C HIS A 51 2.94 -5.77 8.58
N THR A 52 3.49 -4.99 7.71
CA THR A 52 3.48 -3.56 7.81
C THR A 52 2.21 -2.99 7.15
N PRO A 53 1.57 -1.99 7.80
CA PRO A 53 0.34 -1.40 7.30
C PRO A 53 0.50 -0.79 5.91
N LEU A 54 -0.31 -1.26 4.98
CA LEU A 54 -0.28 -0.78 3.61
C LEU A 54 -0.76 0.67 3.51
N SER A 55 -1.43 1.13 4.58
CA SER A 55 -1.97 2.49 4.65
C SER A 55 -0.89 3.53 4.35
N LYS A 56 0.36 3.21 4.68
CA LYS A 56 1.45 4.13 4.44
C LYS A 56 1.63 4.39 2.95
N LEU A 57 1.55 3.32 2.14
CA LEU A 57 1.67 3.48 0.69
C LEU A 57 0.44 4.18 0.13
N MET A 58 -0.72 3.88 0.70
CA MET A 58 -1.97 4.45 0.23
C MET A 58 -1.96 5.96 0.40
N LYS A 59 -1.61 6.42 1.58
CA LYS A 59 -1.51 7.84 1.84
C LYS A 59 -0.39 8.44 1.03
N ALA A 60 0.72 7.71 0.90
CA ALA A 60 1.87 8.17 0.12
C ALA A 60 1.44 8.46 -1.31
N TYR A 61 0.64 7.54 -1.86
CA TYR A 61 0.11 7.69 -3.19
C TYR A 61 -0.65 9.00 -3.32
N CYS A 62 -1.63 9.21 -2.46
CA CYS A 62 -2.46 10.39 -2.51
C CYS A 62 -1.64 11.66 -2.26
N GLU A 63 -0.73 11.60 -1.31
CA GLU A 63 0.08 12.76 -0.96
C GLU A 63 1.03 13.14 -2.07
N ARG A 64 1.57 12.16 -2.79
CA ARG A 64 2.50 12.45 -3.86
C ARG A 64 1.76 12.77 -5.17
N GLN A 65 0.62 12.09 -5.38
CA GLN A 65 -0.17 12.29 -6.60
C GLN A 65 -1.09 13.50 -6.53
N GLY A 66 -1.28 14.06 -5.35
CA GLY A 66 -2.13 15.23 -5.22
C GLY A 66 -3.59 14.90 -5.01
N LEU A 67 -3.90 13.62 -4.84
CA LEU A 67 -5.28 13.20 -4.60
C LEU A 67 -5.59 13.15 -3.11
N SER A 68 -6.84 12.98 -2.78
CA SER A 68 -7.25 12.89 -1.40
C SER A 68 -7.95 11.57 -1.14
N MET A 69 -7.91 11.11 0.11
CA MET A 69 -8.55 9.85 0.49
C MET A 69 -10.05 9.88 0.25
N ARG A 70 -10.64 11.07 0.32
CA ARG A 70 -12.06 11.23 0.09
C ARG A 70 -12.34 11.40 -1.41
N GLN A 71 -11.30 11.66 -2.16
CA GLN A 71 -11.40 11.84 -3.59
C GLN A 71 -11.23 10.53 -4.34
N ILE A 72 -10.44 9.64 -3.80
CA ILE A 72 -10.18 8.38 -4.46
C ILE A 72 -10.41 7.21 -3.53
N ARG A 73 -10.27 6.01 -4.08
CA ARG A 73 -10.44 4.80 -3.30
C ARG A 73 -9.56 3.68 -3.82
N PHE A 74 -8.98 2.94 -2.89
CA PHE A 74 -8.10 1.83 -3.21
C PHE A 74 -8.88 0.52 -3.16
N ARG A 75 -8.60 -0.36 -4.09
CA ARG A 75 -9.31 -1.62 -4.20
C ARG A 75 -8.36 -2.75 -4.61
N PHE A 76 -8.53 -3.89 -3.98
CA PHE A 76 -7.73 -5.08 -4.27
C PHE A 76 -8.62 -6.30 -4.15
N ASP A 77 -8.37 -7.29 -5.00
CA ASP A 77 -9.19 -8.53 -5.04
C ASP A 77 -10.67 -8.21 -5.21
N GLY A 78 -10.95 -7.06 -5.75
CA GLY A 78 -12.30 -6.63 -5.93
C GLY A 78 -12.88 -5.95 -4.70
N GLN A 79 -12.26 -6.16 -3.56
CA GLN A 79 -12.71 -5.58 -2.31
C GLN A 79 -11.96 -4.28 -1.99
N PRO A 80 -12.61 -3.34 -1.30
CA PRO A 80 -12.00 -2.06 -0.94
C PRO A 80 -10.94 -2.21 0.13
N ILE A 81 -9.87 -1.46 0.03
CA ILE A 81 -8.78 -1.53 0.99
C ILE A 81 -8.97 -0.47 2.06
N ASN A 82 -8.53 -0.77 3.29
CA ASN A 82 -8.65 0.16 4.38
C ASN A 82 -7.30 0.28 5.04
N GLU A 83 -7.14 1.27 5.89
CA GLU A 83 -5.90 1.45 6.60
C GLU A 83 -5.77 0.43 7.72
N THR A 84 -6.86 -0.24 8.02
CA THR A 84 -6.88 -1.22 9.07
C THR A 84 -6.57 -2.61 8.55
N ASP A 85 -6.35 -2.71 7.25
CA ASP A 85 -6.00 -3.98 6.64
C ASP A 85 -4.52 -4.02 6.30
N THR A 86 -3.93 -5.21 6.39
CA THR A 86 -2.52 -5.40 6.08
C THR A 86 -2.35 -6.18 4.78
N PRO A 87 -1.22 -5.99 4.08
CA PRO A 87 -0.97 -6.67 2.79
C PRO A 87 -0.96 -8.19 2.90
N ALA A 88 -0.54 -8.68 4.05
CA ALA A 88 -0.47 -10.12 4.28
C ALA A 88 -1.85 -10.75 4.41
N GLN A 89 -2.84 -9.93 4.72
CA GLN A 89 -4.20 -10.41 4.89
C GLN A 89 -4.77 -10.90 3.57
N LEU A 90 -4.44 -10.22 2.50
CA LEU A 90 -4.96 -10.57 1.19
C LEU A 90 -3.98 -11.49 0.45
N GLU A 91 -2.98 -11.99 1.19
CA GLU A 91 -1.93 -12.89 0.66
C GLU A 91 -1.40 -12.42 -0.70
N MET A 92 -1.29 -11.11 -0.86
CA MET A 92 -0.83 -10.52 -2.09
C MET A 92 0.67 -10.72 -2.27
N GLU A 93 1.13 -10.63 -3.50
CA GLU A 93 2.53 -10.84 -3.80
C GLU A 93 3.19 -9.54 -4.19
N ASP A 94 4.51 -9.53 -4.21
CA ASP A 94 5.25 -8.37 -4.65
C ASP A 94 4.95 -8.05 -6.10
N GLU A 95 4.90 -6.75 -6.38
CA GLU A 95 4.65 -6.20 -7.70
C GLU A 95 3.19 -6.38 -8.12
N ASP A 96 2.32 -6.64 -7.15
CA ASP A 96 0.89 -6.76 -7.45
C ASP A 96 0.31 -5.37 -7.67
N THR A 97 -0.85 -5.28 -8.30
CA THR A 97 -1.40 -3.99 -8.65
C THR A 97 -2.65 -3.63 -7.83
N ILE A 98 -2.66 -2.41 -7.31
CA ILE A 98 -3.78 -1.87 -6.57
C ILE A 98 -4.60 -1.00 -7.52
N ASP A 99 -5.91 -1.15 -7.50
CA ASP A 99 -6.75 -0.35 -8.36
C ASP A 99 -7.33 0.82 -7.61
N VAL A 100 -7.10 2.01 -8.14
CA VAL A 100 -7.64 3.22 -7.55
C VAL A 100 -8.62 3.87 -8.51
N PHE A 101 -9.72 4.37 -7.96
CA PHE A 101 -10.75 5.02 -8.76
C PHE A 101 -11.18 6.30 -8.09
N GLN A 102 -11.72 7.24 -8.86
CA GLN A 102 -12.09 8.54 -8.32
C GLN A 102 -13.52 8.54 -7.79
N GLN A 103 -13.65 8.75 -6.50
CA GLN A 103 -14.94 8.83 -5.83
C GLN A 103 -15.29 10.28 -5.50
N GLN A 104 -14.70 11.21 -6.25
CA GLN A 104 -14.94 12.62 -6.03
C GLN A 104 -16.26 13.05 -6.66
N THR A 105 -17.34 12.86 -5.93
CA THR A 105 -18.65 13.22 -6.41
C THR A 105 -19.06 14.57 -5.80
N GLY A 106 -18.68 15.65 -6.45
CA GLY A 106 -19.03 16.96 -5.98
C GLY A 106 -17.87 17.90 -6.13
N GLY A 107 -17.73 18.83 -5.22
CA GLY A 107 -16.63 19.76 -5.30
C GLY A 107 -16.96 21.08 -4.66
N MET A 15 22.36 8.48 -6.60
CA MET A 15 22.89 7.12 -6.88
C MET A 15 22.90 6.27 -5.61
N ALA A 16 22.92 6.93 -4.46
CA ALA A 16 22.92 6.22 -3.19
C ALA A 16 21.55 6.33 -2.55
N ASP A 17 20.58 6.65 -3.38
CA ASP A 17 19.21 6.83 -2.94
C ASP A 17 18.60 5.50 -2.57
N GLU A 18 18.82 4.51 -3.42
CA GLU A 18 18.28 3.17 -3.20
C GLU A 18 19.27 2.31 -2.45
N LYS A 19 20.33 2.93 -1.94
CA LYS A 19 21.35 2.19 -1.24
C LYS A 19 21.93 3.05 -0.12
N PRO A 20 21.20 3.15 1.00
CA PRO A 20 21.62 3.93 2.15
C PRO A 20 22.45 3.10 3.12
N LYS A 21 22.76 3.67 4.27
CA LYS A 21 23.54 2.97 5.28
C LYS A 21 22.71 1.90 6.00
N GLU A 22 21.43 1.81 5.64
CA GLU A 22 20.55 0.81 6.21
C GLU A 22 20.97 -0.57 5.76
N GLY A 23 20.44 -1.59 6.38
CA GLY A 23 20.78 -2.95 6.01
C GLY A 23 20.63 -3.93 7.14
N VAL A 24 19.71 -3.65 8.05
CA VAL A 24 19.47 -4.55 9.15
C VAL A 24 18.57 -5.69 8.65
N LYS A 25 18.91 -6.93 9.03
CA LYS A 25 18.24 -8.12 8.51
C LYS A 25 18.18 -8.07 6.99
N THR A 26 19.34 -7.89 6.37
CA THR A 26 19.44 -7.78 4.91
C THR A 26 19.34 -9.15 4.24
N GLU A 27 18.31 -9.86 4.62
CA GLU A 27 18.02 -11.20 4.15
C GLU A 27 16.67 -11.64 4.71
N ASN A 28 16.58 -11.71 6.03
CA ASN A 28 15.34 -12.02 6.72
C ASN A 28 14.54 -10.75 6.90
N ASN A 29 14.43 -10.00 5.83
CA ASN A 29 13.78 -8.72 5.87
C ASN A 29 12.26 -8.87 5.81
N ASP A 30 11.80 -9.80 4.96
CA ASP A 30 10.38 -10.15 4.86
C ASP A 30 9.56 -8.99 4.28
N HIS A 31 10.06 -8.39 3.19
CA HIS A 31 9.37 -7.29 2.57
C HIS A 31 8.95 -7.62 1.15
N ILE A 32 7.89 -6.99 0.70
CA ILE A 32 7.39 -7.20 -0.64
C ILE A 32 7.20 -5.86 -1.34
N ASN A 33 6.92 -5.89 -2.61
CA ASN A 33 6.69 -4.68 -3.38
C ASN A 33 5.22 -4.56 -3.70
N LEU A 34 4.66 -3.39 -3.51
CA LEU A 34 3.28 -3.14 -3.85
C LEU A 34 3.20 -1.97 -4.79
N LYS A 35 2.40 -2.11 -5.82
CA LYS A 35 2.25 -1.06 -6.80
C LYS A 35 0.81 -0.64 -6.88
N VAL A 36 0.59 0.62 -7.09
CA VAL A 36 -0.74 1.15 -7.16
C VAL A 36 -0.99 1.82 -8.51
N ALA A 37 -2.06 1.43 -9.17
CA ALA A 37 -2.38 1.97 -10.46
C ALA A 37 -3.71 2.70 -10.41
N GLY A 38 -3.70 3.93 -10.85
CA GLY A 38 -4.90 4.71 -10.83
C GLY A 38 -5.51 4.83 -12.19
N GLN A 39 -6.83 5.02 -12.25
CA GLN A 39 -7.56 5.21 -13.52
C GLN A 39 -6.96 6.34 -14.38
N ASP A 40 -6.13 7.18 -13.77
CA ASP A 40 -5.46 8.28 -14.46
C ASP A 40 -4.38 7.72 -15.40
N GLY A 41 -3.92 6.52 -15.12
CA GLY A 41 -2.90 5.87 -15.94
C GLY A 41 -1.55 5.95 -15.28
N SER A 42 -1.54 6.37 -14.03
CA SER A 42 -0.32 6.50 -13.27
C SER A 42 -0.18 5.33 -12.30
N VAL A 43 1.06 5.04 -11.89
CA VAL A 43 1.34 3.94 -10.98
C VAL A 43 2.55 4.26 -10.11
N VAL A 44 2.49 3.88 -8.84
CA VAL A 44 3.59 4.11 -7.92
C VAL A 44 4.01 2.79 -7.28
N GLN A 45 5.32 2.58 -7.13
CA GLN A 45 5.83 1.35 -6.55
C GLN A 45 6.40 1.61 -5.15
N PHE A 46 6.23 0.64 -4.25
CA PHE A 46 6.69 0.78 -2.86
C PHE A 46 7.29 -0.54 -2.34
N ILE A 48 7.59 -2.45 1.15
CA ILE A 48 7.17 -2.51 2.54
C ILE A 48 7.05 -3.96 2.99
N LYS A 49 6.95 -4.19 4.28
CA LYS A 49 6.78 -5.52 4.78
C LYS A 49 5.36 -5.98 4.59
N ARG A 50 5.18 -7.28 4.45
CA ARG A 50 3.85 -7.85 4.26
C ARG A 50 3.02 -7.71 5.52
N HIS A 51 3.66 -7.38 6.61
CA HIS A 51 3.00 -7.26 7.88
C HIS A 51 2.93 -5.78 8.24
N THR A 52 3.49 -4.98 7.37
CA THR A 52 3.51 -3.55 7.51
C THR A 52 2.23 -2.96 6.90
N PRO A 53 1.63 -1.95 7.54
CA PRO A 53 0.40 -1.33 7.06
C PRO A 53 0.57 -0.72 5.67
N LEU A 54 -0.21 -1.21 4.71
CA LEU A 54 -0.16 -0.69 3.34
C LEU A 54 -0.68 0.73 3.28
N SER A 55 -1.39 1.12 4.33
CA SER A 55 -1.93 2.46 4.48
C SER A 55 -0.84 3.52 4.28
N LYS A 56 0.39 3.15 4.61
CA LYS A 56 1.53 4.04 4.45
C LYS A 56 1.70 4.39 2.97
N LEU A 57 1.66 3.37 2.11
CA LEU A 57 1.81 3.60 0.68
C LEU A 57 0.56 4.25 0.12
N MET A 58 -0.62 3.85 0.63
CA MET A 58 -1.87 4.41 0.16
C MET A 58 -1.94 5.91 0.42
N LYS A 59 -1.52 6.33 1.61
CA LYS A 59 -1.51 7.76 1.93
C LYS A 59 -0.44 8.46 1.13
N ALA A 60 0.70 7.80 0.94
CA ALA A 60 1.81 8.38 0.21
C ALA A 60 1.41 8.61 -1.23
N TYR A 61 0.59 7.70 -1.75
CA TYR A 61 0.08 7.80 -3.10
C TYR A 61 -0.75 9.06 -3.27
N CYS A 62 -1.76 9.22 -2.42
CA CYS A 62 -2.64 10.37 -2.49
C CYS A 62 -1.84 11.67 -2.34
N GLU A 63 -0.85 11.65 -1.47
CA GLU A 63 0.01 12.82 -1.24
C GLU A 63 0.77 13.21 -2.50
N ARG A 64 1.41 12.23 -3.13
CA ARG A 64 2.25 12.48 -4.31
C ARG A 64 1.42 12.75 -5.55
N GLN A 65 0.30 12.06 -5.68
CA GLN A 65 -0.56 12.21 -6.84
C GLN A 65 -1.41 13.45 -6.76
N GLY A 66 -1.59 13.97 -5.58
CA GLY A 66 -2.42 15.14 -5.44
C GLY A 66 -3.87 14.75 -5.28
N LEU A 67 -4.11 13.72 -4.50
CA LEU A 67 -5.46 13.24 -4.25
C LEU A 67 -5.68 13.13 -2.75
N SER A 68 -6.91 12.90 -2.34
CA SER A 68 -7.22 12.73 -0.95
C SER A 68 -7.94 11.40 -0.71
N MET A 69 -7.88 10.90 0.51
CA MET A 69 -8.52 9.62 0.86
C MET A 69 -10.03 9.66 0.63
N ARG A 70 -10.60 10.85 0.76
CA ARG A 70 -12.03 11.03 0.55
C ARG A 70 -12.33 11.24 -0.94
N GLN A 71 -11.29 11.56 -1.69
CA GLN A 71 -11.41 11.84 -3.12
C GLN A 71 -11.23 10.59 -3.96
N ILE A 72 -10.53 9.62 -3.43
CA ILE A 72 -10.28 8.38 -4.15
C ILE A 72 -10.49 7.19 -3.26
N ARG A 73 -10.33 6.02 -3.83
CA ARG A 73 -10.48 4.78 -3.09
C ARG A 73 -9.61 3.69 -3.66
N PHE A 74 -9.02 2.93 -2.77
CA PHE A 74 -8.16 1.83 -3.14
C PHE A 74 -8.95 0.53 -3.09
N ARG A 75 -8.69 -0.34 -4.02
CA ARG A 75 -9.37 -1.60 -4.09
C ARG A 75 -8.43 -2.70 -4.55
N PHE A 76 -8.63 -3.88 -4.03
CA PHE A 76 -7.84 -5.02 -4.39
C PHE A 76 -8.66 -6.27 -4.23
N ASP A 77 -8.38 -7.27 -5.05
CA ASP A 77 -9.12 -8.54 -5.06
C ASP A 77 -10.60 -8.28 -5.31
N GLY A 78 -10.88 -7.16 -5.90
CA GLY A 78 -12.25 -6.79 -6.16
C GLY A 78 -12.95 -6.23 -4.94
N GLN A 79 -12.21 -6.07 -3.84
CA GLN A 79 -12.79 -5.55 -2.61
C GLN A 79 -12.04 -4.28 -2.18
N PRO A 80 -12.75 -3.31 -1.63
CA PRO A 80 -12.16 -2.05 -1.16
C PRO A 80 -11.13 -2.28 -0.05
N ILE A 81 -10.05 -1.52 -0.09
CA ILE A 81 -9.00 -1.63 0.91
C ILE A 81 -9.18 -0.59 2.00
N ASN A 82 -8.82 -0.92 3.22
CA ASN A 82 -8.89 0.02 4.31
C ASN A 82 -7.47 0.29 4.77
N GLU A 83 -7.29 1.36 5.51
CA GLU A 83 -5.98 1.66 6.00
C GLU A 83 -5.64 0.80 7.21
N THR A 84 -6.65 0.13 7.73
CA THR A 84 -6.48 -0.73 8.88
C THR A 84 -6.00 -2.12 8.48
N ASP A 85 -6.05 -2.41 7.20
CA ASP A 85 -5.65 -3.72 6.70
C ASP A 85 -4.16 -3.81 6.45
N THR A 86 -3.67 -5.03 6.29
CA THR A 86 -2.30 -5.28 5.91
C THR A 86 -2.25 -6.07 4.60
N PRO A 87 -1.16 -5.93 3.83
CA PRO A 87 -1.00 -6.64 2.55
C PRO A 87 -1.11 -8.16 2.71
N ALA A 88 -0.70 -8.65 3.86
CA ALA A 88 -0.72 -10.08 4.14
C ALA A 88 -2.15 -10.59 4.33
N GLN A 89 -3.07 -9.69 4.62
CA GLN A 89 -4.47 -10.06 4.79
C GLN A 89 -5.10 -10.47 3.47
N LEU A 90 -4.73 -9.76 2.42
CA LEU A 90 -5.28 -10.03 1.11
C LEU A 90 -4.47 -11.10 0.38
N GLU A 91 -3.46 -11.66 1.08
CA GLU A 91 -2.62 -12.74 0.53
C GLU A 91 -1.96 -12.30 -0.77
N MET A 92 -1.68 -11.02 -0.88
CA MET A 92 -1.08 -10.46 -2.07
C MET A 92 0.42 -10.73 -2.10
N GLU A 93 1.03 -10.56 -3.26
CA GLU A 93 2.45 -10.85 -3.45
C GLU A 93 3.20 -9.62 -3.92
N ASP A 94 4.53 -9.69 -3.99
CA ASP A 94 5.32 -8.58 -4.48
C ASP A 94 5.01 -8.27 -5.93
N GLU A 95 5.07 -6.98 -6.26
CA GLU A 95 4.83 -6.45 -7.58
C GLU A 95 3.36 -6.54 -7.96
N ASP A 96 2.53 -6.74 -6.96
CA ASP A 96 1.08 -6.75 -7.16
C ASP A 96 0.59 -5.32 -7.47
N THR A 97 -0.54 -5.21 -8.17
CA THR A 97 -1.07 -3.91 -8.56
C THR A 97 -2.42 -3.59 -7.86
N ILE A 98 -2.54 -2.36 -7.36
CA ILE A 98 -3.73 -1.90 -6.65
C ILE A 98 -4.62 -1.08 -7.60
N ASP A 99 -5.92 -1.19 -7.44
CA ASP A 99 -6.88 -0.46 -8.26
C ASP A 99 -7.39 0.78 -7.53
N VAL A 100 -7.12 1.96 -8.07
CA VAL A 100 -7.62 3.20 -7.48
C VAL A 100 -8.60 3.90 -8.41
N PHE A 101 -9.70 4.38 -7.86
CA PHE A 101 -10.74 5.05 -8.63
C PHE A 101 -11.17 6.33 -7.91
N GLN A 102 -11.65 7.30 -8.67
CA GLN A 102 -12.07 8.58 -8.11
C GLN A 102 -13.45 8.48 -7.46
N GLN A 103 -13.50 8.68 -6.16
CA GLN A 103 -14.75 8.68 -5.41
C GLN A 103 -15.14 10.10 -5.05
N GLN A 104 -14.62 11.05 -5.79
CA GLN A 104 -14.93 12.44 -5.58
C GLN A 104 -16.07 12.86 -6.48
N THR A 105 -16.98 13.64 -5.96
CA THR A 105 -18.10 14.09 -6.71
C THR A 105 -17.73 15.24 -7.65
N GLY A 106 -18.49 15.39 -8.72
CA GLY A 106 -18.23 16.44 -9.69
C GLY A 106 -16.99 16.18 -10.52
N GLY A 107 -17.08 15.23 -11.42
CA GLY A 107 -15.96 14.92 -12.28
C GLY A 107 -15.63 13.45 -12.30
N MET A 15 10.65 0.08 29.67
CA MET A 15 10.32 -1.25 30.19
C MET A 15 9.87 -2.17 29.06
N ALA A 16 9.76 -1.61 27.85
CA ALA A 16 9.37 -2.36 26.66
C ALA A 16 8.03 -3.07 26.84
N ASP A 17 6.96 -2.30 26.98
CA ASP A 17 5.63 -2.86 27.12
C ASP A 17 4.92 -2.76 25.78
N GLU A 18 5.58 -2.10 24.84
CA GLU A 18 5.06 -1.93 23.50
C GLU A 18 5.90 -2.79 22.54
N LYS A 19 6.38 -3.90 23.05
CA LYS A 19 7.27 -4.76 22.31
C LYS A 19 6.51 -5.99 21.81
N PRO A 20 6.58 -6.29 20.52
CA PRO A 20 5.93 -7.46 19.95
C PRO A 20 6.72 -8.74 20.22
N LYS A 21 6.36 -9.82 19.54
CA LYS A 21 7.03 -11.10 19.71
C LYS A 21 7.60 -11.55 18.39
N GLU A 22 7.47 -10.71 17.40
CA GLU A 22 7.94 -11.01 16.06
C GLU A 22 9.38 -10.57 15.88
N GLY A 23 10.06 -10.41 16.99
CA GLY A 23 11.45 -9.99 16.96
C GLY A 23 12.38 -11.15 16.75
N VAL A 24 12.23 -11.81 15.62
CA VAL A 24 13.05 -12.95 15.28
C VAL A 24 13.89 -12.65 14.05
N LYS A 25 15.20 -12.84 14.17
CA LYS A 25 16.13 -12.59 13.07
C LYS A 25 15.80 -13.45 11.84
N THR A 26 15.10 -12.86 10.90
CA THR A 26 14.75 -13.51 9.66
C THR A 26 15.68 -13.02 8.54
N GLU A 27 15.33 -13.27 7.30
CA GLU A 27 16.15 -12.84 6.18
C GLU A 27 15.69 -11.47 5.68
N ASN A 28 16.15 -11.09 4.50
CA ASN A 28 15.79 -9.81 3.90
C ASN A 28 14.62 -9.97 2.93
N ASN A 29 13.92 -11.07 3.08
CA ASN A 29 12.76 -11.38 2.23
C ASN A 29 11.48 -11.32 3.04
N ASP A 30 11.48 -10.47 4.06
CA ASP A 30 10.33 -10.29 4.95
C ASP A 30 9.36 -9.26 4.39
N HIS A 31 9.78 -8.61 3.34
CA HIS A 31 9.02 -7.53 2.77
C HIS A 31 8.73 -7.78 1.30
N ILE A 32 7.72 -7.11 0.79
CA ILE A 32 7.29 -7.28 -0.59
C ILE A 32 7.15 -5.94 -1.28
N ASN A 33 6.95 -5.98 -2.57
CA ASN A 33 6.76 -4.78 -3.36
C ASN A 33 5.30 -4.65 -3.74
N LEU A 34 4.76 -3.46 -3.63
CA LEU A 34 3.38 -3.22 -4.01
C LEU A 34 3.30 -2.06 -4.96
N LYS A 35 2.50 -2.20 -5.99
CA LYS A 35 2.34 -1.15 -6.96
C LYS A 35 0.89 -0.74 -7.02
N VAL A 36 0.66 0.51 -7.26
CA VAL A 36 -0.69 1.05 -7.31
C VAL A 36 -0.96 1.74 -8.63
N ALA A 37 -2.08 1.44 -9.25
CA ALA A 37 -2.45 2.03 -10.52
C ALA A 37 -3.75 2.81 -10.39
N GLY A 38 -3.74 4.04 -10.81
CA GLY A 38 -4.90 4.87 -10.74
C GLY A 38 -5.58 5.01 -12.08
N GLN A 39 -6.90 5.12 -12.06
CA GLN A 39 -7.71 5.31 -13.28
C GLN A 39 -7.22 6.48 -14.16
N ASP A 40 -6.53 7.44 -13.57
CA ASP A 40 -6.02 8.59 -14.30
C ASP A 40 -4.81 8.20 -15.12
N GLY A 41 -4.21 7.07 -14.79
CA GLY A 41 -3.10 6.56 -15.56
C GLY A 41 -1.79 6.74 -14.86
N SER A 42 -1.84 6.79 -13.54
CA SER A 42 -0.66 6.95 -12.73
C SER A 42 -0.36 5.67 -11.95
N VAL A 43 0.91 5.38 -11.71
CA VAL A 43 1.30 4.18 -10.98
C VAL A 43 2.54 4.42 -10.12
N VAL A 44 2.49 4.00 -8.86
CA VAL A 44 3.61 4.18 -7.94
C VAL A 44 4.02 2.83 -7.36
N GLN A 45 5.31 2.59 -7.23
CA GLN A 45 5.81 1.34 -6.68
C GLN A 45 6.39 1.56 -5.29
N PHE A 46 6.17 0.60 -4.38
CA PHE A 46 6.63 0.71 -3.00
C PHE A 46 7.27 -0.58 -2.50
N ILE A 48 7.59 -2.39 1.03
CA ILE A 48 7.18 -2.39 2.44
C ILE A 48 7.12 -3.80 2.99
N LYS A 49 7.11 -3.92 4.30
CA LYS A 49 7.03 -5.21 4.94
C LYS A 49 5.62 -5.76 4.83
N ARG A 50 5.48 -7.07 4.74
CA ARG A 50 4.18 -7.72 4.62
C ARG A 50 3.44 -7.64 5.94
N HIS A 51 4.17 -7.27 6.98
CA HIS A 51 3.64 -7.19 8.32
C HIS A 51 3.35 -5.71 8.63
N THR A 52 3.75 -4.87 7.69
CA THR A 52 3.57 -3.43 7.79
C THR A 52 2.29 -3.03 7.06
N PRO A 53 1.55 -2.04 7.60
CA PRO A 53 0.29 -1.59 7.00
C PRO A 53 0.49 -0.98 5.62
N LEU A 54 -0.29 -1.45 4.64
CA LEU A 54 -0.18 -0.97 3.26
C LEU A 54 -0.70 0.46 3.16
N SER A 55 -1.43 0.86 4.17
CA SER A 55 -1.99 2.18 4.31
C SER A 55 -0.92 3.26 4.12
N LYS A 56 0.32 2.91 4.47
CA LYS A 56 1.43 3.84 4.32
C LYS A 56 1.64 4.17 2.86
N LEU A 57 1.57 3.16 1.99
CA LEU A 57 1.72 3.38 0.56
C LEU A 57 0.48 4.06 0.01
N MET A 58 -0.70 3.65 0.50
CA MET A 58 -1.95 4.24 0.03
C MET A 58 -1.99 5.74 0.29
N LYS A 59 -1.68 6.14 1.50
CA LYS A 59 -1.69 7.54 1.85
C LYS A 59 -0.57 8.29 1.14
N ALA A 60 0.57 7.62 0.98
CA ALA A 60 1.70 8.23 0.27
C ALA A 60 1.32 8.50 -1.18
N TYR A 61 0.56 7.57 -1.77
CA TYR A 61 0.11 7.69 -3.14
C TYR A 61 -0.69 8.97 -3.33
N CYS A 62 -1.73 9.16 -2.54
CA CYS A 62 -2.57 10.33 -2.67
C CYS A 62 -1.80 11.61 -2.37
N GLU A 63 -0.91 11.56 -1.40
CA GLU A 63 -0.11 12.72 -1.02
C GLU A 63 0.87 13.12 -2.12
N ARG A 64 1.44 12.14 -2.81
CA ARG A 64 2.40 12.43 -3.87
C ARG A 64 1.70 12.71 -5.22
N GLN A 65 0.62 11.99 -5.49
CA GLN A 65 -0.09 12.13 -6.78
C GLN A 65 -0.96 13.37 -6.83
N GLY A 66 -1.32 13.87 -5.67
CA GLY A 66 -2.17 15.04 -5.62
C GLY A 66 -3.62 14.64 -5.53
N LEU A 67 -3.88 13.58 -4.80
CA LEU A 67 -5.23 13.08 -4.61
C LEU A 67 -5.57 13.04 -3.13
N SER A 68 -6.84 12.95 -2.81
CA SER A 68 -7.26 12.89 -1.42
C SER A 68 -7.94 11.55 -1.13
N MET A 69 -7.88 11.11 0.13
CA MET A 69 -8.54 9.87 0.55
C MET A 69 -10.05 9.96 0.40
N ARG A 70 -10.57 11.16 0.45
CA ARG A 70 -11.97 11.40 0.26
C ARG A 70 -12.30 11.54 -1.23
N GLN A 71 -11.27 11.77 -2.02
CA GLN A 71 -11.42 11.95 -3.46
C GLN A 71 -11.22 10.64 -4.22
N ILE A 72 -10.45 9.74 -3.65
CA ILE A 72 -10.20 8.45 -4.29
C ILE A 72 -10.45 7.29 -3.34
N ARG A 73 -10.23 6.08 -3.84
CA ARG A 73 -10.37 4.88 -3.05
C ARG A 73 -9.58 3.74 -3.65
N PHE A 74 -9.00 2.92 -2.79
CA PHE A 74 -8.16 1.81 -3.20
C PHE A 74 -8.94 0.50 -3.14
N ARG A 75 -8.65 -0.39 -4.07
CA ARG A 75 -9.34 -1.67 -4.15
C ARG A 75 -8.38 -2.77 -4.55
N PHE A 76 -8.63 -3.98 -4.06
CA PHE A 76 -7.83 -5.13 -4.38
C PHE A 76 -8.65 -6.39 -4.28
N ASP A 77 -8.38 -7.34 -5.17
CA ASP A 77 -9.12 -8.61 -5.25
C ASP A 77 -10.61 -8.38 -5.40
N GLY A 78 -10.98 -7.23 -5.91
CA GLY A 78 -12.37 -6.89 -6.05
C GLY A 78 -12.93 -6.20 -4.82
N GLN A 79 -12.32 -6.40 -3.69
CA GLN A 79 -12.78 -5.82 -2.43
C GLN A 79 -12.07 -4.51 -2.14
N PRO A 80 -12.73 -3.58 -1.44
CA PRO A 80 -12.13 -2.29 -1.10
C PRO A 80 -11.07 -2.42 -0.02
N ILE A 81 -10.02 -1.64 -0.11
CA ILE A 81 -8.95 -1.69 0.86
C ILE A 81 -9.19 -0.66 1.96
N ASN A 82 -8.85 -1.02 3.19
CA ASN A 82 -8.99 -0.11 4.30
C ASN A 82 -7.62 0.22 4.83
N GLU A 83 -7.51 1.33 5.50
CA GLU A 83 -6.24 1.73 6.07
C GLU A 83 -5.91 0.88 7.30
N THR A 84 -6.89 0.15 7.77
CA THR A 84 -6.68 -0.72 8.91
C THR A 84 -6.35 -2.15 8.48
N ASP A 85 -6.17 -2.36 7.18
CA ASP A 85 -5.83 -3.69 6.67
C ASP A 85 -4.34 -3.80 6.39
N THR A 86 -3.85 -5.02 6.28
CA THR A 86 -2.45 -5.27 5.95
C THR A 86 -2.33 -6.00 4.61
N PRO A 87 -1.18 -5.85 3.93
CA PRO A 87 -0.94 -6.49 2.63
C PRO A 87 -1.00 -8.01 2.73
N ALA A 88 -0.55 -8.54 3.87
CA ALA A 88 -0.54 -9.97 4.09
C ALA A 88 -1.94 -10.49 4.37
N GLN A 89 -2.89 -9.59 4.59
CA GLN A 89 -4.26 -9.98 4.85
C GLN A 89 -4.94 -10.39 3.56
N LEU A 90 -4.66 -9.63 2.51
CA LEU A 90 -5.25 -9.91 1.21
C LEU A 90 -4.42 -10.94 0.46
N GLU A 91 -3.48 -11.59 1.20
CA GLU A 91 -2.59 -12.64 0.66
C GLU A 91 -2.01 -12.27 -0.70
N MET A 92 -1.59 -11.03 -0.82
CA MET A 92 -1.05 -10.53 -2.06
C MET A 92 0.45 -10.82 -2.15
N GLU A 93 1.00 -10.70 -3.35
CA GLU A 93 2.40 -10.99 -3.56
C GLU A 93 3.14 -9.75 -4.01
N ASP A 94 4.46 -9.81 -4.02
CA ASP A 94 5.28 -8.71 -4.48
C ASP A 94 5.02 -8.39 -5.95
N GLU A 95 5.06 -7.10 -6.25
CA GLU A 95 4.89 -6.54 -7.58
C GLU A 95 3.43 -6.61 -8.03
N ASP A 96 2.53 -6.81 -7.07
CA ASP A 96 1.09 -6.82 -7.38
C ASP A 96 0.58 -5.39 -7.55
N THR A 97 -0.57 -5.22 -8.18
CA THR A 97 -1.08 -3.90 -8.48
C THR A 97 -2.41 -3.59 -7.74
N ILE A 98 -2.51 -2.37 -7.24
CA ILE A 98 -3.70 -1.87 -6.54
C ILE A 98 -4.55 -1.04 -7.50
N ASP A 99 -5.87 -1.14 -7.40
CA ASP A 99 -6.76 -0.36 -8.27
C ASP A 99 -7.32 0.84 -7.53
N VAL A 100 -7.09 2.02 -8.05
CA VAL A 100 -7.61 3.25 -7.45
C VAL A 100 -8.60 3.92 -8.37
N PHE A 101 -9.69 4.42 -7.79
CA PHE A 101 -10.73 5.08 -8.55
C PHE A 101 -11.18 6.33 -7.82
N GLN A 102 -11.68 7.29 -8.58
CA GLN A 102 -12.10 8.57 -8.03
C GLN A 102 -13.50 8.48 -7.41
N GLN A 103 -13.56 8.64 -6.11
CA GLN A 103 -14.82 8.65 -5.38
C GLN A 103 -15.18 10.07 -4.97
N GLN A 104 -14.62 11.03 -5.70
CA GLN A 104 -14.83 12.44 -5.45
C GLN A 104 -16.30 12.81 -5.63
N THR A 105 -16.81 13.64 -4.74
CA THR A 105 -18.20 14.06 -4.76
C THR A 105 -18.51 14.92 -5.99
N GLY A 106 -17.64 15.86 -6.29
CA GLY A 106 -17.84 16.73 -7.42
C GLY A 106 -18.29 18.11 -6.99
N GLY A 107 -19.43 18.18 -6.35
CA GLY A 107 -19.93 19.43 -5.85
C GLY A 107 -19.71 19.57 -4.37
N MET A 15 28.72 11.26 -0.75
CA MET A 15 28.91 10.91 0.68
C MET A 15 29.76 9.64 0.85
N ALA A 16 29.48 8.63 0.03
CA ALA A 16 30.24 7.39 0.08
C ALA A 16 31.03 7.22 -1.19
N ASP A 17 31.18 8.31 -1.91
CA ASP A 17 31.87 8.32 -3.18
C ASP A 17 33.39 8.41 -2.98
N GLU A 18 33.81 8.59 -1.73
CA GLU A 18 35.22 8.65 -1.39
C GLU A 18 35.60 7.52 -0.45
N LYS A 19 34.70 6.56 -0.30
CA LYS A 19 34.88 5.46 0.63
C LYS A 19 34.32 4.18 0.03
N PRO A 20 34.58 3.01 0.66
CA PRO A 20 34.06 1.74 0.18
C PRO A 20 32.54 1.65 0.27
N LYS A 21 32.01 0.54 -0.23
CA LYS A 21 30.57 0.29 -0.21
C LYS A 21 30.10 -0.10 1.20
N GLU A 22 31.03 -0.25 2.13
CA GLU A 22 30.71 -0.65 3.50
C GLU A 22 29.94 0.46 4.21
N GLY A 23 28.87 0.07 4.89
CA GLY A 23 28.04 1.04 5.57
C GLY A 23 26.58 0.96 5.16
N VAL A 24 26.32 0.27 4.07
CA VAL A 24 24.95 0.13 3.57
C VAL A 24 24.17 -0.96 4.32
N LYS A 25 23.19 -0.54 5.12
CA LYS A 25 22.35 -1.46 5.87
C LYS A 25 20.89 -1.29 5.50
N THR A 26 20.40 -2.16 4.65
CA THR A 26 19.01 -2.10 4.25
C THR A 26 18.32 -3.43 4.57
N GLU A 27 17.07 -3.36 5.02
CA GLU A 27 16.28 -4.56 5.32
C GLU A 27 16.30 -5.57 4.16
N ASN A 28 16.25 -6.85 4.51
CA ASN A 28 16.16 -7.93 3.53
C ASN A 28 15.19 -8.96 4.06
N ASN A 29 14.48 -8.59 5.11
CA ASN A 29 13.65 -9.53 5.83
C ASN A 29 12.17 -9.33 5.57
N ASP A 30 11.58 -10.29 4.86
CA ASP A 30 10.12 -10.41 4.69
C ASP A 30 9.42 -9.14 4.22
N HIS A 31 9.95 -8.51 3.18
CA HIS A 31 9.30 -7.34 2.61
C HIS A 31 8.99 -7.56 1.14
N ILE A 32 7.91 -6.95 0.67
CA ILE A 32 7.45 -7.14 -0.70
C ILE A 32 7.19 -5.81 -1.39
N ASN A 33 7.02 -5.87 -2.69
CA ASN A 33 6.74 -4.69 -3.50
C ASN A 33 5.26 -4.60 -3.75
N LEU A 34 4.73 -3.41 -3.70
CA LEU A 34 3.33 -3.18 -3.99
C LEU A 34 3.20 -2.04 -4.97
N LYS A 35 2.30 -2.16 -5.91
CA LYS A 35 2.10 -1.13 -6.90
C LYS A 35 0.66 -0.68 -6.93
N VAL A 36 0.44 0.57 -7.18
CA VAL A 36 -0.90 1.13 -7.22
C VAL A 36 -1.14 1.86 -8.53
N ALA A 37 -2.26 1.60 -9.18
CA ALA A 37 -2.58 2.22 -10.46
C ALA A 37 -3.78 3.16 -10.32
N GLY A 38 -3.63 4.36 -10.86
CA GLY A 38 -4.68 5.35 -10.79
C GLY A 38 -5.52 5.39 -12.03
N GLN A 39 -6.55 6.21 -12.01
CA GLN A 39 -7.48 6.33 -13.13
C GLN A 39 -6.81 6.97 -14.33
N ASP A 40 -5.79 7.74 -14.05
CA ASP A 40 -5.06 8.45 -15.09
C ASP A 40 -4.01 7.55 -15.73
N GLY A 41 -3.86 6.34 -15.20
CA GLY A 41 -2.89 5.42 -15.74
C GLY A 41 -1.56 5.49 -15.02
N SER A 42 -1.49 6.30 -13.98
CA SER A 42 -0.27 6.44 -13.20
C SER A 42 -0.14 5.25 -12.26
N VAL A 43 1.08 4.96 -11.86
CA VAL A 43 1.34 3.85 -10.97
C VAL A 43 2.55 4.14 -10.10
N VAL A 44 2.43 3.82 -8.82
CA VAL A 44 3.52 4.04 -7.89
C VAL A 44 3.94 2.73 -7.28
N GLN A 45 5.24 2.49 -7.17
CA GLN A 45 5.75 1.25 -6.62
C GLN A 45 6.34 1.47 -5.24
N PHE A 46 6.15 0.51 -4.35
CA PHE A 46 6.65 0.64 -2.97
C PHE A 46 7.23 -0.69 -2.48
N ILE A 48 7.61 -2.53 1.06
CA ILE A 48 7.26 -2.53 2.48
C ILE A 48 7.15 -3.96 2.99
N LYS A 49 7.13 -4.11 4.31
CA LYS A 49 6.99 -5.42 4.90
C LYS A 49 5.56 -5.90 4.79
N ARG A 50 5.37 -7.21 4.65
CA ARG A 50 4.04 -7.79 4.55
C ARG A 50 3.32 -7.73 5.89
N HIS A 51 4.06 -7.41 6.94
CA HIS A 51 3.51 -7.31 8.28
C HIS A 51 3.31 -5.83 8.61
N THR A 52 3.74 -5.01 7.68
CA THR A 52 3.63 -3.58 7.76
C THR A 52 2.32 -3.11 7.09
N PRO A 53 1.60 -2.15 7.72
CA PRO A 53 0.34 -1.65 7.18
C PRO A 53 0.51 -0.99 5.79
N LEU A 54 -0.35 -1.39 4.86
CA LEU A 54 -0.29 -0.88 3.49
C LEU A 54 -0.73 0.58 3.41
N SER A 55 -1.41 1.04 4.46
CA SER A 55 -1.90 2.42 4.53
C SER A 55 -0.79 3.44 4.28
N LYS A 56 0.43 3.06 4.62
CA LYS A 56 1.58 3.93 4.45
C LYS A 56 1.74 4.30 2.97
N LEU A 57 1.67 3.29 2.10
CA LEU A 57 1.81 3.50 0.67
C LEU A 57 0.57 4.16 0.10
N MET A 58 -0.61 3.79 0.62
CA MET A 58 -1.87 4.34 0.11
C MET A 58 -1.94 5.84 0.34
N LYS A 59 -1.65 6.27 1.55
CA LYS A 59 -1.68 7.69 1.86
C LYS A 59 -0.53 8.40 1.16
N ALA A 60 0.60 7.72 1.01
CA ALA A 60 1.73 8.30 0.31
C ALA A 60 1.37 8.55 -1.14
N TYR A 61 0.57 7.64 -1.70
CA TYR A 61 0.10 7.75 -3.06
C TYR A 61 -0.70 9.03 -3.26
N CYS A 62 -1.71 9.24 -2.43
CA CYS A 62 -2.55 10.41 -2.57
C CYS A 62 -1.77 11.69 -2.29
N GLU A 63 -0.83 11.63 -1.36
CA GLU A 63 -0.01 12.78 -1.02
C GLU A 63 0.88 13.18 -2.20
N ARG A 64 1.47 12.21 -2.88
CA ARG A 64 2.37 12.49 -4.00
C ARG A 64 1.59 12.80 -5.28
N GLN A 65 0.44 12.15 -5.45
CA GLN A 65 -0.37 12.31 -6.66
C GLN A 65 -1.23 13.55 -6.64
N GLY A 66 -1.51 14.05 -5.46
CA GLY A 66 -2.37 15.20 -5.35
C GLY A 66 -3.82 14.78 -5.26
N LEU A 67 -4.07 13.72 -4.51
CA LEU A 67 -5.40 13.19 -4.32
C LEU A 67 -5.72 13.07 -2.84
N SER A 68 -6.97 12.85 -2.51
CA SER A 68 -7.38 12.67 -1.13
C SER A 68 -8.12 11.36 -0.96
N MET A 69 -8.18 10.85 0.26
CA MET A 69 -8.87 9.58 0.55
C MET A 69 -10.37 9.69 0.31
N ARG A 70 -10.89 10.90 0.40
CA ARG A 70 -12.31 11.14 0.11
C ARG A 70 -12.52 11.38 -1.37
N GLN A 71 -11.43 11.62 -2.09
CA GLN A 71 -11.47 11.88 -3.52
C GLN A 71 -11.23 10.62 -4.31
N ILE A 72 -10.53 9.68 -3.72
CA ILE A 72 -10.25 8.40 -4.37
C ILE A 72 -10.53 7.24 -3.44
N ARG A 73 -10.33 6.03 -3.94
CA ARG A 73 -10.53 4.83 -3.16
C ARG A 73 -9.67 3.70 -3.69
N PHE A 74 -9.12 2.92 -2.78
CA PHE A 74 -8.26 1.82 -3.13
C PHE A 74 -9.04 0.50 -3.08
N ARG A 75 -8.78 -0.37 -4.04
CA ARG A 75 -9.48 -1.63 -4.14
C ARG A 75 -8.55 -2.72 -4.66
N PHE A 76 -8.62 -3.89 -4.04
CA PHE A 76 -7.78 -5.01 -4.42
C PHE A 76 -8.57 -6.30 -4.34
N ASP A 77 -8.27 -7.23 -5.22
CA ASP A 77 -8.94 -8.54 -5.30
C ASP A 77 -10.46 -8.39 -5.37
N GLY A 78 -10.92 -7.26 -5.87
CA GLY A 78 -12.33 -7.02 -5.99
C GLY A 78 -12.95 -6.38 -4.74
N GLN A 79 -12.21 -6.35 -3.65
CA GLN A 79 -12.72 -5.78 -2.41
C GLN A 79 -12.02 -4.44 -2.10
N PRO A 80 -12.72 -3.53 -1.40
CA PRO A 80 -12.16 -2.23 -1.04
C PRO A 80 -11.10 -2.37 0.08
N ILE A 81 -10.03 -1.61 -0.03
CA ILE A 81 -8.96 -1.67 0.95
C ILE A 81 -9.15 -0.59 2.00
N ASN A 82 -8.75 -0.88 3.22
CA ASN A 82 -8.82 0.09 4.28
C ASN A 82 -7.44 0.37 4.76
N GLU A 83 -7.26 1.46 5.47
CA GLU A 83 -5.98 1.83 6.00
C GLU A 83 -5.59 0.89 7.14
N THR A 84 -6.56 0.17 7.66
CA THR A 84 -6.37 -0.71 8.76
C THR A 84 -5.91 -2.09 8.33
N ASP A 85 -6.01 -2.41 7.05
CA ASP A 85 -5.64 -3.72 6.58
C ASP A 85 -4.15 -3.83 6.25
N THR A 86 -3.66 -5.06 6.20
CA THR A 86 -2.27 -5.32 5.87
C THR A 86 -2.17 -6.05 4.54
N PRO A 87 -1.03 -5.93 3.84
CA PRO A 87 -0.80 -6.60 2.55
C PRO A 87 -0.91 -8.12 2.67
N ALA A 88 -0.58 -8.64 3.85
CA ALA A 88 -0.62 -10.06 4.10
C ALA A 88 -2.06 -10.53 4.29
N GLN A 89 -2.97 -9.61 4.59
CA GLN A 89 -4.37 -9.94 4.80
C GLN A 89 -5.00 -10.37 3.50
N LEU A 90 -4.67 -9.66 2.44
CA LEU A 90 -5.20 -9.95 1.13
C LEU A 90 -4.34 -11.01 0.47
N GLU A 91 -3.38 -11.56 1.26
CA GLU A 91 -2.44 -12.61 0.82
C GLU A 91 -1.88 -12.34 -0.57
N MET A 92 -1.52 -11.09 -0.79
CA MET A 92 -1.02 -10.63 -2.06
C MET A 92 0.47 -10.92 -2.18
N GLU A 93 1.01 -10.75 -3.38
CA GLU A 93 2.42 -11.01 -3.62
C GLU A 93 3.11 -9.72 -4.04
N ASP A 94 4.44 -9.74 -4.06
CA ASP A 94 5.21 -8.60 -4.54
C ASP A 94 4.87 -8.24 -5.97
N GLU A 95 4.86 -6.95 -6.23
CA GLU A 95 4.58 -6.36 -7.54
C GLU A 95 3.11 -6.44 -7.88
N ASP A 96 2.27 -6.70 -6.90
CA ASP A 96 0.84 -6.76 -7.14
C ASP A 96 0.30 -5.35 -7.35
N THR A 97 -0.82 -5.22 -8.06
CA THR A 97 -1.33 -3.91 -8.42
C THR A 97 -2.65 -3.58 -7.70
N ILE A 98 -2.72 -2.34 -7.23
CA ILE A 98 -3.90 -1.82 -6.54
C ILE A 98 -4.73 -0.99 -7.51
N ASP A 99 -6.05 -1.13 -7.46
CA ASP A 99 -6.93 -0.35 -8.32
C ASP A 99 -7.48 0.84 -7.57
N VAL A 100 -7.20 2.02 -8.06
CA VAL A 100 -7.71 3.23 -7.45
C VAL A 100 -8.71 3.90 -8.38
N PHE A 101 -9.78 4.40 -7.81
CA PHE A 101 -10.83 5.04 -8.58
C PHE A 101 -11.29 6.30 -7.86
N GLN A 102 -11.80 7.25 -8.62
CA GLN A 102 -12.21 8.53 -8.05
C GLN A 102 -13.60 8.45 -7.39
N GLN A 103 -13.63 8.68 -6.10
CA GLN A 103 -14.87 8.71 -5.32
C GLN A 103 -15.18 10.12 -4.86
N GLN A 104 -14.55 11.08 -5.52
CA GLN A 104 -14.70 12.50 -5.21
C GLN A 104 -16.16 12.94 -5.22
N THR A 105 -16.63 13.43 -4.09
CA THR A 105 -18.01 13.90 -3.95
C THR A 105 -18.09 15.43 -4.13
N GLY A 106 -17.23 15.94 -4.97
CA GLY A 106 -17.19 17.37 -5.20
C GLY A 106 -16.47 17.70 -6.48
N GLY A 107 -16.78 16.95 -7.53
CA GLY A 107 -16.15 17.17 -8.80
C GLY A 107 -16.82 16.38 -9.89
N MET A 15 12.97 -21.28 25.88
CA MET A 15 12.38 -22.57 26.30
C MET A 15 11.90 -23.39 25.11
N ALA A 16 11.41 -22.72 24.06
CA ALA A 16 10.93 -23.42 22.87
C ALA A 16 12.07 -23.71 21.91
N ASP A 17 13.28 -23.51 22.40
CA ASP A 17 14.50 -23.73 21.62
C ASP A 17 14.86 -25.19 21.65
N GLU A 18 14.27 -25.91 22.59
CA GLU A 18 14.55 -27.32 22.76
C GLU A 18 14.02 -28.14 21.58
N LYS A 19 14.93 -28.44 20.66
CA LYS A 19 14.65 -29.24 19.48
C LYS A 19 13.62 -28.55 18.57
N PRO A 20 14.08 -27.63 17.72
CA PRO A 20 13.22 -26.88 16.81
C PRO A 20 12.95 -27.66 15.51
N LYS A 21 12.34 -26.98 14.55
CA LYS A 21 12.01 -27.59 13.27
C LYS A 21 13.06 -27.27 12.21
N GLU A 22 14.11 -26.59 12.62
CA GLU A 22 15.15 -26.16 11.71
C GLU A 22 16.52 -26.38 12.29
N GLY A 23 17.55 -26.11 11.50
CA GLY A 23 18.90 -26.28 11.97
C GLY A 23 19.51 -24.95 12.37
N VAL A 24 19.51 -24.00 11.46
CA VAL A 24 20.03 -22.68 11.72
C VAL A 24 18.89 -21.66 11.74
N LYS A 25 18.75 -20.97 12.87
CA LYS A 25 17.71 -19.97 13.04
C LYS A 25 18.11 -18.70 12.31
N THR A 26 17.25 -18.21 11.44
CA THR A 26 17.52 -17.02 10.67
C THR A 26 16.28 -16.14 10.53
N GLU A 27 16.45 -14.85 10.70
CA GLU A 27 15.36 -13.90 10.58
C GLU A 27 15.59 -12.96 9.44
N ASN A 28 14.84 -13.16 8.38
CA ASN A 28 14.93 -12.35 7.21
C ASN A 28 13.74 -11.45 7.14
N ASN A 29 13.98 -10.20 6.87
CA ASN A 29 12.92 -9.22 6.77
C ASN A 29 12.04 -9.48 5.57
N ASP A 30 10.89 -10.09 5.82
CA ASP A 30 9.97 -10.45 4.77
C ASP A 30 9.17 -9.24 4.31
N HIS A 31 9.65 -8.62 3.25
CA HIS A 31 9.01 -7.45 2.70
C HIS A 31 8.64 -7.67 1.25
N ILE A 32 7.65 -6.96 0.79
CA ILE A 32 7.18 -7.11 -0.57
C ILE A 32 7.05 -5.76 -1.25
N ASN A 33 6.84 -5.79 -2.54
CA ASN A 33 6.64 -4.59 -3.32
C ASN A 33 5.16 -4.45 -3.64
N LEU A 34 4.65 -3.26 -3.58
CA LEU A 34 3.27 -3.01 -3.91
C LEU A 34 3.19 -1.92 -4.95
N LYS A 35 2.35 -2.10 -5.93
CA LYS A 35 2.19 -1.11 -6.97
C LYS A 35 0.73 -0.71 -7.05
N VAL A 36 0.47 0.56 -7.23
CA VAL A 36 -0.89 1.04 -7.24
C VAL A 36 -1.16 1.80 -8.53
N ALA A 37 -2.25 1.47 -9.19
CA ALA A 37 -2.61 2.09 -10.45
C ALA A 37 -3.91 2.87 -10.29
N GLY A 38 -3.95 4.07 -10.84
CA GLY A 38 -5.13 4.89 -10.71
C GLY A 38 -5.73 5.28 -12.03
N GLN A 39 -6.99 5.70 -12.01
CA GLN A 39 -7.71 6.11 -13.22
C GLN A 39 -7.08 7.36 -13.82
N ASP A 40 -6.21 7.98 -13.04
CA ASP A 40 -5.51 9.19 -13.45
C ASP A 40 -4.36 8.87 -14.41
N GLY A 41 -4.24 7.61 -14.82
CA GLY A 41 -3.20 7.22 -15.75
C GLY A 41 -1.82 7.19 -15.11
N SER A 42 -1.74 6.77 -13.87
CA SER A 42 -0.47 6.73 -13.19
C SER A 42 -0.37 5.52 -12.27
N VAL A 43 0.86 5.16 -11.90
CA VAL A 43 1.13 4.01 -11.04
C VAL A 43 2.38 4.26 -10.20
N VAL A 44 2.35 3.87 -8.93
CA VAL A 44 3.48 4.07 -8.03
C VAL A 44 3.90 2.74 -7.43
N GLN A 45 5.20 2.55 -7.26
CA GLN A 45 5.73 1.33 -6.67
C GLN A 45 6.27 1.60 -5.26
N PHE A 46 6.05 0.65 -4.33
CA PHE A 46 6.48 0.80 -2.93
C PHE A 46 7.12 -0.49 -2.42
N ILE A 48 7.50 -2.33 1.18
CA ILE A 48 7.15 -2.35 2.60
C ILE A 48 7.06 -3.79 3.08
N LYS A 49 7.03 -3.97 4.39
CA LYS A 49 6.88 -5.28 4.95
C LYS A 49 5.45 -5.75 4.81
N ARG A 50 5.26 -7.01 4.47
CA ARG A 50 3.91 -7.55 4.32
C ARG A 50 3.21 -7.64 5.67
N HIS A 51 3.98 -7.47 6.73
CA HIS A 51 3.46 -7.52 8.07
C HIS A 51 3.25 -6.07 8.57
N THR A 52 3.52 -5.14 7.68
CA THR A 52 3.36 -3.72 7.93
C THR A 52 2.08 -3.21 7.23
N PRO A 53 1.35 -2.26 7.87
CA PRO A 53 0.11 -1.71 7.30
C PRO A 53 0.33 -1.02 5.95
N LEU A 54 -0.49 -1.38 4.97
CA LEU A 54 -0.38 -0.81 3.64
C LEU A 54 -0.82 0.66 3.60
N SER A 55 -1.52 1.09 4.64
CA SER A 55 -2.01 2.47 4.76
C SER A 55 -0.90 3.48 4.52
N LYS A 56 0.33 3.10 4.86
CA LYS A 56 1.49 3.96 4.68
C LYS A 56 1.66 4.30 3.19
N LEU A 57 1.60 3.28 2.35
CA LEU A 57 1.79 3.46 0.91
C LEU A 57 0.57 4.13 0.30
N MET A 58 -0.61 3.85 0.84
CA MET A 58 -1.85 4.42 0.31
C MET A 58 -1.84 5.94 0.43
N LYS A 59 -1.54 6.44 1.62
CA LYS A 59 -1.47 7.87 1.82
C LYS A 59 -0.32 8.47 1.04
N ALA A 60 0.77 7.73 0.92
CA ALA A 60 1.93 8.21 0.18
C ALA A 60 1.57 8.38 -1.29
N TYR A 61 0.72 7.49 -1.79
CA TYR A 61 0.27 7.54 -3.16
C TYR A 61 -0.52 8.83 -3.41
N CYS A 62 -1.56 9.05 -2.63
CA CYS A 62 -2.42 10.22 -2.82
C CYS A 62 -1.64 11.52 -2.61
N GLU A 63 -0.71 11.52 -1.66
CA GLU A 63 0.10 12.69 -1.38
C GLU A 63 0.98 13.05 -2.57
N ARG A 64 1.61 12.06 -3.17
CA ARG A 64 2.52 12.31 -4.28
C ARG A 64 1.75 12.52 -5.59
N GLN A 65 0.62 11.85 -5.74
CA GLN A 65 -0.17 11.92 -6.96
C GLN A 65 -1.03 13.17 -7.00
N GLY A 66 -1.32 13.71 -5.84
CA GLY A 66 -2.14 14.89 -5.77
C GLY A 66 -3.61 14.54 -5.70
N LEU A 67 -3.91 13.46 -5.01
CA LEU A 67 -5.27 13.01 -4.83
C LEU A 67 -5.59 13.00 -3.35
N SER A 68 -6.85 13.00 -3.02
CA SER A 68 -7.25 12.97 -1.64
C SER A 68 -7.97 11.67 -1.33
N MET A 69 -8.01 11.27 -0.07
CA MET A 69 -8.67 10.03 0.33
C MET A 69 -10.17 10.10 0.07
N ARG A 70 -10.72 11.30 0.09
CA ARG A 70 -12.13 11.51 -0.19
C ARG A 70 -12.34 11.66 -1.69
N GLN A 71 -11.24 11.75 -2.42
CA GLN A 71 -11.28 11.92 -3.87
C GLN A 71 -11.10 10.59 -4.59
N ILE A 72 -10.56 9.59 -3.90
CA ILE A 72 -10.30 8.29 -4.53
C ILE A 72 -10.51 7.14 -3.54
N ARG A 73 -10.26 5.93 -3.98
CA ARG A 73 -10.35 4.73 -3.16
C ARG A 73 -9.47 3.63 -3.70
N PHE A 74 -8.85 2.89 -2.81
CA PHE A 74 -7.99 1.77 -3.17
C PHE A 74 -8.79 0.48 -3.08
N ARG A 75 -8.58 -0.40 -4.03
CA ARG A 75 -9.30 -1.66 -4.09
C ARG A 75 -8.39 -2.79 -4.51
N PHE A 76 -8.55 -3.93 -3.87
CA PHE A 76 -7.78 -5.11 -4.18
C PHE A 76 -8.62 -6.34 -4.03
N ASP A 77 -8.36 -7.35 -4.85
CA ASP A 77 -9.09 -8.63 -4.82
C ASP A 77 -10.58 -8.40 -5.00
N GLY A 78 -10.93 -7.29 -5.60
CA GLY A 78 -12.30 -6.97 -5.83
C GLY A 78 -12.95 -6.32 -4.63
N GLN A 79 -12.20 -6.18 -3.54
CA GLN A 79 -12.72 -5.58 -2.32
C GLN A 79 -11.98 -4.27 -2.01
N PRO A 80 -12.66 -3.30 -1.38
CA PRO A 80 -12.05 -2.01 -1.03
C PRO A 80 -11.01 -2.17 0.08
N ILE A 81 -9.93 -1.41 -0.01
CA ILE A 81 -8.86 -1.48 0.98
C ILE A 81 -9.04 -0.38 2.02
N ASN A 82 -8.67 -0.68 3.25
CA ASN A 82 -8.75 0.28 4.35
C ASN A 82 -7.40 0.40 5.01
N GLU A 83 -7.26 1.37 5.87
CA GLU A 83 -6.01 1.58 6.57
C GLU A 83 -5.73 0.48 7.59
N THR A 84 -6.76 -0.25 7.97
CA THR A 84 -6.64 -1.31 8.94
C THR A 84 -6.33 -2.65 8.28
N ASP A 85 -6.18 -2.63 6.98
CA ASP A 85 -5.85 -3.83 6.27
C ASP A 85 -4.35 -3.97 6.05
N THR A 86 -3.85 -5.18 6.15
CA THR A 86 -2.45 -5.47 5.97
C THR A 86 -2.27 -6.30 4.69
N PRO A 87 -1.21 -6.03 3.90
CA PRO A 87 -0.97 -6.71 2.60
C PRO A 87 -0.94 -8.24 2.72
N ALA A 88 -0.46 -8.74 3.84
CA ALA A 88 -0.36 -10.16 4.06
C ALA A 88 -1.73 -10.80 4.22
N GLN A 89 -2.69 -10.03 4.68
CA GLN A 89 -4.04 -10.51 4.91
C GLN A 89 -4.73 -10.84 3.60
N LEU A 90 -4.42 -10.10 2.55
CA LEU A 90 -5.02 -10.33 1.26
C LEU A 90 -4.16 -11.29 0.44
N GLU A 91 -3.15 -11.89 1.13
CA GLU A 91 -2.20 -12.85 0.54
C GLU A 91 -1.69 -12.40 -0.83
N MET A 92 -1.42 -11.12 -0.95
CA MET A 92 -0.95 -10.54 -2.19
C MET A 92 0.54 -10.80 -2.37
N GLU A 93 1.02 -10.64 -3.59
CA GLU A 93 2.43 -10.90 -3.92
C GLU A 93 3.16 -9.60 -4.14
N ASP A 94 4.49 -9.64 -4.16
CA ASP A 94 5.27 -8.48 -4.54
C ASP A 94 4.91 -8.03 -5.95
N GLU A 95 4.91 -6.72 -6.13
CA GLU A 95 4.60 -6.09 -7.39
C GLU A 95 3.13 -6.24 -7.74
N ASP A 96 2.33 -6.54 -6.75
CA ASP A 96 0.90 -6.65 -6.95
C ASP A 96 0.32 -5.30 -7.40
N THR A 97 -0.74 -5.33 -8.18
CA THR A 97 -1.33 -4.11 -8.70
C THR A 97 -2.61 -3.73 -7.94
N ILE A 98 -2.61 -2.53 -7.39
CA ILE A 98 -3.73 -2.01 -6.64
C ILE A 98 -4.61 -1.18 -7.57
N ASP A 99 -5.91 -1.32 -7.43
CA ASP A 99 -6.84 -0.58 -8.25
C ASP A 99 -7.33 0.66 -7.51
N VAL A 100 -7.06 1.81 -8.08
CA VAL A 100 -7.53 3.05 -7.51
C VAL A 100 -8.52 3.70 -8.44
N PHE A 101 -9.61 4.14 -7.89
CA PHE A 101 -10.67 4.74 -8.66
C PHE A 101 -11.13 5.98 -7.97
N GLN A 102 -11.65 6.91 -8.72
CA GLN A 102 -12.15 8.15 -8.17
C GLN A 102 -13.30 7.90 -7.21
N GLN A 103 -13.54 8.85 -6.32
CA GLN A 103 -14.57 8.72 -5.29
C GLN A 103 -14.94 10.06 -4.66
N GLN A 104 -14.59 11.18 -5.31
CA GLN A 104 -14.89 12.48 -4.73
C GLN A 104 -16.40 12.71 -4.67
N THR A 105 -16.94 12.64 -3.46
CA THR A 105 -18.34 12.84 -3.23
C THR A 105 -18.56 13.73 -2.01
N GLY A 106 -19.17 14.88 -2.22
CA GLY A 106 -19.42 15.78 -1.13
C GLY A 106 -20.18 17.01 -1.56
N GLY A 107 -20.89 17.63 -0.64
CA GLY A 107 -21.65 18.81 -0.96
C GLY A 107 -22.47 19.27 0.21
N MET A 15 10.35 -12.00 22.29
CA MET A 15 10.65 -10.76 21.56
C MET A 15 12.02 -10.81 20.87
N ALA A 16 13.06 -11.18 21.60
CA ALA A 16 14.42 -11.19 21.07
C ALA A 16 14.90 -12.59 20.68
N ASP A 17 14.01 -13.56 20.67
CA ASP A 17 14.38 -14.93 20.30
C ASP A 17 14.51 -15.06 18.78
N GLU A 18 13.77 -14.23 18.05
CA GLU A 18 13.81 -14.24 16.59
C GLU A 18 15.19 -13.89 16.06
N LYS A 19 15.99 -14.91 15.79
CA LYS A 19 17.33 -14.73 15.28
C LYS A 19 17.91 -16.08 14.83
N PRO A 20 18.00 -16.30 13.52
CA PRO A 20 18.50 -17.56 12.97
C PRO A 20 20.03 -17.62 12.90
N LYS A 21 20.52 -18.82 12.58
CA LYS A 21 21.94 -19.06 12.33
C LYS A 21 22.53 -18.02 11.34
N GLU A 22 21.70 -17.48 10.48
CA GLU A 22 22.14 -16.48 9.52
C GLU A 22 21.96 -15.08 10.10
N GLY A 23 22.82 -14.17 9.69
CA GLY A 23 22.77 -12.82 10.23
C GLY A 23 21.52 -12.08 9.82
N VAL A 24 21.28 -12.01 8.53
CA VAL A 24 20.11 -11.36 8.01
C VAL A 24 19.61 -12.14 6.80
N LYS A 25 18.32 -12.09 6.53
CA LYS A 25 17.75 -12.84 5.44
C LYS A 25 17.92 -12.06 4.13
N THR A 26 17.95 -12.76 3.02
CA THR A 26 18.08 -12.12 1.73
C THR A 26 17.39 -12.94 0.63
N GLU A 27 17.16 -12.32 -0.53
CA GLU A 27 16.48 -12.95 -1.68
C GLU A 27 15.01 -13.24 -1.39
N ASN A 28 14.21 -12.18 -1.40
CA ASN A 28 12.76 -12.27 -1.20
C ASN A 28 12.44 -12.63 0.23
N ASN A 29 12.39 -11.61 1.07
CA ASN A 29 12.14 -11.78 2.49
C ASN A 29 10.70 -11.41 2.83
N ASP A 30 10.47 -11.02 4.07
CA ASP A 30 9.14 -10.65 4.56
C ASP A 30 8.70 -9.28 4.07
N HIS A 31 9.43 -8.72 3.13
CA HIS A 31 9.07 -7.44 2.56
C HIS A 31 8.73 -7.62 1.10
N ILE A 32 7.67 -7.00 0.66
CA ILE A 32 7.20 -7.13 -0.70
C ILE A 32 6.99 -5.78 -1.35
N ASN A 33 6.81 -5.78 -2.66
CA ASN A 33 6.59 -4.54 -3.40
C ASN A 33 5.15 -4.47 -3.85
N LEU A 34 4.49 -3.37 -3.55
CA LEU A 34 3.13 -3.18 -3.97
C LEU A 34 3.02 -1.99 -4.86
N LYS A 35 2.31 -2.14 -5.96
CA LYS A 35 2.16 -1.08 -6.89
C LYS A 35 0.72 -0.65 -6.96
N VAL A 36 0.49 0.58 -7.23
CA VAL A 36 -0.83 1.12 -7.28
C VAL A 36 -1.10 1.79 -8.62
N ALA A 37 -2.20 1.43 -9.25
CA ALA A 37 -2.55 2.00 -10.54
C ALA A 37 -3.78 2.88 -10.38
N GLY A 38 -3.63 4.14 -10.73
CA GLY A 38 -4.71 5.06 -10.60
C GLY A 38 -5.54 5.17 -11.85
N GLN A 39 -6.78 5.59 -11.67
CA GLN A 39 -7.73 5.79 -12.77
C GLN A 39 -7.22 6.76 -13.85
N ASP A 40 -6.15 7.49 -13.56
CA ASP A 40 -5.58 8.43 -14.51
C ASP A 40 -4.51 7.75 -15.38
N GLY A 41 -4.09 6.56 -14.97
CA GLY A 41 -3.10 5.83 -15.73
C GLY A 41 -1.73 5.87 -15.05
N SER A 42 -1.69 6.42 -13.87
CA SER A 42 -0.46 6.51 -13.11
C SER A 42 -0.27 5.28 -12.24
N VAL A 43 0.97 4.98 -11.91
CA VAL A 43 1.27 3.85 -11.06
C VAL A 43 2.50 4.13 -10.21
N VAL A 44 2.42 3.80 -8.93
CA VAL A 44 3.53 4.03 -8.01
C VAL A 44 3.93 2.71 -7.37
N GLN A 45 5.24 2.49 -7.24
CA GLN A 45 5.74 1.25 -6.63
C GLN A 45 6.30 1.52 -5.23
N PHE A 46 6.08 0.58 -4.30
CA PHE A 46 6.54 0.74 -2.91
C PHE A 46 7.08 -0.57 -2.33
N ILE A 48 7.36 -2.45 1.11
CA ILE A 48 6.93 -2.48 2.50
C ILE A 48 6.99 -3.89 3.05
N LYS A 49 6.74 -4.03 4.33
CA LYS A 49 6.73 -5.33 4.96
C LYS A 49 5.36 -5.96 4.86
N ARG A 50 5.32 -7.28 4.80
CA ARG A 50 4.07 -8.03 4.70
C ARG A 50 3.19 -7.80 5.93
N HIS A 51 3.80 -7.44 7.03
CA HIS A 51 3.10 -7.24 8.28
C HIS A 51 2.92 -5.75 8.54
N THR A 52 3.39 -4.95 7.61
CA THR A 52 3.29 -3.51 7.69
C THR A 52 2.02 -3.04 7.00
N PRO A 53 1.32 -2.05 7.57
CA PRO A 53 0.06 -1.56 7.01
C PRO A 53 0.25 -0.87 5.67
N LEU A 54 -0.51 -1.29 4.68
CA LEU A 54 -0.44 -0.73 3.34
C LEU A 54 -0.90 0.73 3.29
N SER A 55 -1.61 1.16 4.34
CA SER A 55 -2.11 2.52 4.45
C SER A 55 -1.02 3.55 4.24
N LYS A 56 0.21 3.18 4.60
CA LYS A 56 1.34 4.06 4.46
C LYS A 56 1.57 4.39 2.98
N LEU A 57 1.51 3.37 2.13
CA LEU A 57 1.69 3.58 0.69
C LEU A 57 0.47 4.25 0.10
N MET A 58 -0.71 3.93 0.65
CA MET A 58 -1.95 4.51 0.15
C MET A 58 -1.94 6.01 0.34
N LYS A 59 -1.61 6.45 1.53
CA LYS A 59 -1.55 7.87 1.81
C LYS A 59 -0.40 8.51 1.08
N ALA A 60 0.70 7.79 0.94
CA ALA A 60 1.85 8.31 0.21
C ALA A 60 1.49 8.52 -1.25
N TYR A 61 0.60 7.67 -1.77
CA TYR A 61 0.11 7.77 -3.13
C TYR A 61 -0.66 9.07 -3.33
N CYS A 62 -1.68 9.31 -2.50
CA CYS A 62 -2.50 10.50 -2.65
C CYS A 62 -1.67 11.76 -2.43
N GLU A 63 -0.72 11.69 -1.50
CA GLU A 63 0.15 12.81 -1.22
C GLU A 63 0.99 13.19 -2.43
N ARG A 64 1.61 12.21 -3.06
CA ARG A 64 2.48 12.47 -4.20
C ARG A 64 1.66 12.76 -5.46
N GLN A 65 0.48 12.14 -5.57
CA GLN A 65 -0.36 12.31 -6.74
C GLN A 65 -1.21 13.58 -6.68
N GLY A 66 -1.42 14.10 -5.48
CA GLY A 66 -2.20 15.32 -5.35
C GLY A 66 -3.67 15.07 -5.09
N LEU A 67 -4.04 13.81 -4.84
CA LEU A 67 -5.43 13.47 -4.57
C LEU A 67 -5.69 13.35 -3.07
N SER A 68 -6.94 13.17 -2.70
CA SER A 68 -7.31 13.04 -1.31
C SER A 68 -8.02 11.71 -1.05
N MET A 69 -8.00 11.26 0.20
CA MET A 69 -8.65 10.00 0.58
C MET A 69 -10.16 10.04 0.39
N ARG A 70 -10.73 11.23 0.46
CA ARG A 70 -12.17 11.39 0.23
C ARG A 70 -12.44 11.52 -1.26
N GLN A 71 -11.38 11.73 -2.01
CA GLN A 71 -11.47 11.92 -3.45
C GLN A 71 -11.29 10.61 -4.20
N ILE A 72 -10.51 9.71 -3.65
CA ILE A 72 -10.23 8.45 -4.33
C ILE A 72 -10.40 7.27 -3.39
N ARG A 73 -10.22 6.08 -3.92
CA ARG A 73 -10.33 4.85 -3.15
C ARG A 73 -9.44 3.77 -3.71
N PHE A 74 -8.88 2.98 -2.81
CA PHE A 74 -8.01 1.88 -3.18
C PHE A 74 -8.79 0.58 -3.11
N ARG A 75 -8.52 -0.31 -4.04
CA ARG A 75 -9.23 -1.57 -4.12
C ARG A 75 -8.31 -2.70 -4.56
N PHE A 76 -8.46 -3.86 -3.94
CA PHE A 76 -7.66 -5.02 -4.26
C PHE A 76 -8.51 -6.26 -4.13
N ASP A 77 -8.24 -7.25 -4.97
CA ASP A 77 -9.01 -8.51 -4.99
C ASP A 77 -10.48 -8.22 -5.22
N GLY A 78 -10.75 -7.09 -5.82
CA GLY A 78 -12.08 -6.68 -6.07
C GLY A 78 -12.69 -5.91 -4.91
N GLN A 79 -12.19 -6.16 -3.70
CA GLN A 79 -12.70 -5.54 -2.49
C GLN A 79 -11.98 -4.23 -2.19
N PRO A 80 -12.67 -3.27 -1.56
CA PRO A 80 -12.08 -1.99 -1.20
C PRO A 80 -11.10 -2.15 -0.04
N ILE A 81 -10.01 -1.42 -0.10
CA ILE A 81 -8.97 -1.50 0.91
C ILE A 81 -9.20 -0.48 2.02
N ASN A 82 -8.78 -0.82 3.23
CA ASN A 82 -8.89 0.07 4.37
C ASN A 82 -7.51 0.43 4.83
N GLU A 83 -7.44 1.30 5.79
CA GLU A 83 -6.18 1.71 6.35
C GLU A 83 -5.63 0.65 7.30
N THR A 84 -6.52 -0.20 7.76
CA THR A 84 -6.19 -1.24 8.70
C THR A 84 -5.92 -2.56 7.96
N ASP A 85 -5.87 -2.47 6.64
CA ASP A 85 -5.58 -3.63 5.82
C ASP A 85 -4.09 -3.94 5.81
N THR A 86 -3.77 -5.20 5.96
CA THR A 86 -2.40 -5.65 5.91
C THR A 86 -2.19 -6.50 4.67
N PRO A 87 -1.07 -6.31 3.96
CA PRO A 87 -0.77 -7.03 2.73
C PRO A 87 -0.80 -8.55 2.91
N ALA A 88 -0.38 -9.00 4.08
CA ALA A 88 -0.35 -10.41 4.39
C ALA A 88 -1.74 -10.98 4.60
N GLN A 89 -2.72 -10.12 4.84
CA GLN A 89 -4.08 -10.56 5.07
C GLN A 89 -4.76 -10.94 3.76
N LEU A 90 -4.41 -10.23 2.69
CA LEU A 90 -4.99 -10.53 1.38
C LEU A 90 -4.12 -11.56 0.66
N GLU A 91 -3.00 -11.93 1.30
CA GLU A 91 -2.05 -12.91 0.77
C GLU A 91 -1.53 -12.46 -0.61
N MET A 92 -1.35 -11.17 -0.74
CA MET A 92 -0.89 -10.58 -1.99
C MET A 92 0.61 -10.82 -2.18
N GLU A 93 1.08 -10.70 -3.39
CA GLU A 93 2.47 -10.96 -3.70
C GLU A 93 3.17 -9.68 -4.11
N ASP A 94 4.50 -9.70 -4.14
CA ASP A 94 5.25 -8.58 -4.63
C ASP A 94 4.95 -8.30 -6.09
N GLU A 95 5.02 -7.02 -6.45
CA GLU A 95 4.76 -6.52 -7.79
C GLU A 95 3.27 -6.56 -8.11
N ASP A 96 2.45 -6.75 -7.09
CA ASP A 96 1.00 -6.76 -7.30
C ASP A 96 0.49 -5.35 -7.52
N THR A 97 -0.67 -5.22 -8.13
CA THR A 97 -1.20 -3.91 -8.47
C THR A 97 -2.52 -3.58 -7.73
N ILE A 98 -2.61 -2.35 -7.24
CA ILE A 98 -3.77 -1.85 -6.54
C ILE A 98 -4.64 -1.05 -7.51
N ASP A 99 -5.95 -1.17 -7.39
CA ASP A 99 -6.88 -0.46 -8.26
C ASP A 99 -7.41 0.79 -7.56
N VAL A 100 -7.11 1.95 -8.10
CA VAL A 100 -7.59 3.19 -7.52
C VAL A 100 -8.58 3.87 -8.44
N PHE A 101 -9.65 4.36 -7.87
CA PHE A 101 -10.69 5.00 -8.64
C PHE A 101 -11.16 6.26 -7.92
N GLN A 102 -11.71 7.20 -8.67
CA GLN A 102 -12.13 8.46 -8.10
C GLN A 102 -13.50 8.34 -7.43
N GLN A 103 -13.51 8.46 -6.11
CA GLN A 103 -14.74 8.37 -5.34
C GLN A 103 -15.14 9.73 -4.76
N GLN A 104 -14.79 10.80 -5.48
CA GLN A 104 -15.15 12.14 -5.04
C GLN A 104 -16.66 12.31 -4.99
N THR A 105 -17.23 12.14 -3.81
CA THR A 105 -18.66 12.25 -3.61
C THR A 105 -18.96 12.88 -2.25
N GLY A 106 -20.06 13.61 -2.15
CA GLY A 106 -20.41 14.25 -0.91
C GLY A 106 -20.30 15.75 -1.00
N GLY A 107 -19.34 16.21 -1.78
CA GLY A 107 -19.15 17.63 -1.96
C GLY A 107 -17.74 17.94 -2.37
N MET A 15 16.74 -13.45 29.39
CA MET A 15 17.28 -12.08 29.52
C MET A 15 17.91 -11.61 28.21
N ALA A 16 17.93 -12.48 27.21
CA ALA A 16 18.46 -12.14 25.91
C ALA A 16 17.39 -12.42 24.86
N ASP A 17 16.16 -12.36 25.31
CA ASP A 17 14.99 -12.64 24.48
C ASP A 17 14.52 -11.41 23.72
N GLU A 18 15.22 -10.30 23.90
CA GLU A 18 14.90 -9.08 23.17
C GLU A 18 16.02 -8.72 22.21
N LYS A 19 15.84 -9.09 20.94
CA LYS A 19 16.82 -8.87 19.85
C LYS A 19 18.23 -9.45 20.18
N PRO A 20 19.11 -9.58 19.18
CA PRO A 20 20.49 -10.03 19.42
C PRO A 20 21.38 -8.89 19.88
N LYS A 21 22.66 -9.17 20.07
CA LYS A 21 23.60 -8.14 20.48
C LYS A 21 24.37 -7.60 19.27
N GLU A 22 24.34 -8.35 18.17
CA GLU A 22 24.94 -7.90 16.93
C GLU A 22 23.91 -7.97 15.82
N GLY A 23 23.99 -7.04 14.89
CA GLY A 23 23.01 -7.00 13.83
C GLY A 23 23.53 -6.36 12.58
N VAL A 24 24.17 -7.17 11.75
CA VAL A 24 24.68 -6.70 10.47
C VAL A 24 23.50 -6.33 9.56
N LYS A 25 23.57 -5.15 8.94
CA LYS A 25 22.48 -4.70 8.10
C LYS A 25 22.32 -5.58 6.88
N THR A 26 21.29 -6.38 6.87
CA THR A 26 20.99 -7.27 5.78
C THR A 26 19.50 -7.29 5.54
N GLU A 27 19.02 -8.24 4.75
CA GLU A 27 17.60 -8.37 4.53
C GLU A 27 16.98 -9.07 5.73
N ASN A 28 16.77 -8.34 6.79
CA ASN A 28 16.25 -8.90 8.03
C ASN A 28 14.74 -8.80 8.07
N ASN A 29 14.20 -7.86 7.34
CA ASN A 29 12.76 -7.68 7.31
C ASN A 29 12.19 -8.22 6.01
N ASP A 30 11.21 -9.09 6.13
CA ASP A 30 10.60 -9.69 4.96
C ASP A 30 9.58 -8.73 4.37
N HIS A 31 9.95 -8.12 3.27
CA HIS A 31 9.13 -7.10 2.65
C HIS A 31 8.76 -7.47 1.22
N ILE A 32 7.76 -6.80 0.70
CA ILE A 32 7.32 -7.01 -0.66
C ILE A 32 7.12 -5.67 -1.35
N ASN A 33 6.89 -5.71 -2.64
CA ASN A 33 6.67 -4.49 -3.41
C ASN A 33 5.22 -4.41 -3.80
N LEU A 34 4.62 -3.25 -3.63
CA LEU A 34 3.24 -3.06 -4.01
C LEU A 34 3.14 -1.89 -4.94
N LYS A 35 2.32 -2.02 -5.95
CA LYS A 35 2.13 -0.96 -6.90
C LYS A 35 0.69 -0.58 -6.93
N VAL A 36 0.42 0.69 -7.10
CA VAL A 36 -0.95 1.17 -7.13
C VAL A 36 -1.21 1.88 -8.44
N ALA A 37 -2.27 1.50 -9.12
CA ALA A 37 -2.59 2.06 -10.42
C ALA A 37 -3.81 2.98 -10.34
N GLY A 38 -3.70 4.13 -10.97
CA GLY A 38 -4.77 5.08 -10.99
C GLY A 38 -5.60 4.95 -12.23
N GLN A 39 -6.72 5.66 -12.26
CA GLN A 39 -7.67 5.58 -13.36
C GLN A 39 -7.08 6.23 -14.60
N ASP A 40 -6.17 7.14 -14.39
CA ASP A 40 -5.55 7.89 -15.47
C ASP A 40 -4.38 7.12 -16.06
N GLY A 41 -4.07 5.97 -15.49
CA GLY A 41 -2.97 5.16 -16.01
C GLY A 41 -1.66 5.40 -15.28
N SER A 42 -1.70 6.17 -14.19
CA SER A 42 -0.49 6.41 -13.42
C SER A 42 -0.30 5.27 -12.42
N VAL A 43 0.92 5.03 -11.99
CA VAL A 43 1.18 3.96 -11.03
C VAL A 43 2.39 4.29 -10.17
N VAL A 44 2.33 3.91 -8.91
CA VAL A 44 3.43 4.14 -7.99
C VAL A 44 3.86 2.82 -7.38
N GLN A 45 5.16 2.65 -7.23
CA GLN A 45 5.69 1.43 -6.65
C GLN A 45 6.18 1.71 -5.22
N PHE A 46 5.90 0.78 -4.32
CA PHE A 46 6.27 0.94 -2.91
C PHE A 46 6.94 -0.32 -2.39
N ILE A 48 7.24 -2.17 1.13
CA ILE A 48 6.84 -2.26 2.53
C ILE A 48 6.86 -3.69 3.02
N LYS A 49 6.76 -3.85 4.31
CA LYS A 49 6.76 -5.15 4.91
C LYS A 49 5.37 -5.75 4.84
N ARG A 50 5.30 -7.06 4.73
CA ARG A 50 4.01 -7.75 4.63
C ARG A 50 3.25 -7.69 5.94
N HIS A 51 3.93 -7.36 7.03
CA HIS A 51 3.31 -7.28 8.33
C HIS A 51 3.03 -5.82 8.64
N THR A 52 3.47 -4.98 7.74
CA THR A 52 3.34 -3.56 7.85
C THR A 52 2.04 -3.09 7.19
N PRO A 53 1.30 -2.16 7.83
CA PRO A 53 0.04 -1.64 7.30
C PRO A 53 0.23 -0.96 5.95
N LEU A 54 -0.57 -1.34 4.97
CA LEU A 54 -0.49 -0.78 3.62
C LEU A 54 -0.95 0.67 3.58
N SER A 55 -1.69 1.11 4.60
CA SER A 55 -2.18 2.47 4.70
C SER A 55 -1.07 3.50 4.50
N LYS A 56 0.13 3.13 4.92
CA LYS A 56 1.30 4.00 4.80
C LYS A 56 1.55 4.34 3.33
N LEU A 57 1.55 3.32 2.47
CA LEU A 57 1.77 3.52 1.04
C LEU A 57 0.56 4.20 0.41
N MET A 58 -0.63 3.87 0.94
CA MET A 58 -1.87 4.45 0.45
C MET A 58 -1.88 5.96 0.62
N LYS A 59 -1.54 6.43 1.80
CA LYS A 59 -1.47 7.85 2.06
C LYS A 59 -0.34 8.49 1.27
N ALA A 60 0.76 7.76 1.12
CA ALA A 60 1.91 8.25 0.38
C ALA A 60 1.54 8.46 -1.09
N TYR A 61 0.73 7.55 -1.62
CA TYR A 61 0.25 7.65 -2.99
C TYR A 61 -0.50 8.94 -3.19
N CYS A 62 -1.50 9.18 -2.37
CA CYS A 62 -2.33 10.37 -2.45
C CYS A 62 -1.49 11.64 -2.28
N GLU A 63 -0.55 11.61 -1.35
CA GLU A 63 0.29 12.76 -1.09
C GLU A 63 1.21 13.08 -2.27
N ARG A 64 1.76 12.06 -2.91
CA ARG A 64 2.67 12.29 -4.04
C ARG A 64 1.90 12.55 -5.35
N GLN A 65 0.77 11.87 -5.51
CA GLN A 65 -0.04 12.02 -6.72
C GLN A 65 -0.85 13.28 -6.71
N GLY A 66 -1.10 13.81 -5.55
CA GLY A 66 -1.90 14.98 -5.45
C GLY A 66 -3.37 14.63 -5.42
N LEU A 67 -3.71 13.60 -4.66
CA LEU A 67 -5.09 13.16 -4.52
C LEU A 67 -5.47 13.18 -3.05
N SER A 68 -6.76 13.13 -2.78
CA SER A 68 -7.23 13.10 -1.41
C SER A 68 -7.89 11.76 -1.13
N MET A 69 -7.82 11.32 0.13
CA MET A 69 -8.45 10.05 0.53
C MET A 69 -9.95 10.05 0.26
N ARG A 70 -10.56 11.22 0.31
CA ARG A 70 -11.99 11.36 0.03
C ARG A 70 -12.23 11.49 -1.46
N GLN A 71 -11.17 11.73 -2.21
CA GLN A 71 -11.26 11.91 -3.64
C GLN A 71 -11.08 10.60 -4.38
N ILE A 72 -10.48 9.62 -3.73
CA ILE A 72 -10.23 8.33 -4.37
C ILE A 72 -10.51 7.19 -3.41
N ARG A 73 -10.25 5.96 -3.87
CA ARG A 73 -10.41 4.79 -3.06
C ARG A 73 -9.54 3.65 -3.58
N PHE A 74 -8.80 3.02 -2.69
CA PHE A 74 -7.95 1.90 -3.04
C PHE A 74 -8.74 0.61 -2.92
N ARG A 75 -8.45 -0.33 -3.79
CA ARG A 75 -9.16 -1.57 -3.83
C ARG A 75 -8.26 -2.70 -4.34
N PHE A 76 -8.46 -3.89 -3.81
CA PHE A 76 -7.69 -5.04 -4.20
C PHE A 76 -8.56 -6.29 -4.13
N ASP A 77 -8.30 -7.23 -5.02
CA ASP A 77 -9.10 -8.48 -5.12
C ASP A 77 -10.57 -8.16 -5.33
N GLY A 78 -10.83 -6.99 -5.84
CA GLY A 78 -12.18 -6.57 -6.06
C GLY A 78 -12.81 -5.96 -4.81
N GLN A 79 -12.21 -6.21 -3.65
CA GLN A 79 -12.72 -5.68 -2.37
C GLN A 79 -11.98 -4.40 -1.99
N PRO A 80 -12.66 -3.47 -1.29
CA PRO A 80 -12.06 -2.20 -0.88
C PRO A 80 -10.98 -2.38 0.19
N ILE A 81 -9.91 -1.61 0.09
CA ILE A 81 -8.83 -1.68 1.06
C ILE A 81 -9.08 -0.71 2.19
N ASN A 82 -8.66 -1.06 3.40
CA ASN A 82 -8.84 -0.22 4.55
C ASN A 82 -7.48 0.19 5.07
N GLU A 83 -7.45 1.19 5.92
CA GLU A 83 -6.20 1.62 6.51
C GLU A 83 -5.78 0.64 7.59
N THR A 84 -6.74 -0.14 8.06
CA THR A 84 -6.54 -1.08 9.13
C THR A 84 -6.16 -2.47 8.64
N ASP A 85 -6.04 -2.65 7.34
CA ASP A 85 -5.73 -3.97 6.79
C ASP A 85 -4.25 -4.08 6.41
N THR A 86 -3.75 -5.31 6.31
CA THR A 86 -2.36 -5.53 5.93
C THR A 86 -2.24 -6.23 4.59
N PRO A 87 -1.14 -6.00 3.85
CA PRO A 87 -0.91 -6.61 2.53
C PRO A 87 -0.91 -8.13 2.59
N ALA A 88 -0.50 -8.67 3.72
CA ALA A 88 -0.44 -10.11 3.91
C ALA A 88 -1.84 -10.70 4.04
N GLN A 89 -2.82 -9.86 4.33
CA GLN A 89 -4.19 -10.31 4.51
C GLN A 89 -4.77 -10.78 3.20
N LEU A 90 -4.47 -10.04 2.17
CA LEU A 90 -5.04 -10.28 0.86
C LEU A 90 -4.21 -11.31 0.08
N GLU A 91 -3.17 -11.85 0.71
CA GLU A 91 -2.31 -12.87 0.08
C GLU A 91 -1.72 -12.35 -1.23
N MET A 92 -1.46 -11.07 -1.28
CA MET A 92 -0.94 -10.43 -2.47
C MET A 92 0.55 -10.70 -2.64
N GLU A 93 1.03 -10.60 -3.86
CA GLU A 93 2.42 -10.87 -4.18
C GLU A 93 3.16 -9.57 -4.47
N ASP A 94 4.49 -9.61 -4.43
CA ASP A 94 5.28 -8.46 -4.82
C ASP A 94 4.99 -8.05 -6.26
N GLU A 95 4.90 -6.74 -6.46
CA GLU A 95 4.60 -6.12 -7.74
C GLU A 95 3.12 -6.23 -8.07
N ASP A 96 2.31 -6.47 -7.04
CA ASP A 96 0.86 -6.55 -7.21
C ASP A 96 0.29 -5.18 -7.52
N THR A 97 -0.82 -5.14 -8.23
CA THR A 97 -1.39 -3.87 -8.64
C THR A 97 -2.67 -3.51 -7.86
N ILE A 98 -2.64 -2.37 -7.19
CA ILE A 98 -3.77 -1.85 -6.45
C ILE A 98 -4.67 -1.07 -7.40
N ASP A 99 -5.97 -1.19 -7.23
CA ASP A 99 -6.91 -0.50 -8.09
C ASP A 99 -7.49 0.72 -7.40
N VAL A 100 -7.21 1.89 -7.93
CA VAL A 100 -7.75 3.12 -7.37
C VAL A 100 -8.80 3.70 -8.30
N PHE A 101 -9.87 4.18 -7.73
CA PHE A 101 -10.94 4.81 -8.49
C PHE A 101 -11.36 6.09 -7.82
N GLN A 102 -11.81 7.07 -8.61
CA GLN A 102 -12.17 8.38 -8.09
C GLN A 102 -13.52 8.35 -7.37
N GLN A 103 -13.54 8.93 -6.18
CA GLN A 103 -14.74 9.03 -5.36
C GLN A 103 -15.29 10.45 -5.36
N GLN A 104 -14.88 11.26 -6.31
CA GLN A 104 -15.32 12.63 -6.40
C GLN A 104 -15.77 12.94 -7.83
N THR A 105 -16.99 13.43 -7.98
CA THR A 105 -17.52 13.73 -9.30
C THR A 105 -17.07 15.10 -9.80
N GLY A 106 -17.19 16.11 -8.95
CA GLY A 106 -16.81 17.45 -9.34
C GLY A 106 -15.32 17.59 -9.57
N GLY A 107 -14.54 17.31 -8.54
CA GLY A 107 -13.10 17.39 -8.65
C GLY A 107 -12.53 16.18 -9.35
N MET A 15 24.56 -14.14 14.98
CA MET A 15 24.95 -12.71 14.82
C MET A 15 24.33 -11.85 15.91
N ALA A 16 23.71 -12.50 16.89
CA ALA A 16 23.04 -11.81 18.00
C ALA A 16 22.71 -12.83 19.08
N ASP A 17 23.42 -13.93 19.05
CA ASP A 17 23.19 -15.05 19.95
C ASP A 17 24.30 -15.14 20.97
N GLU A 18 25.49 -14.72 20.56
CA GLU A 18 26.65 -14.74 21.44
C GLU A 18 26.81 -13.40 22.15
N LYS A 19 25.70 -12.72 22.36
CA LYS A 19 25.69 -11.46 23.03
C LYS A 19 24.38 -11.33 23.81
N PRO A 20 24.37 -10.55 24.89
CA PRO A 20 23.15 -10.33 25.69
C PRO A 20 22.12 -9.47 24.95
N LYS A 21 21.10 -9.00 25.67
CA LYS A 21 20.06 -8.13 25.10
C LYS A 21 20.65 -6.78 24.63
N GLU A 22 21.93 -6.58 24.86
CA GLU A 22 22.60 -5.35 24.49
C GLU A 22 22.60 -5.15 22.97
N GLY A 23 21.65 -4.36 22.49
CA GLY A 23 21.58 -4.09 21.08
C GLY A 23 20.69 -5.05 20.33
N VAL A 24 19.78 -5.71 21.03
CA VAL A 24 18.87 -6.65 20.40
C VAL A 24 17.80 -5.90 19.59
N LYS A 25 17.60 -6.32 18.35
CA LYS A 25 16.61 -5.70 17.48
C LYS A 25 16.21 -6.64 16.36
N THR A 26 14.95 -6.55 15.93
CA THR A 26 14.47 -7.33 14.81
C THR A 26 15.06 -6.78 13.51
N GLU A 27 15.26 -7.63 12.52
CA GLU A 27 15.86 -7.21 11.27
C GLU A 27 14.87 -7.19 10.15
N ASN A 28 15.10 -6.29 9.22
CA ASN A 28 14.28 -6.14 8.05
C ASN A 28 14.42 -7.35 7.15
N ASN A 29 13.42 -8.20 7.14
CA ASN A 29 13.44 -9.40 6.32
C ASN A 29 12.26 -9.45 5.37
N ASP A 30 11.12 -9.87 5.88
CA ASP A 30 9.88 -10.03 5.09
C ASP A 30 9.34 -8.72 4.51
N HIS A 31 9.90 -8.26 3.41
CA HIS A 31 9.41 -7.08 2.73
C HIS A 31 8.97 -7.42 1.31
N ILE A 32 7.90 -6.79 0.84
CA ILE A 32 7.40 -7.01 -0.51
C ILE A 32 7.18 -5.67 -1.21
N ASN A 33 6.91 -5.73 -2.49
CA ASN A 33 6.66 -4.54 -3.29
C ASN A 33 5.21 -4.47 -3.70
N LEU A 34 4.62 -3.32 -3.57
CA LEU A 34 3.23 -3.13 -3.98
C LEU A 34 3.15 -2.00 -4.96
N LYS A 35 2.28 -2.12 -5.93
CA LYS A 35 2.12 -1.09 -6.91
C LYS A 35 0.68 -0.68 -6.99
N VAL A 36 0.44 0.59 -7.14
CA VAL A 36 -0.91 1.10 -7.20
C VAL A 36 -1.12 1.84 -8.49
N ALA A 37 -2.20 1.55 -9.18
CA ALA A 37 -2.50 2.16 -10.45
C ALA A 37 -3.80 2.94 -10.33
N GLY A 38 -3.80 4.17 -10.75
CA GLY A 38 -4.97 4.97 -10.66
C GLY A 38 -5.61 5.17 -12.01
N GLN A 39 -6.90 5.47 -12.00
CA GLN A 39 -7.68 5.72 -13.22
C GLN A 39 -7.09 6.84 -14.11
N ASP A 40 -6.09 7.55 -13.61
CA ASP A 40 -5.44 8.61 -14.37
C ASP A 40 -4.38 8.02 -15.30
N GLY A 41 -3.93 6.82 -14.96
CA GLY A 41 -2.91 6.15 -15.76
C GLY A 41 -1.57 6.18 -15.09
N SER A 42 -1.55 6.72 -13.88
CA SER A 42 -0.35 6.80 -13.09
C SER A 42 -0.23 5.55 -12.21
N VAL A 43 0.99 5.18 -11.86
CA VAL A 43 1.23 3.99 -11.06
C VAL A 43 2.46 4.20 -10.19
N VAL A 44 2.39 3.79 -8.94
CA VAL A 44 3.49 3.99 -8.03
C VAL A 44 3.88 2.67 -7.39
N GLN A 45 5.18 2.47 -7.21
CA GLN A 45 5.67 1.26 -6.59
C GLN A 45 6.15 1.55 -5.17
N PHE A 46 5.91 0.63 -4.26
CA PHE A 46 6.27 0.82 -2.85
C PHE A 46 6.94 -0.44 -2.29
N ILE A 48 7.36 -2.29 1.33
CA ILE A 48 6.96 -2.36 2.73
C ILE A 48 6.99 -3.79 3.22
N LYS A 49 6.74 -3.99 4.50
CA LYS A 49 6.70 -5.31 5.06
C LYS A 49 5.33 -5.92 4.89
N ARG A 50 5.27 -7.23 4.79
CA ARG A 50 4.03 -7.97 4.62
C ARG A 50 3.12 -7.80 5.84
N HIS A 51 3.72 -7.52 6.98
CA HIS A 51 2.99 -7.42 8.24
C HIS A 51 2.79 -5.95 8.59
N THR A 52 3.28 -5.11 7.71
CA THR A 52 3.22 -3.69 7.87
C THR A 52 1.96 -3.15 7.20
N PRO A 53 1.23 -2.23 7.86
CA PRO A 53 -0.02 -1.66 7.32
C PRO A 53 0.21 -0.97 5.97
N LEU A 54 -0.57 -1.37 4.99
CA LEU A 54 -0.46 -0.82 3.64
C LEU A 54 -0.91 0.63 3.57
N SER A 55 -1.64 1.08 4.60
CA SER A 55 -2.13 2.45 4.68
C SER A 55 -1.00 3.47 4.45
N LYS A 56 0.21 3.10 4.86
CA LYS A 56 1.38 3.94 4.68
C LYS A 56 1.59 4.29 3.20
N LEU A 57 1.56 3.27 2.35
CA LEU A 57 1.75 3.46 0.92
C LEU A 57 0.53 4.14 0.29
N MET A 58 -0.65 3.86 0.82
CA MET A 58 -1.87 4.44 0.29
C MET A 58 -1.87 5.95 0.45
N LYS A 59 -1.45 6.41 1.62
CA LYS A 59 -1.35 7.84 1.87
C LYS A 59 -0.25 8.45 1.02
N ALA A 60 0.86 7.74 0.86
CA ALA A 60 1.98 8.22 0.07
C ALA A 60 1.56 8.38 -1.38
N TYR A 61 0.69 7.48 -1.83
CA TYR A 61 0.17 7.55 -3.17
C TYR A 61 -0.62 8.84 -3.36
N CYS A 62 -1.59 9.07 -2.49
CA CYS A 62 -2.43 10.27 -2.58
C CYS A 62 -1.59 11.53 -2.49
N GLU A 63 -0.57 11.52 -1.63
CA GLU A 63 0.32 12.65 -1.47
C GLU A 63 1.03 12.99 -2.79
N ARG A 64 1.66 12.00 -3.39
CA ARG A 64 2.43 12.21 -4.62
C ARG A 64 1.52 12.48 -5.82
N GLN A 65 0.38 11.82 -5.86
CA GLN A 65 -0.58 11.96 -6.96
C GLN A 65 -1.29 13.30 -6.93
N GLY A 66 -1.24 13.97 -5.80
CA GLY A 66 -1.99 15.20 -5.67
C GLY A 66 -3.45 14.87 -5.50
N LEU A 67 -3.70 13.81 -4.76
CA LEU A 67 -5.03 13.28 -4.56
C LEU A 67 -5.32 13.22 -3.08
N SER A 68 -6.57 13.04 -2.74
CA SER A 68 -6.94 12.95 -1.35
C SER A 68 -7.72 11.65 -1.09
N MET A 69 -7.73 11.22 0.18
CA MET A 69 -8.42 10.00 0.57
C MET A 69 -9.92 10.07 0.30
N ARG A 70 -10.48 11.27 0.36
CA ARG A 70 -11.91 11.47 0.07
C ARG A 70 -12.12 11.62 -1.43
N GLN A 71 -11.04 11.83 -2.14
CA GLN A 71 -11.10 12.04 -3.58
C GLN A 71 -10.97 10.72 -4.33
N ILE A 72 -10.43 9.71 -3.68
CA ILE A 72 -10.22 8.41 -4.33
C ILE A 72 -10.47 7.25 -3.38
N ARG A 73 -10.24 6.04 -3.87
CA ARG A 73 -10.37 4.84 -3.07
C ARG A 73 -9.56 3.70 -3.66
N PHE A 74 -8.92 2.93 -2.80
CA PHE A 74 -8.10 1.80 -3.21
C PHE A 74 -8.90 0.51 -3.13
N ARG A 75 -8.65 -0.41 -4.03
CA ARG A 75 -9.37 -1.66 -4.09
C ARG A 75 -8.44 -2.79 -4.50
N PHE A 76 -8.60 -3.93 -3.85
CA PHE A 76 -7.80 -5.10 -4.13
C PHE A 76 -8.63 -6.35 -4.02
N ASP A 77 -8.33 -7.35 -4.82
CA ASP A 77 -9.04 -8.63 -4.81
C ASP A 77 -10.53 -8.43 -5.07
N GLY A 78 -10.85 -7.32 -5.70
CA GLY A 78 -12.22 -7.01 -5.97
C GLY A 78 -12.94 -6.44 -4.76
N GLN A 79 -12.22 -6.25 -3.67
CA GLN A 79 -12.79 -5.71 -2.46
C GLN A 79 -12.08 -4.39 -2.10
N PRO A 80 -12.78 -3.48 -1.44
CA PRO A 80 -12.19 -2.21 -1.02
C PRO A 80 -11.11 -2.41 0.04
N ILE A 81 -10.04 -1.64 -0.04
CA ILE A 81 -8.96 -1.72 0.92
C ILE A 81 -9.20 -0.71 2.04
N ASN A 82 -8.80 -1.05 3.25
CA ASN A 82 -8.96 -0.15 4.37
C ASN A 82 -7.61 0.29 4.84
N GLU A 83 -7.59 1.25 5.72
CA GLU A 83 -6.35 1.71 6.32
C GLU A 83 -5.88 0.70 7.36
N THR A 84 -6.78 -0.17 7.76
CA THR A 84 -6.50 -1.20 8.75
C THR A 84 -6.09 -2.51 8.07
N ASP A 85 -5.98 -2.47 6.77
CA ASP A 85 -5.61 -3.66 6.00
C ASP A 85 -4.11 -3.87 5.99
N THR A 86 -3.71 -5.13 6.06
CA THR A 86 -2.32 -5.51 5.94
C THR A 86 -2.13 -6.38 4.70
N PRO A 87 -1.04 -6.16 3.94
CA PRO A 87 -0.79 -6.87 2.66
C PRO A 87 -0.80 -8.39 2.82
N ALA A 88 -0.34 -8.87 3.96
CA ALA A 88 -0.27 -10.29 4.21
C ALA A 88 -1.66 -10.91 4.36
N GLN A 89 -2.62 -10.10 4.79
CA GLN A 89 -3.98 -10.58 4.98
C GLN A 89 -4.62 -10.97 3.65
N LEU A 90 -4.32 -10.21 2.61
CA LEU A 90 -4.88 -10.49 1.30
C LEU A 90 -3.91 -11.37 0.51
N GLU A 91 -2.85 -11.84 1.21
CA GLU A 91 -1.78 -12.71 0.65
C GLU A 91 -1.34 -12.26 -0.73
N MET A 92 -1.23 -10.96 -0.90
CA MET A 92 -0.84 -10.39 -2.17
C MET A 92 0.66 -10.60 -2.44
N GLU A 93 1.05 -10.56 -3.69
CA GLU A 93 2.42 -10.80 -4.09
C GLU A 93 3.11 -9.50 -4.41
N ASP A 94 4.44 -9.49 -4.39
CA ASP A 94 5.19 -8.32 -4.81
C ASP A 94 4.84 -7.93 -6.24
N GLU A 95 4.78 -6.63 -6.46
CA GLU A 95 4.46 -6.03 -7.75
C GLU A 95 2.98 -6.14 -8.05
N ASP A 96 2.18 -6.38 -7.02
CA ASP A 96 0.74 -6.44 -7.21
C ASP A 96 0.19 -5.10 -7.67
N THR A 97 -0.90 -5.12 -8.43
CA THR A 97 -1.49 -3.90 -8.93
C THR A 97 -2.77 -3.52 -8.16
N ILE A 98 -2.72 -2.40 -7.45
CA ILE A 98 -3.84 -1.89 -6.70
C ILE A 98 -4.75 -1.08 -7.62
N ASP A 99 -6.03 -1.14 -7.39
CA ASP A 99 -7.01 -0.43 -8.20
C ASP A 99 -7.50 0.82 -7.49
N VAL A 100 -7.24 1.98 -8.06
CA VAL A 100 -7.72 3.23 -7.50
C VAL A 100 -8.75 3.88 -8.42
N PHE A 101 -9.83 4.33 -7.83
CA PHE A 101 -10.89 4.98 -8.58
C PHE A 101 -11.31 6.26 -7.89
N GLN A 102 -11.87 7.20 -8.64
CA GLN A 102 -12.25 8.48 -8.12
C GLN A 102 -13.53 8.42 -7.26
N GLN A 103 -13.47 9.03 -6.10
CA GLN A 103 -14.62 9.09 -5.18
C GLN A 103 -15.12 10.51 -4.98
N GLN A 104 -14.65 11.44 -5.79
CA GLN A 104 -15.07 12.83 -5.64
C GLN A 104 -16.04 13.23 -6.73
N THR A 105 -16.87 14.19 -6.43
CA THR A 105 -17.84 14.69 -7.38
C THR A 105 -18.11 16.17 -7.12
N GLY A 106 -17.45 17.01 -7.88
CA GLY A 106 -17.60 18.43 -7.74
C GLY A 106 -16.81 19.18 -8.78
N GLY A 107 -17.31 19.16 -10.00
CA GLY A 107 -16.61 19.79 -11.10
C GLY A 107 -15.83 18.78 -11.91
N MET A 15 -3.79 -17.23 25.16
CA MET A 15 -4.33 -16.10 25.93
C MET A 15 -3.26 -15.52 26.87
N ALA A 16 -2.97 -16.23 27.95
CA ALA A 16 -2.00 -15.76 28.94
C ALA A 16 -0.57 -16.17 28.60
N ASP A 17 -0.37 -16.68 27.40
CA ASP A 17 0.96 -17.11 26.95
C ASP A 17 1.72 -15.93 26.35
N GLU A 18 1.58 -14.79 27.01
CA GLU A 18 2.23 -13.56 26.61
C GLU A 18 3.74 -13.75 26.56
N LYS A 19 4.31 -13.63 25.37
CA LYS A 19 5.72 -13.81 25.19
C LYS A 19 6.47 -12.57 25.65
N PRO A 20 7.54 -12.77 26.43
CA PRO A 20 8.31 -11.66 26.99
C PRO A 20 9.04 -10.86 25.95
N LYS A 21 9.09 -9.54 26.20
CA LYS A 21 9.85 -8.51 25.44
C LYS A 21 10.79 -9.02 24.32
N GLU A 22 11.58 -10.05 24.57
CA GLU A 22 12.46 -10.58 23.53
C GLU A 22 11.71 -11.60 22.67
N GLY A 23 10.57 -11.18 22.18
CA GLY A 23 9.73 -12.05 21.38
C GLY A 23 8.98 -11.29 20.31
N VAL A 24 9.71 -10.81 19.32
CA VAL A 24 9.11 -10.08 18.22
C VAL A 24 9.28 -10.89 16.92
N LYS A 25 9.46 -12.18 17.10
CA LYS A 25 9.64 -13.08 15.98
C LYS A 25 8.33 -13.33 15.26
N THR A 26 8.05 -12.47 14.29
CA THR A 26 6.87 -12.59 13.46
C THR A 26 7.20 -12.27 12.02
N GLU A 27 8.47 -12.02 11.77
CA GLU A 27 8.96 -11.66 10.43
C GLU A 27 10.43 -12.01 10.32
N ASN A 28 10.91 -12.14 9.09
CA ASN A 28 12.29 -12.49 8.82
C ASN A 28 12.80 -11.61 7.69
N ASN A 29 12.48 -10.30 7.76
CA ASN A 29 12.84 -9.32 6.70
C ASN A 29 11.90 -9.54 5.49
N ASP A 30 10.81 -10.25 5.75
CA ASP A 30 9.85 -10.63 4.72
C ASP A 30 9.09 -9.40 4.22
N HIS A 31 9.59 -8.80 3.16
CA HIS A 31 8.97 -7.63 2.58
C HIS A 31 8.59 -7.87 1.15
N ILE A 32 7.59 -7.17 0.67
CA ILE A 32 7.13 -7.33 -0.69
C ILE A 32 7.00 -5.99 -1.39
N ASN A 33 6.77 -6.04 -2.68
CA ASN A 33 6.59 -4.84 -3.48
C ASN A 33 5.13 -4.66 -3.80
N LEU A 34 4.64 -3.45 -3.69
CA LEU A 34 3.27 -3.16 -4.04
C LEU A 34 3.22 -2.00 -4.99
N LYS A 35 2.41 -2.12 -6.01
CA LYS A 35 2.26 -1.07 -6.98
C LYS A 35 0.82 -0.64 -7.04
N VAL A 36 0.60 0.62 -7.30
CA VAL A 36 -0.74 1.17 -7.32
C VAL A 36 -1.02 1.86 -8.65
N ALA A 37 -2.15 1.55 -9.26
CA ALA A 37 -2.52 2.14 -10.54
C ALA A 37 -3.71 3.07 -10.40
N GLY A 38 -3.60 4.25 -10.97
CA GLY A 38 -4.65 5.23 -10.89
C GLY A 38 -5.46 5.33 -12.15
N GLN A 39 -6.52 6.11 -12.09
CA GLN A 39 -7.44 6.28 -13.22
C GLN A 39 -6.75 6.98 -14.37
N ASP A 40 -5.82 7.84 -14.04
CA ASP A 40 -5.10 8.63 -15.04
C ASP A 40 -4.04 7.78 -15.73
N GLY A 41 -3.79 6.59 -15.20
CA GLY A 41 -2.79 5.72 -15.79
C GLY A 41 -1.48 5.79 -15.07
N SER A 42 -1.44 6.49 -13.94
CA SER A 42 -0.23 6.61 -13.17
C SER A 42 -0.07 5.39 -12.26
N VAL A 43 1.16 5.08 -11.90
CA VAL A 43 1.43 3.95 -11.04
C VAL A 43 2.63 4.23 -10.15
N VAL A 44 2.49 3.94 -8.87
CA VAL A 44 3.56 4.16 -7.92
C VAL A 44 3.99 2.82 -7.31
N GLN A 45 5.29 2.60 -7.21
CA GLN A 45 5.80 1.36 -6.67
C GLN A 45 6.36 1.58 -5.25
N PHE A 46 6.16 0.60 -4.37
CA PHE A 46 6.64 0.70 -2.98
C PHE A 46 7.23 -0.62 -2.51
N ILE A 48 7.46 -2.55 1.02
CA ILE A 48 7.05 -2.57 2.42
C ILE A 48 7.03 -3.98 2.98
N LYS A 49 6.98 -4.09 4.29
CA LYS A 49 6.92 -5.38 4.96
C LYS A 49 5.52 -5.96 4.82
N ARG A 50 5.44 -7.27 4.89
CA ARG A 50 4.15 -7.96 4.77
C ARG A 50 3.28 -7.66 5.99
N HIS A 51 3.92 -7.28 7.07
CA HIS A 51 3.26 -7.02 8.32
C HIS A 51 3.13 -5.53 8.54
N THR A 52 3.58 -4.79 7.57
CA THR A 52 3.52 -3.36 7.58
C THR A 52 2.21 -2.89 6.94
N PRO A 53 1.51 -1.93 7.57
CA PRO A 53 0.24 -1.43 7.06
C PRO A 53 0.37 -0.80 5.67
N LEU A 54 -0.43 -1.27 4.72
CA LEU A 54 -0.41 -0.78 3.35
C LEU A 54 -0.87 0.67 3.27
N SER A 55 -1.54 1.14 4.31
CA SER A 55 -2.04 2.50 4.38
C SER A 55 -0.92 3.52 4.18
N LYS A 56 0.29 3.13 4.54
CA LYS A 56 1.45 3.99 4.40
C LYS A 56 1.65 4.33 2.93
N LEU A 57 1.57 3.31 2.06
CA LEU A 57 1.73 3.51 0.63
C LEU A 57 0.50 4.21 0.06
N MET A 58 -0.67 3.86 0.59
CA MET A 58 -1.92 4.44 0.10
C MET A 58 -1.96 5.94 0.35
N LYS A 59 -1.66 6.35 1.57
CA LYS A 59 -1.63 7.76 1.91
C LYS A 59 -0.52 8.47 1.17
N ALA A 60 0.61 7.79 0.98
CA ALA A 60 1.73 8.39 0.26
C ALA A 60 1.34 8.62 -1.18
N TYR A 61 0.56 7.70 -1.74
CA TYR A 61 0.08 7.82 -3.10
C TYR A 61 -0.74 9.08 -3.29
N CYS A 62 -1.76 9.27 -2.48
CA CYS A 62 -2.62 10.42 -2.61
C CYS A 62 -1.87 11.72 -2.33
N GLU A 63 -0.94 11.69 -1.39
CA GLU A 63 -0.15 12.86 -1.06
C GLU A 63 0.76 13.27 -2.21
N ARG A 64 1.38 12.30 -2.88
CA ARG A 64 2.30 12.60 -3.98
C ARG A 64 1.54 12.86 -5.28
N GLN A 65 0.41 12.19 -5.47
CA GLN A 65 -0.37 12.32 -6.70
C GLN A 65 -1.25 13.55 -6.70
N GLY A 66 -1.57 14.04 -5.53
CA GLY A 66 -2.43 15.19 -5.44
C GLY A 66 -3.88 14.77 -5.35
N LEU A 67 -4.13 13.68 -4.63
CA LEU A 67 -5.47 13.18 -4.43
C LEU A 67 -5.76 13.09 -2.94
N SER A 68 -7.01 12.92 -2.59
CA SER A 68 -7.38 12.80 -1.19
C SER A 68 -8.05 11.45 -0.93
N MET A 69 -7.99 10.99 0.33
CA MET A 69 -8.62 9.72 0.72
C MET A 69 -10.13 9.78 0.55
N ARG A 70 -10.68 10.97 0.63
CA ARG A 70 -12.10 11.17 0.42
C ARG A 70 -12.41 11.33 -1.07
N GLN A 71 -11.37 11.52 -1.86
CA GLN A 71 -11.50 11.73 -3.30
C GLN A 71 -11.29 10.45 -4.09
N ILE A 72 -10.52 9.54 -3.54
CA ILE A 72 -10.24 8.30 -4.22
C ILE A 72 -10.44 7.12 -3.30
N ARG A 73 -10.28 5.93 -3.83
CA ARG A 73 -10.40 4.73 -3.05
C ARG A 73 -9.52 3.64 -3.61
N PHE A 74 -8.93 2.87 -2.72
CA PHE A 74 -8.05 1.79 -3.08
C PHE A 74 -8.80 0.48 -3.00
N ARG A 75 -8.55 -0.38 -3.95
CA ARG A 75 -9.19 -1.67 -4.02
C ARG A 75 -8.20 -2.74 -4.40
N PHE A 76 -8.46 -3.95 -3.95
CA PHE A 76 -7.65 -5.08 -4.28
C PHE A 76 -8.46 -6.34 -4.16
N ASP A 77 -8.18 -7.31 -5.01
CA ASP A 77 -8.90 -8.60 -5.05
C ASP A 77 -10.40 -8.37 -5.26
N GLY A 78 -10.73 -7.24 -5.85
CA GLY A 78 -12.10 -6.91 -6.07
C GLY A 78 -12.80 -6.35 -4.84
N GLN A 79 -12.09 -6.24 -3.74
CA GLN A 79 -12.64 -5.71 -2.51
C GLN A 79 -11.94 -4.40 -2.14
N PRO A 80 -12.66 -3.46 -1.53
CA PRO A 80 -12.07 -2.17 -1.13
C PRO A 80 -11.08 -2.34 0.01
N ILE A 81 -9.98 -1.61 -0.06
CA ILE A 81 -8.93 -1.70 0.95
C ILE A 81 -9.18 -0.66 2.05
N ASN A 82 -8.82 -1.01 3.27
CA ASN A 82 -8.95 -0.08 4.37
C ASN A 82 -7.58 0.34 4.81
N GLU A 83 -7.50 1.47 5.46
CA GLU A 83 -6.23 1.96 5.95
C GLU A 83 -5.73 1.08 7.08
N THR A 84 -6.63 0.33 7.67
CA THR A 84 -6.27 -0.53 8.74
C THR A 84 -6.03 -1.97 8.25
N ASP A 85 -5.87 -2.13 6.94
CA ASP A 85 -5.65 -3.45 6.35
C ASP A 85 -4.14 -3.69 6.14
N THR A 86 -3.72 -4.93 6.21
CA THR A 86 -2.33 -5.29 6.00
C THR A 86 -2.19 -6.20 4.76
N PRO A 87 -1.12 -6.02 3.95
CA PRO A 87 -0.91 -6.78 2.69
C PRO A 87 -0.95 -8.30 2.91
N ALA A 88 -0.48 -8.74 4.06
CA ALA A 88 -0.42 -10.15 4.37
C ALA A 88 -1.82 -10.74 4.53
N GLN A 89 -2.78 -9.92 4.91
CA GLN A 89 -4.15 -10.36 5.11
C GLN A 89 -4.79 -10.79 3.81
N LEU A 90 -4.50 -10.07 2.74
CA LEU A 90 -5.09 -10.38 1.45
C LEU A 90 -4.32 -11.51 0.78
N GLU A 91 -3.16 -11.85 1.36
CA GLU A 91 -2.30 -12.91 0.82
C GLU A 91 -1.97 -12.62 -0.64
N MET A 92 -1.60 -11.37 -0.88
CA MET A 92 -1.31 -10.86 -2.22
C MET A 92 0.07 -11.35 -2.73
N GLU A 93 0.79 -10.49 -3.43
CA GLU A 93 2.06 -10.88 -4.01
C GLU A 93 2.86 -9.64 -4.32
N ASP A 94 4.18 -9.76 -4.31
CA ASP A 94 5.04 -8.66 -4.72
C ASP A 94 4.74 -8.24 -6.16
N GLU A 95 4.82 -6.94 -6.38
CA GLU A 95 4.60 -6.32 -7.68
C GLU A 95 3.13 -6.36 -8.06
N ASP A 96 2.27 -6.62 -7.08
CA ASP A 96 0.84 -6.67 -7.33
C ASP A 96 0.31 -5.26 -7.60
N THR A 97 -0.83 -5.16 -8.25
CA THR A 97 -1.38 -3.88 -8.62
C THR A 97 -2.61 -3.51 -7.78
N ILE A 98 -2.56 -2.34 -7.19
CA ILE A 98 -3.66 -1.80 -6.42
C ILE A 98 -4.57 -1.00 -7.33
N ASP A 99 -5.86 -1.22 -7.23
CA ASP A 99 -6.83 -0.54 -8.08
C ASP A 99 -7.36 0.71 -7.40
N VAL A 100 -7.06 1.86 -7.97
CA VAL A 100 -7.55 3.12 -7.41
C VAL A 100 -8.55 3.75 -8.35
N PHE A 101 -9.63 4.26 -7.79
CA PHE A 101 -10.67 4.89 -8.56
C PHE A 101 -11.18 6.12 -7.85
N GLN A 102 -11.71 7.08 -8.60
CA GLN A 102 -12.17 8.34 -8.03
C GLN A 102 -13.56 8.20 -7.39
N GLN A 103 -13.59 8.31 -6.09
CA GLN A 103 -14.83 8.25 -5.32
C GLN A 103 -15.20 9.61 -4.76
N GLN A 104 -14.84 10.67 -5.49
CA GLN A 104 -15.14 12.04 -5.08
C GLN A 104 -16.64 12.20 -4.82
N THR A 105 -17.44 11.65 -5.71
CA THR A 105 -18.88 11.73 -5.57
C THR A 105 -19.42 10.39 -5.04
N GLY A 106 -20.28 10.45 -4.03
CA GLY A 106 -20.80 9.23 -3.41
C GLY A 106 -19.71 8.44 -2.71
N GLY A 107 -18.76 9.15 -2.14
CA GLY A 107 -17.65 8.49 -1.49
C GLY A 107 -17.82 8.50 0.01
N MET A 15 7.37 19.81 12.30
CA MET A 15 6.64 18.74 13.00
C MET A 15 7.56 17.97 13.95
N ALA A 16 8.85 17.83 13.56
CA ALA A 16 9.88 17.17 14.35
C ALA A 16 9.88 15.67 14.10
N ASP A 17 11.01 15.18 13.60
CA ASP A 17 11.15 13.78 13.25
C ASP A 17 12.09 13.08 14.22
N GLU A 18 12.11 13.56 15.48
CA GLU A 18 12.91 13.01 16.57
C GLU A 18 13.18 11.51 16.43
N LYS A 19 14.43 11.20 16.19
CA LYS A 19 14.89 9.83 16.06
C LYS A 19 16.23 9.70 16.76
N PRO A 20 16.46 8.59 17.49
CA PRO A 20 17.73 8.35 18.18
C PRO A 20 18.90 8.12 17.21
N LYS A 21 19.99 7.57 17.70
CA LYS A 21 21.16 7.32 16.86
C LYS A 21 21.19 5.88 16.39
N GLU A 22 20.17 5.12 16.79
CA GLU A 22 20.04 3.74 16.39
C GLU A 22 18.57 3.37 16.31
N GLY A 23 18.18 2.78 15.20
CA GLY A 23 16.81 2.38 15.01
C GLY A 23 16.71 1.13 14.20
N VAL A 24 17.61 0.20 14.43
CA VAL A 24 17.62 -1.04 13.70
C VAL A 24 16.99 -2.17 14.53
N LYS A 25 16.01 -2.83 13.95
CA LYS A 25 15.34 -3.92 14.61
C LYS A 25 15.07 -5.02 13.61
N THR A 26 15.54 -6.21 13.88
CA THR A 26 15.30 -7.33 12.99
C THR A 26 14.02 -8.06 13.39
N GLU A 27 13.20 -8.39 12.40
CA GLU A 27 11.95 -9.07 12.63
C GLU A 27 11.87 -10.35 11.80
N ASN A 28 10.83 -11.13 12.02
CA ASN A 28 10.61 -12.38 11.29
C ASN A 28 9.92 -12.14 9.96
N ASN A 29 9.53 -10.91 9.70
CA ASN A 29 8.85 -10.58 8.46
C ASN A 29 9.81 -9.95 7.48
N ASP A 30 9.47 -10.00 6.23
CA ASP A 30 10.28 -9.39 5.20
C ASP A 30 9.45 -8.37 4.45
N HIS A 31 9.94 -7.91 3.32
CA HIS A 31 9.25 -6.88 2.58
C HIS A 31 8.89 -7.34 1.17
N ILE A 32 7.83 -6.77 0.64
CA ILE A 32 7.37 -7.06 -0.70
C ILE A 32 7.09 -5.77 -1.45
N ASN A 33 6.85 -5.87 -2.74
CA ASN A 33 6.59 -4.70 -3.56
C ASN A 33 5.11 -4.62 -3.90
N LEU A 34 4.53 -3.47 -3.68
CA LEU A 34 3.14 -3.24 -4.03
C LEU A 34 3.06 -2.06 -4.96
N LYS A 35 2.28 -2.19 -5.99
CA LYS A 35 2.12 -1.14 -6.95
C LYS A 35 0.68 -0.72 -7.01
N VAL A 36 0.44 0.57 -7.15
CA VAL A 36 -0.91 1.08 -7.18
C VAL A 36 -1.16 1.82 -8.48
N ALA A 37 -2.26 1.53 -9.13
CA ALA A 37 -2.59 2.13 -10.41
C ALA A 37 -3.89 2.92 -10.29
N GLY A 38 -3.84 4.17 -10.67
CA GLY A 38 -5.01 4.99 -10.60
C GLY A 38 -5.65 5.20 -11.94
N GLN A 39 -6.94 5.50 -11.93
CA GLN A 39 -7.73 5.76 -13.17
C GLN A 39 -7.11 6.84 -14.08
N ASP A 40 -6.11 7.55 -13.59
CA ASP A 40 -5.42 8.58 -14.38
C ASP A 40 -4.44 7.92 -15.35
N GLY A 41 -4.05 6.70 -15.03
CA GLY A 41 -3.09 5.99 -15.83
C GLY A 41 -1.72 6.09 -15.22
N SER A 42 -1.70 6.33 -13.92
CA SER A 42 -0.47 6.52 -13.19
C SER A 42 -0.33 5.42 -12.14
N VAL A 43 0.84 4.81 -12.09
CA VAL A 43 1.11 3.76 -11.13
C VAL A 43 2.36 4.09 -10.31
N VAL A 44 2.33 3.74 -9.03
CA VAL A 44 3.44 3.99 -8.15
C VAL A 44 3.85 2.69 -7.48
N GLN A 45 5.14 2.49 -7.32
CA GLN A 45 5.64 1.27 -6.71
C GLN A 45 6.14 1.55 -5.29
N PHE A 46 5.87 0.62 -4.37
CA PHE A 46 6.28 0.77 -2.99
C PHE A 46 6.90 -0.52 -2.47
N ILE A 48 7.23 -2.37 1.06
CA ILE A 48 6.85 -2.39 2.48
C ILE A 48 6.90 -3.80 3.04
N LYS A 49 6.81 -3.92 4.35
CA LYS A 49 6.83 -5.20 5.02
C LYS A 49 5.46 -5.83 4.94
N ARG A 50 5.39 -7.15 4.99
CA ARG A 50 4.11 -7.85 4.89
C ARG A 50 3.29 -7.67 6.17
N HIS A 51 3.92 -7.18 7.22
CA HIS A 51 3.25 -6.97 8.49
C HIS A 51 3.04 -5.48 8.68
N THR A 52 3.57 -4.74 7.74
CA THR A 52 3.49 -3.31 7.74
C THR A 52 2.18 -2.88 7.06
N PRO A 53 1.42 -1.99 7.72
CA PRO A 53 0.15 -1.51 7.18
C PRO A 53 0.33 -0.78 5.85
N LEU A 54 -0.37 -1.27 4.84
CA LEU A 54 -0.33 -0.67 3.49
C LEU A 54 -0.84 0.76 3.50
N SER A 55 -1.54 1.13 4.57
CA SER A 55 -2.08 2.47 4.76
C SER A 55 -1.02 3.55 4.52
N LYS A 56 0.21 3.27 4.90
CA LYS A 56 1.28 4.23 4.74
C LYS A 56 1.57 4.48 3.25
N LEU A 57 1.60 3.42 2.46
CA LEU A 57 1.83 3.56 1.02
C LEU A 57 0.63 4.21 0.36
N MET A 58 -0.57 3.93 0.89
CA MET A 58 -1.80 4.49 0.34
C MET A 58 -1.84 5.99 0.53
N LYS A 59 -1.54 6.44 1.75
CA LYS A 59 -1.49 7.86 2.04
C LYS A 59 -0.37 8.52 1.25
N ALA A 60 0.75 7.82 1.12
CA ALA A 60 1.88 8.31 0.36
C ALA A 60 1.49 8.51 -1.10
N TYR A 61 0.73 7.56 -1.63
CA TYR A 61 0.24 7.62 -2.99
C TYR A 61 -0.56 8.89 -3.21
N CYS A 62 -1.58 9.11 -2.39
CA CYS A 62 -2.44 10.27 -2.52
C CYS A 62 -1.64 11.56 -2.41
N GLU A 63 -0.73 11.61 -1.45
CA GLU A 63 0.10 12.80 -1.22
C GLU A 63 0.98 13.11 -2.43
N ARG A 64 1.58 12.09 -3.03
CA ARG A 64 2.48 12.31 -4.16
C ARG A 64 1.71 12.54 -5.46
N GLN A 65 0.60 11.85 -5.62
CA GLN A 65 -0.20 11.95 -6.84
C GLN A 65 -1.06 13.19 -6.87
N GLY A 66 -1.31 13.75 -5.72
CA GLY A 66 -2.16 14.90 -5.66
C GLY A 66 -3.60 14.50 -5.58
N LEU A 67 -3.87 13.49 -4.77
CA LEU A 67 -5.22 13.00 -4.59
C LEU A 67 -5.56 13.04 -3.09
N SER A 68 -6.82 12.94 -2.77
CA SER A 68 -7.23 12.93 -1.39
C SER A 68 -7.89 11.61 -1.04
N MET A 69 -7.79 11.19 0.22
CA MET A 69 -8.40 9.92 0.67
C MET A 69 -9.90 9.94 0.46
N ARG A 70 -10.49 11.12 0.50
CA ARG A 70 -11.92 11.26 0.27
C ARG A 70 -12.22 11.35 -1.22
N GLN A 71 -11.18 11.62 -2.00
CA GLN A 71 -11.31 11.78 -3.45
C GLN A 71 -11.11 10.47 -4.17
N ILE A 72 -10.41 9.54 -3.57
CA ILE A 72 -10.14 8.27 -4.21
C ILE A 72 -10.33 7.10 -3.27
N ARG A 73 -10.16 5.92 -3.79
CA ARG A 73 -10.26 4.69 -3.03
C ARG A 73 -9.38 3.63 -3.63
N PHE A 74 -8.74 2.87 -2.76
CA PHE A 74 -7.87 1.78 -3.17
C PHE A 74 -8.65 0.48 -3.13
N ARG A 75 -8.39 -0.39 -4.06
CA ARG A 75 -9.11 -1.63 -4.16
C ARG A 75 -8.18 -2.75 -4.59
N PHE A 76 -8.43 -3.94 -4.07
CA PHE A 76 -7.65 -5.11 -4.41
C PHE A 76 -8.52 -6.34 -4.29
N ASP A 77 -8.27 -7.32 -5.14
CA ASP A 77 -9.04 -8.57 -5.19
C ASP A 77 -10.53 -8.28 -5.40
N GLY A 78 -10.81 -7.13 -5.97
CA GLY A 78 -12.16 -6.74 -6.20
C GLY A 78 -12.77 -6.03 -4.98
N GLN A 79 -12.17 -6.23 -3.82
CA GLN A 79 -12.67 -5.64 -2.58
C GLN A 79 -11.91 -4.35 -2.24
N PRO A 80 -12.57 -3.40 -1.56
CA PRO A 80 -11.97 -2.13 -1.19
C PRO A 80 -10.96 -2.29 -0.05
N ILE A 81 -9.88 -1.53 -0.11
CA ILE A 81 -8.83 -1.58 0.90
C ILE A 81 -9.05 -0.49 1.94
N ASN A 82 -8.64 -0.76 3.17
CA ASN A 82 -8.76 0.20 4.25
C ASN A 82 -7.42 0.39 4.88
N GLU A 83 -7.33 1.34 5.80
CA GLU A 83 -6.09 1.57 6.51
C GLU A 83 -5.89 0.47 7.57
N THR A 84 -6.93 -0.32 7.77
CA THR A 84 -6.91 -1.39 8.75
C THR A 84 -6.48 -2.71 8.12
N ASP A 85 -6.28 -2.71 6.82
CA ASP A 85 -5.85 -3.89 6.14
C ASP A 85 -4.34 -3.94 5.95
N THR A 86 -3.80 -5.14 6.05
CA THR A 86 -2.40 -5.38 5.86
C THR A 86 -2.20 -6.18 4.58
N PRO A 87 -1.04 -6.03 3.91
CA PRO A 87 -0.77 -6.73 2.63
C PRO A 87 -0.85 -8.24 2.77
N ALA A 88 -0.55 -8.73 3.95
CA ALA A 88 -0.56 -10.16 4.22
C ALA A 88 -1.98 -10.70 4.40
N GLN A 89 -2.95 -9.81 4.57
CA GLN A 89 -4.34 -10.21 4.76
C GLN A 89 -4.94 -10.64 3.44
N LEU A 90 -4.58 -9.94 2.39
CA LEU A 90 -5.10 -10.24 1.07
C LEU A 90 -4.19 -11.21 0.36
N GLU A 91 -3.21 -11.78 1.13
CA GLU A 91 -2.22 -12.75 0.63
C GLU A 91 -1.63 -12.33 -0.72
N MET A 92 -1.45 -11.03 -0.89
CA MET A 92 -0.94 -10.47 -2.11
C MET A 92 0.56 -10.69 -2.23
N GLU A 93 1.08 -10.61 -3.43
CA GLU A 93 2.47 -10.88 -3.68
C GLU A 93 3.17 -9.62 -4.17
N ASP A 94 4.50 -9.65 -4.20
CA ASP A 94 5.26 -8.54 -4.74
C ASP A 94 4.91 -8.28 -6.19
N GLU A 95 4.93 -6.99 -6.56
CA GLU A 95 4.61 -6.53 -7.90
C GLU A 95 3.11 -6.58 -8.18
N ASP A 96 2.32 -6.73 -7.12
CA ASP A 96 0.88 -6.77 -7.27
C ASP A 96 0.35 -5.37 -7.55
N THR A 97 -0.79 -5.27 -8.21
CA THR A 97 -1.33 -3.98 -8.60
C THR A 97 -2.63 -3.62 -7.85
N ILE A 98 -2.66 -2.40 -7.34
CA ILE A 98 -3.82 -1.87 -6.63
C ILE A 98 -4.69 -1.06 -7.60
N ASP A 99 -6.00 -1.14 -7.44
CA ASP A 99 -6.93 -0.40 -8.28
C ASP A 99 -7.44 0.83 -7.56
N VAL A 100 -7.14 1.99 -8.07
CA VAL A 100 -7.61 3.24 -7.49
C VAL A 100 -8.60 3.92 -8.39
N PHE A 101 -9.67 4.40 -7.81
CA PHE A 101 -10.73 5.06 -8.56
C PHE A 101 -11.16 6.32 -7.83
N GLN A 102 -11.79 7.23 -8.55
CA GLN A 102 -12.18 8.52 -7.98
C GLN A 102 -13.56 8.45 -7.32
N GLN A 103 -13.59 8.76 -6.04
CA GLN A 103 -14.83 8.80 -5.27
C GLN A 103 -15.24 10.25 -4.99
N GLN A 104 -14.70 11.16 -5.77
CA GLN A 104 -14.99 12.58 -5.62
C GLN A 104 -16.46 12.85 -5.88
N THR A 105 -17.15 13.40 -4.89
CA THR A 105 -18.56 13.69 -4.99
C THR A 105 -18.86 14.65 -6.16
N GLY A 106 -19.63 14.18 -7.12
CA GLY A 106 -19.98 15.00 -8.25
C GLY A 106 -21.26 15.76 -8.01
N GLY A 107 -21.19 16.80 -7.21
CA GLY A 107 -22.37 17.57 -6.91
C GLY A 107 -22.24 19.00 -7.38
N MET A 15 9.24 -12.04 30.83
CA MET A 15 10.14 -11.01 30.27
C MET A 15 10.76 -11.48 28.97
N ALA A 16 11.69 -12.41 29.05
CA ALA A 16 12.36 -12.94 27.88
C ALA A 16 12.06 -14.43 27.74
N ASP A 17 10.92 -14.83 28.28
CA ASP A 17 10.50 -16.23 28.29
C ASP A 17 10.38 -16.81 26.88
N GLU A 18 9.80 -16.05 25.97
CA GLU A 18 9.61 -16.52 24.61
C GLU A 18 10.42 -15.66 23.63
N LYS A 19 11.59 -15.23 24.06
CA LYS A 19 12.44 -14.36 23.28
C LYS A 19 13.83 -14.25 23.91
N PRO A 20 14.73 -15.15 23.56
CA PRO A 20 16.07 -15.15 24.10
C PRO A 20 16.96 -14.13 23.41
N LYS A 21 18.00 -13.72 24.09
CA LYS A 21 18.95 -12.78 23.53
C LYS A 21 20.06 -13.53 22.80
N GLU A 22 20.17 -14.82 23.08
CA GLU A 22 21.15 -15.66 22.43
C GLU A 22 20.50 -16.46 21.32
N GLY A 23 20.74 -16.04 20.10
CA GLY A 23 20.18 -16.73 18.97
C GLY A 23 18.75 -16.32 18.70
N VAL A 24 18.55 -15.04 18.44
CA VAL A 24 17.23 -14.51 18.10
C VAL A 24 16.67 -15.25 16.87
N LYS A 25 15.36 -15.42 16.81
CA LYS A 25 14.75 -16.17 15.72
C LYS A 25 14.23 -15.23 14.64
N THR A 26 13.44 -15.78 13.73
CA THR A 26 12.88 -15.00 12.67
C THR A 26 11.36 -15.21 12.59
N GLU A 27 10.63 -14.15 12.36
CA GLU A 27 9.19 -14.22 12.25
C GLU A 27 8.77 -14.39 10.80
N ASN A 28 9.77 -14.29 9.92
CA ASN A 28 9.59 -14.49 8.47
C ASN A 28 8.79 -13.37 7.85
N ASN A 29 8.85 -12.20 8.44
CA ASN A 29 8.14 -11.04 7.94
C ASN A 29 8.88 -10.38 6.81
N ASP A 30 8.94 -11.08 5.69
CA ASP A 30 9.55 -10.59 4.48
C ASP A 30 8.81 -9.35 3.99
N HIS A 31 9.38 -8.69 3.04
CA HIS A 31 8.83 -7.47 2.53
C HIS A 31 8.47 -7.63 1.07
N ILE A 32 7.39 -7.02 0.67
CA ILE A 32 6.90 -7.15 -0.67
C ILE A 32 6.78 -5.80 -1.34
N ASN A 33 6.56 -5.82 -2.63
CA ASN A 33 6.40 -4.62 -3.40
C ASN A 33 4.95 -4.46 -3.77
N LEU A 34 4.42 -3.27 -3.64
CA LEU A 34 3.05 -3.03 -4.01
C LEU A 34 2.97 -1.88 -4.98
N LYS A 35 2.22 -2.06 -6.02
CA LYS A 35 2.06 -1.03 -7.01
C LYS A 35 0.62 -0.63 -7.11
N VAL A 36 0.37 0.64 -7.29
CA VAL A 36 -0.98 1.14 -7.33
C VAL A 36 -1.20 1.89 -8.63
N ALA A 37 -2.32 1.66 -9.28
CA ALA A 37 -2.62 2.28 -10.56
C ALA A 37 -3.87 3.13 -10.46
N GLY A 38 -3.78 4.36 -10.92
CA GLY A 38 -4.90 5.26 -10.88
C GLY A 38 -5.55 5.38 -12.23
N GLN A 39 -6.66 6.08 -12.29
CA GLN A 39 -7.41 6.23 -13.54
C GLN A 39 -6.69 7.14 -14.50
N ASP A 40 -5.77 7.94 -13.97
CA ASP A 40 -4.97 8.84 -14.78
C ASP A 40 -3.96 8.05 -15.60
N GLY A 41 -3.72 6.81 -15.22
CA GLY A 41 -2.79 5.97 -15.95
C GLY A 41 -1.44 5.99 -15.30
N SER A 42 -1.42 6.44 -14.07
CA SER A 42 -0.21 6.56 -13.33
C SER A 42 -0.11 5.48 -12.25
N VAL A 43 1.03 4.83 -12.18
CA VAL A 43 1.27 3.80 -11.18
C VAL A 43 2.48 4.13 -10.32
N VAL A 44 2.37 3.88 -9.03
CA VAL A 44 3.47 4.14 -8.10
C VAL A 44 3.87 2.83 -7.45
N GLN A 45 5.17 2.60 -7.31
CA GLN A 45 5.66 1.38 -6.72
C GLN A 45 6.17 1.62 -5.30
N PHE A 46 5.90 0.69 -4.39
CA PHE A 46 6.30 0.82 -2.99
C PHE A 46 6.88 -0.50 -2.47
N ILE A 48 7.25 -2.49 1.18
CA ILE A 48 6.86 -2.55 2.59
C ILE A 48 6.88 -3.99 3.09
N LYS A 49 6.86 -4.16 4.40
CA LYS A 49 6.83 -5.49 4.99
C LYS A 49 5.43 -6.08 4.93
N ARG A 50 5.34 -7.40 4.92
CA ARG A 50 4.06 -8.08 4.85
C ARG A 50 3.26 -7.87 6.13
N HIS A 51 3.94 -7.49 7.20
CA HIS A 51 3.28 -7.28 8.48
C HIS A 51 3.10 -5.79 8.71
N THR A 52 3.50 -5.02 7.73
CA THR A 52 3.40 -3.59 7.75
C THR A 52 2.13 -3.16 6.99
N PRO A 53 1.32 -2.25 7.58
CA PRO A 53 0.07 -1.79 6.98
C PRO A 53 0.27 -1.04 5.67
N LEU A 54 -0.53 -1.36 4.66
CA LEU A 54 -0.42 -0.73 3.35
C LEU A 54 -0.85 0.75 3.37
N SER A 55 -1.54 1.16 4.43
CA SER A 55 -2.02 2.54 4.58
C SER A 55 -0.92 3.56 4.37
N LYS A 56 0.30 3.18 4.72
CA LYS A 56 1.45 4.05 4.58
C LYS A 56 1.65 4.40 3.10
N LEU A 57 1.62 3.39 2.25
CA LEU A 57 1.80 3.59 0.83
C LEU A 57 0.57 4.23 0.20
N MET A 58 -0.61 3.91 0.74
CA MET A 58 -1.85 4.46 0.20
C MET A 58 -1.90 5.96 0.38
N LYS A 59 -1.54 6.44 1.57
CA LYS A 59 -1.52 7.86 1.82
C LYS A 59 -0.40 8.52 1.05
N ALA A 60 0.71 7.81 0.91
CA ALA A 60 1.86 8.32 0.18
C ALA A 60 1.50 8.51 -1.29
N TYR A 61 0.68 7.60 -1.81
CA TYR A 61 0.20 7.69 -3.17
C TYR A 61 -0.60 8.97 -3.35
N CYS A 62 -1.61 9.17 -2.52
CA CYS A 62 -2.48 10.32 -2.60
C CYS A 62 -1.69 11.62 -2.42
N GLU A 63 -0.81 11.63 -1.43
CA GLU A 63 -0.02 12.81 -1.11
C GLU A 63 0.95 13.19 -2.22
N ARG A 64 1.46 12.20 -2.96
CA ARG A 64 2.37 12.49 -4.05
C ARG A 64 1.61 12.78 -5.34
N GLN A 65 0.51 12.07 -5.56
CA GLN A 65 -0.29 12.21 -6.78
C GLN A 65 -1.15 13.45 -6.75
N GLY A 66 -1.44 13.92 -5.57
CA GLY A 66 -2.27 15.09 -5.44
C GLY A 66 -3.73 14.71 -5.35
N LEU A 67 -4.01 13.64 -4.64
CA LEU A 67 -5.36 13.16 -4.46
C LEU A 67 -5.72 13.11 -2.99
N SER A 68 -7.00 13.11 -2.71
CA SER A 68 -7.47 13.03 -1.34
C SER A 68 -8.08 11.67 -1.07
N MET A 69 -7.97 11.18 0.16
CA MET A 69 -8.54 9.90 0.55
C MET A 69 -10.04 9.85 0.32
N ARG A 70 -10.69 11.00 0.43
CA ARG A 70 -12.13 11.10 0.20
C ARG A 70 -12.45 11.31 -1.28
N GLN A 71 -11.42 11.57 -2.08
CA GLN A 71 -11.59 11.82 -3.52
C GLN A 71 -11.29 10.57 -4.32
N ILE A 72 -10.63 9.62 -3.71
CA ILE A 72 -10.30 8.37 -4.40
C ILE A 72 -10.46 7.19 -3.45
N ARG A 73 -10.22 6.00 -3.96
CA ARG A 73 -10.28 4.78 -3.16
C ARG A 73 -9.40 3.71 -3.74
N PHE A 74 -8.80 2.92 -2.86
CA PHE A 74 -7.95 1.82 -3.24
C PHE A 74 -8.72 0.52 -3.14
N ARG A 75 -8.48 -0.38 -4.08
CA ARG A 75 -9.20 -1.63 -4.14
C ARG A 75 -8.28 -2.75 -4.57
N PHE A 76 -8.43 -3.90 -3.93
CA PHE A 76 -7.62 -5.06 -4.23
C PHE A 76 -8.46 -6.31 -4.05
N ASP A 77 -8.19 -7.34 -4.84
CA ASP A 77 -8.93 -8.62 -4.79
C ASP A 77 -10.43 -8.40 -4.94
N GLY A 78 -10.81 -7.31 -5.58
CA GLY A 78 -12.21 -7.02 -5.78
C GLY A 78 -12.88 -6.40 -4.57
N GLN A 79 -12.12 -6.13 -3.52
CA GLN A 79 -12.65 -5.52 -2.33
C GLN A 79 -11.93 -4.21 -2.02
N PRO A 80 -12.61 -3.27 -1.36
CA PRO A 80 -12.01 -2.00 -0.97
C PRO A 80 -10.94 -2.21 0.11
N ILE A 81 -9.87 -1.47 0.02
CA ILE A 81 -8.79 -1.59 0.98
C ILE A 81 -9.01 -0.62 2.14
N ASN A 82 -8.64 -1.03 3.33
CA ASN A 82 -8.75 -0.17 4.50
C ASN A 82 -7.38 0.19 4.97
N GLU A 83 -7.26 1.28 5.69
CA GLU A 83 -5.98 1.70 6.18
C GLU A 83 -5.51 0.75 7.29
N THR A 84 -6.46 0.02 7.86
CA THR A 84 -6.18 -0.90 8.93
C THR A 84 -5.89 -2.30 8.41
N ASP A 85 -5.79 -2.46 7.09
CA ASP A 85 -5.54 -3.77 6.51
C ASP A 85 -4.04 -3.98 6.31
N THR A 86 -3.61 -5.22 6.35
CA THR A 86 -2.22 -5.57 6.14
C THR A 86 -2.10 -6.49 4.91
N PRO A 87 -1.05 -6.28 4.08
CA PRO A 87 -0.85 -7.04 2.82
C PRO A 87 -0.90 -8.55 3.01
N ALA A 88 -0.45 -9.00 4.16
CA ALA A 88 -0.38 -10.40 4.46
C ALA A 88 -1.77 -11.02 4.61
N GLN A 89 -2.77 -10.19 4.86
CA GLN A 89 -4.13 -10.67 5.02
C GLN A 89 -4.73 -11.08 3.69
N LEU A 90 -4.41 -10.32 2.65
CA LEU A 90 -4.95 -10.60 1.33
C LEU A 90 -4.08 -11.59 0.59
N GLU A 91 -2.97 -11.98 1.21
CA GLU A 91 -2.01 -12.93 0.63
C GLU A 91 -1.48 -12.41 -0.70
N MET A 92 -1.33 -11.10 -0.79
CA MET A 92 -0.86 -10.46 -1.99
C MET A 92 0.64 -10.67 -2.16
N GLU A 93 1.13 -10.51 -3.38
CA GLU A 93 2.52 -10.77 -3.70
C GLU A 93 3.21 -9.49 -4.14
N ASP A 94 4.54 -9.51 -4.23
CA ASP A 94 5.29 -8.36 -4.70
C ASP A 94 4.90 -7.99 -6.12
N GLU A 95 4.84 -6.69 -6.35
CA GLU A 95 4.51 -6.09 -7.62
C GLU A 95 3.05 -6.28 -8.00
N ASP A 96 2.22 -6.61 -7.03
CA ASP A 96 0.80 -6.74 -7.29
C ASP A 96 0.21 -5.35 -7.57
N THR A 97 -0.91 -5.29 -8.26
CA THR A 97 -1.46 -4.02 -8.67
C THR A 97 -2.73 -3.64 -7.89
N ILE A 98 -2.75 -2.41 -7.42
CA ILE A 98 -3.87 -1.85 -6.68
C ILE A 98 -4.75 -1.05 -7.64
N ASP A 99 -6.05 -1.12 -7.44
CA ASP A 99 -6.98 -0.38 -8.28
C ASP A 99 -7.44 0.88 -7.55
N VAL A 100 -7.16 2.03 -8.12
CA VAL A 100 -7.63 3.28 -7.54
C VAL A 100 -8.64 3.93 -8.47
N PHE A 101 -9.73 4.36 -7.91
CA PHE A 101 -10.78 4.98 -8.68
C PHE A 101 -11.21 6.27 -8.01
N GLN A 102 -11.65 7.23 -8.81
CA GLN A 102 -12.06 8.52 -8.30
C GLN A 102 -13.41 8.44 -7.59
N GLN A 103 -13.40 8.61 -6.29
CA GLN A 103 -14.61 8.63 -5.48
C GLN A 103 -15.11 10.05 -5.29
N GLN A 104 -14.71 10.93 -6.19
CA GLN A 104 -15.13 12.30 -6.13
C GLN A 104 -16.57 12.42 -6.58
N THR A 105 -17.45 12.72 -5.67
CA THR A 105 -18.85 12.86 -5.98
C THR A 105 -19.06 14.14 -6.82
N GLY A 106 -20.13 14.16 -7.61
CA GLY A 106 -20.38 15.29 -8.46
C GLY A 106 -19.31 15.44 -9.51
N GLY A 107 -19.05 14.37 -10.23
CA GLY A 107 -18.04 14.40 -11.24
C GLY A 107 -17.70 13.00 -11.69
N MET A 15 27.28 -24.14 23.08
CA MET A 15 28.06 -24.29 21.82
C MET A 15 27.19 -24.03 20.60
N ALA A 16 25.90 -24.28 20.74
CA ALA A 16 24.95 -24.09 19.65
C ALA A 16 23.58 -23.83 20.22
N ASP A 17 23.57 -23.33 21.43
CA ASP A 17 22.35 -23.10 22.17
C ASP A 17 22.34 -21.67 22.69
N GLU A 18 23.32 -20.90 22.24
CA GLU A 18 23.50 -19.52 22.65
C GLU A 18 22.25 -18.68 22.39
N LYS A 19 21.60 -18.24 23.45
CA LYS A 19 20.46 -17.37 23.34
C LYS A 19 20.55 -16.25 24.37
N PRO A 20 20.48 -14.99 23.92
CA PRO A 20 20.55 -13.84 24.83
C PRO A 20 19.29 -13.72 25.68
N LYS A 21 19.39 -13.00 26.77
CA LYS A 21 18.25 -12.83 27.67
C LYS A 21 17.25 -11.78 27.16
N GLU A 22 17.70 -10.89 26.27
CA GLU A 22 16.83 -9.83 25.75
C GLU A 22 16.99 -9.66 24.24
N GLY A 23 16.17 -8.79 23.66
CA GLY A 23 16.24 -8.50 22.23
C GLY A 23 15.42 -9.47 21.41
N VAL A 24 15.48 -10.75 21.77
CA VAL A 24 14.78 -11.81 21.07
C VAL A 24 15.15 -11.83 19.57
N LYS A 25 16.36 -12.31 19.31
CA LYS A 25 16.89 -12.46 17.95
C LYS A 25 15.83 -12.93 16.94
N THR A 26 15.69 -12.17 15.87
CA THR A 26 14.75 -12.49 14.80
C THR A 26 15.09 -11.70 13.54
N GLU A 27 14.45 -12.04 12.43
CA GLU A 27 14.71 -11.35 11.16
C GLU A 27 13.60 -10.34 10.85
N ASN A 28 12.42 -10.85 10.48
CA ASN A 28 11.27 -10.00 10.10
C ASN A 28 11.61 -9.08 8.93
N ASN A 29 12.37 -9.59 7.96
CA ASN A 29 12.78 -8.80 6.81
C ASN A 29 11.88 -9.10 5.63
N ASP A 30 10.79 -9.80 5.91
CA ASP A 30 9.81 -10.18 4.90
C ASP A 30 9.12 -8.98 4.27
N HIS A 31 9.68 -8.49 3.18
CA HIS A 31 9.13 -7.34 2.51
C HIS A 31 8.82 -7.62 1.06
N ILE A 32 7.80 -6.99 0.56
CA ILE A 32 7.36 -7.15 -0.80
C ILE A 32 7.17 -5.80 -1.48
N ASN A 33 6.96 -5.83 -2.77
CA ASN A 33 6.74 -4.61 -3.53
C ASN A 33 5.29 -4.51 -3.93
N LEU A 34 4.66 -3.41 -3.58
CA LEU A 34 3.27 -3.20 -3.94
C LEU A 34 3.18 -2.04 -4.89
N LYS A 35 2.32 -2.13 -5.86
CA LYS A 35 2.18 -1.09 -6.84
C LYS A 35 0.73 -0.68 -6.95
N VAL A 36 0.49 0.59 -7.13
CA VAL A 36 -0.86 1.09 -7.20
C VAL A 36 -1.07 1.82 -8.51
N ALA A 37 -2.16 1.52 -9.20
CA ALA A 37 -2.47 2.13 -10.48
C ALA A 37 -3.78 2.89 -10.36
N GLY A 38 -3.76 4.15 -10.70
CA GLY A 38 -4.95 4.95 -10.59
C GLY A 38 -5.61 5.18 -11.91
N GLN A 39 -6.83 5.71 -11.86
CA GLN A 39 -7.62 6.03 -13.05
C GLN A 39 -6.93 7.08 -13.95
N ASP A 40 -5.82 7.61 -13.49
CA ASP A 40 -5.06 8.59 -14.23
C ASP A 40 -4.08 7.87 -15.16
N GLY A 41 -3.78 6.62 -14.83
CA GLY A 41 -2.85 5.84 -15.60
C GLY A 41 -1.55 5.74 -14.90
N SER A 42 -1.38 6.61 -13.94
CA SER A 42 -0.18 6.70 -13.17
C SER A 42 -0.10 5.59 -12.13
N VAL A 43 1.03 4.94 -12.08
CA VAL A 43 1.26 3.87 -11.12
C VAL A 43 2.48 4.17 -10.25
N VAL A 44 2.38 3.84 -8.98
CA VAL A 44 3.45 4.09 -8.03
C VAL A 44 3.89 2.78 -7.39
N GLN A 45 5.18 2.59 -7.24
CA GLN A 45 5.69 1.37 -6.64
C GLN A 45 6.22 1.63 -5.22
N PHE A 46 5.96 0.69 -4.32
CA PHE A 46 6.37 0.83 -2.92
C PHE A 46 7.03 -0.44 -2.42
N ILE A 48 7.49 -2.39 1.08
CA ILE A 48 7.12 -2.47 2.49
C ILE A 48 7.06 -3.92 2.95
N LYS A 49 6.96 -4.12 4.25
CA LYS A 49 6.87 -5.44 4.81
C LYS A 49 5.44 -5.96 4.72
N ARG A 50 5.29 -7.26 4.49
CA ARG A 50 3.97 -7.88 4.34
C ARG A 50 3.20 -7.87 5.65
N HIS A 51 3.89 -7.60 6.74
CA HIS A 51 3.26 -7.60 8.04
C HIS A 51 3.02 -6.16 8.45
N THR A 52 3.48 -5.27 7.60
CA THR A 52 3.39 -3.84 7.77
C THR A 52 2.14 -3.28 7.09
N PRO A 53 1.45 -2.32 7.73
CA PRO A 53 0.23 -1.71 7.19
C PRO A 53 0.47 -1.03 5.84
N LEU A 54 -0.32 -1.41 4.84
CA LEU A 54 -0.22 -0.85 3.51
C LEU A 54 -0.68 0.60 3.47
N SER A 55 -1.39 1.00 4.51
CA SER A 55 -1.93 2.34 4.66
C SER A 55 -0.86 3.41 4.44
N LYS A 56 0.38 3.08 4.80
CA LYS A 56 1.50 3.98 4.63
C LYS A 56 1.65 4.36 3.17
N LEU A 57 1.68 3.35 2.31
CA LEU A 57 1.85 3.56 0.89
C LEU A 57 0.60 4.20 0.28
N MET A 58 -0.56 3.89 0.83
CA MET A 58 -1.82 4.42 0.31
C MET A 58 -1.88 5.93 0.46
N LYS A 59 -1.62 6.42 1.67
CA LYS A 59 -1.63 7.85 1.91
C LYS A 59 -0.50 8.51 1.14
N ALA A 60 0.62 7.81 1.01
CA ALA A 60 1.76 8.34 0.26
C ALA A 60 1.38 8.51 -1.21
N TYR A 61 0.59 7.57 -1.73
CA TYR A 61 0.11 7.63 -3.09
C TYR A 61 -0.70 8.90 -3.31
N CYS A 62 -1.73 9.10 -2.51
CA CYS A 62 -2.61 10.26 -2.67
C CYS A 62 -1.85 11.56 -2.45
N GLU A 63 -0.89 11.57 -1.54
CA GLU A 63 -0.10 12.77 -1.28
C GLU A 63 0.77 13.14 -2.47
N ARG A 64 1.43 12.14 -3.08
CA ARG A 64 2.31 12.39 -4.21
C ARG A 64 1.53 12.65 -5.49
N GLN A 65 0.42 11.93 -5.66
CA GLN A 65 -0.41 12.05 -6.86
C GLN A 65 -1.22 13.32 -6.86
N GLY A 66 -1.42 13.89 -5.70
CA GLY A 66 -2.23 15.06 -5.61
C GLY A 66 -3.69 14.71 -5.55
N LEU A 67 -4.01 13.69 -4.76
CA LEU A 67 -5.37 13.24 -4.58
C LEU A 67 -5.69 13.23 -3.10
N SER A 68 -6.96 13.09 -2.78
CA SER A 68 -7.37 13.03 -1.41
C SER A 68 -8.01 11.67 -1.13
N MET A 69 -7.92 11.21 0.12
CA MET A 69 -8.53 9.93 0.51
C MET A 69 -10.03 9.93 0.27
N ARG A 70 -10.65 11.10 0.34
CA ARG A 70 -12.08 11.24 0.09
C ARG A 70 -12.35 11.36 -1.41
N GLN A 71 -11.29 11.62 -2.17
CA GLN A 71 -11.39 11.81 -3.61
C GLN A 71 -11.14 10.51 -4.37
N ILE A 72 -10.54 9.53 -3.72
CA ILE A 72 -10.25 8.24 -4.37
C ILE A 72 -10.49 7.07 -3.43
N ARG A 73 -10.25 5.88 -3.94
CA ARG A 73 -10.37 4.64 -3.17
C ARG A 73 -9.50 3.55 -3.76
N PHE A 74 -8.87 2.77 -2.90
CA PHE A 74 -8.01 1.69 -3.32
C PHE A 74 -8.78 0.37 -3.27
N ARG A 75 -8.52 -0.49 -4.22
CA ARG A 75 -9.20 -1.78 -4.31
C ARG A 75 -8.27 -2.88 -4.75
N PHE A 76 -8.38 -4.00 -4.07
CA PHE A 76 -7.61 -5.17 -4.37
C PHE A 76 -8.50 -6.36 -4.16
N ASP A 77 -8.31 -7.40 -4.94
CA ASP A 77 -9.16 -8.59 -4.87
C ASP A 77 -10.63 -8.18 -4.93
N GLY A 78 -10.94 -7.22 -5.78
CA GLY A 78 -12.29 -6.71 -5.86
C GLY A 78 -12.79 -5.97 -4.62
N GLN A 79 -12.18 -6.21 -3.49
CA GLN A 79 -12.61 -5.60 -2.24
C GLN A 79 -11.85 -4.30 -1.98
N PRO A 80 -12.50 -3.32 -1.35
CA PRO A 80 -11.88 -2.06 -1.03
C PRO A 80 -10.83 -2.22 0.05
N ILE A 81 -9.74 -1.49 -0.07
CA ILE A 81 -8.66 -1.58 0.87
C ILE A 81 -8.87 -0.56 1.99
N ASN A 82 -8.51 -0.92 3.20
CA ASN A 82 -8.68 -0.03 4.34
C ASN A 82 -7.35 0.23 4.98
N GLU A 83 -7.29 1.27 5.78
CA GLU A 83 -6.08 1.62 6.49
C GLU A 83 -5.84 0.63 7.64
N THR A 84 -6.84 -0.16 7.96
CA THR A 84 -6.72 -1.13 9.01
C THR A 84 -6.35 -2.51 8.48
N ASP A 85 -6.10 -2.60 7.18
CA ASP A 85 -5.72 -3.86 6.59
C ASP A 85 -4.23 -3.90 6.25
N THR A 86 -3.68 -5.10 6.21
CA THR A 86 -2.30 -5.33 5.85
C THR A 86 -2.21 -6.13 4.57
N PRO A 87 -1.10 -6.01 3.83
CA PRO A 87 -0.90 -6.73 2.56
C PRO A 87 -1.01 -8.24 2.74
N ALA A 88 -0.65 -8.72 3.90
CA ALA A 88 -0.68 -10.14 4.18
C ALA A 88 -2.10 -10.64 4.42
N GLN A 89 -3.01 -9.71 4.67
CA GLN A 89 -4.42 -10.06 4.89
C GLN A 89 -5.07 -10.45 3.58
N LEU A 90 -4.72 -9.73 2.53
CA LEU A 90 -5.25 -10.01 1.21
C LEU A 90 -4.40 -11.07 0.53
N GLU A 91 -3.34 -11.50 1.23
CA GLU A 91 -2.42 -12.53 0.77
C GLU A 91 -1.77 -12.13 -0.55
N MET A 92 -1.60 -10.84 -0.73
CA MET A 92 -0.99 -10.30 -1.92
C MET A 92 0.52 -10.50 -1.89
N GLU A 93 1.18 -10.28 -3.00
CA GLU A 93 2.60 -10.50 -3.09
C GLU A 93 3.27 -9.36 -3.83
N ASP A 94 4.59 -9.46 -4.00
CA ASP A 94 5.35 -8.44 -4.70
C ASP A 94 4.90 -8.29 -6.16
N GLU A 95 4.88 -7.04 -6.60
CA GLU A 95 4.51 -6.62 -7.96
C GLU A 95 3.00 -6.58 -8.14
N ASP A 96 2.28 -6.58 -7.02
CA ASP A 96 0.82 -6.47 -7.04
C ASP A 96 0.38 -5.13 -7.64
N THR A 97 -0.74 -5.13 -8.35
CA THR A 97 -1.28 -3.90 -8.87
C THR A 97 -2.62 -3.52 -8.23
N ILE A 98 -2.59 -2.44 -7.46
CA ILE A 98 -3.74 -1.91 -6.78
C ILE A 98 -4.57 -1.07 -7.74
N ASP A 99 -5.88 -1.12 -7.58
CA ASP A 99 -6.77 -0.34 -8.43
C ASP A 99 -7.37 0.82 -7.68
N VAL A 100 -7.18 2.01 -8.18
CA VAL A 100 -7.74 3.21 -7.57
C VAL A 100 -8.80 3.84 -8.47
N PHE A 101 -9.87 4.30 -7.86
CA PHE A 101 -10.96 4.94 -8.59
C PHE A 101 -11.38 6.20 -7.88
N GLN A 102 -11.86 7.18 -8.64
CA GLN A 102 -12.25 8.47 -8.11
C GLN A 102 -13.58 8.39 -7.35
N GLN A 103 -13.56 8.88 -6.13
CA GLN A 103 -14.75 8.97 -5.29
C GLN A 103 -15.29 10.38 -5.27
N GLN A 104 -14.86 11.19 -6.22
CA GLN A 104 -15.30 12.55 -6.31
C GLN A 104 -16.43 12.64 -7.31
N THR A 105 -17.64 12.41 -6.85
CA THR A 105 -18.80 12.39 -7.71
C THR A 105 -19.88 13.33 -7.20
N GLY A 106 -20.24 14.33 -8.01
CA GLY A 106 -21.28 15.26 -7.65
C GLY A 106 -20.99 16.00 -6.37
N GLY A 107 -19.77 16.44 -6.20
CA GLY A 107 -19.39 17.15 -5.01
C GLY A 107 -17.94 16.93 -4.68
N MET A 15 28.41 -35.39 13.93
CA MET A 15 27.02 -35.14 14.31
C MET A 15 26.58 -33.73 13.90
N ALA A 16 27.10 -32.72 14.59
CA ALA A 16 26.76 -31.32 14.29
C ALA A 16 28.00 -30.56 13.85
N ASP A 17 28.88 -31.24 13.15
CA ASP A 17 30.14 -30.66 12.71
C ASP A 17 29.92 -29.72 11.54
N GLU A 18 29.09 -30.15 10.61
CA GLU A 18 28.83 -29.39 9.39
C GLU A 18 27.59 -28.53 9.54
N LYS A 19 27.22 -28.22 10.76
CA LYS A 19 26.06 -27.40 11.00
C LYS A 19 26.34 -26.38 12.08
N PRO A 20 26.69 -25.16 11.68
CA PRO A 20 26.97 -24.08 12.61
C PRO A 20 25.69 -23.47 13.17
N LYS A 21 25.84 -22.54 14.09
CA LYS A 21 24.69 -21.84 14.68
C LYS A 21 24.05 -20.87 13.69
N GLU A 22 24.64 -20.78 12.51
CA GLU A 22 24.14 -19.90 11.49
C GLU A 22 23.01 -20.57 10.69
N GLY A 23 22.40 -19.80 9.83
CA GLY A 23 21.32 -20.31 9.02
C GLY A 23 20.04 -19.56 9.26
N VAL A 24 20.17 -18.27 9.55
CA VAL A 24 19.03 -17.43 9.82
C VAL A 24 18.77 -16.50 8.65
N LYS A 25 17.82 -16.85 7.81
CA LYS A 25 17.48 -16.07 6.65
C LYS A 25 16.84 -14.72 7.04
N THR A 26 17.06 -13.71 6.24
CA THR A 26 16.48 -12.40 6.47
C THR A 26 16.26 -11.67 5.12
N GLU A 27 15.22 -10.84 5.05
CA GLU A 27 14.87 -10.06 3.84
C GLU A 27 14.57 -10.94 2.64
N ASN A 28 14.39 -12.22 2.91
CA ASN A 28 14.06 -13.18 1.86
C ASN A 28 12.92 -14.04 2.34
N ASN A 29 12.25 -13.57 3.38
CA ASN A 29 11.11 -14.27 3.95
C ASN A 29 9.87 -13.42 3.75
N ASP A 30 10.03 -12.12 3.95
CA ASP A 30 8.96 -11.15 3.75
C ASP A 30 9.54 -9.94 3.01
N HIS A 31 8.86 -8.78 3.12
CA HIS A 31 9.30 -7.55 2.44
C HIS A 31 8.97 -7.65 0.98
N ILE A 32 7.86 -7.08 0.64
CA ILE A 32 7.36 -7.22 -0.68
C ILE A 32 7.19 -5.88 -1.37
N ASN A 33 6.92 -5.94 -2.64
CA ASN A 33 6.70 -4.75 -3.44
C ASN A 33 5.23 -4.60 -3.74
N LEU A 34 4.72 -3.42 -3.62
CA LEU A 34 3.32 -3.16 -3.92
C LEU A 34 3.22 -2.02 -4.88
N LYS A 35 2.40 -2.19 -5.89
CA LYS A 35 2.22 -1.14 -6.87
C LYS A 35 0.78 -0.71 -6.87
N VAL A 36 0.58 0.55 -7.13
CA VAL A 36 -0.74 1.10 -7.17
C VAL A 36 -0.98 1.80 -8.50
N ALA A 37 -2.07 1.46 -9.15
CA ALA A 37 -2.39 2.02 -10.43
C ALA A 37 -3.71 2.77 -10.36
N GLY A 38 -3.72 3.97 -10.86
CA GLY A 38 -4.92 4.76 -10.83
C GLY A 38 -5.54 4.86 -12.19
N GLN A 39 -6.83 5.15 -12.24
CA GLN A 39 -7.55 5.33 -13.49
C GLN A 39 -6.90 6.39 -14.41
N ASP A 40 -6.06 7.25 -13.84
CA ASP A 40 -5.35 8.26 -14.62
C ASP A 40 -4.31 7.61 -15.52
N GLY A 41 -3.89 6.41 -15.15
CA GLY A 41 -2.90 5.70 -15.94
C GLY A 41 -1.54 5.72 -15.30
N SER A 42 -1.46 6.33 -14.13
CA SER A 42 -0.20 6.41 -13.40
C SER A 42 -0.10 5.25 -12.42
N VAL A 43 1.11 4.93 -12.01
CA VAL A 43 1.35 3.84 -11.08
C VAL A 43 2.56 4.13 -10.19
N VAL A 44 2.44 3.84 -8.91
CA VAL A 44 3.52 4.07 -7.98
C VAL A 44 3.94 2.74 -7.36
N GLN A 45 5.24 2.51 -7.27
CA GLN A 45 5.74 1.27 -6.70
C GLN A 45 6.34 1.51 -5.31
N PHE A 46 6.14 0.56 -4.41
CA PHE A 46 6.63 0.68 -3.03
C PHE A 46 7.25 -0.63 -2.56
N ILE A 48 7.56 -2.51 1.06
CA ILE A 48 7.24 -2.56 2.47
C ILE A 48 7.24 -3.99 2.99
N LYS A 49 7.14 -4.15 4.29
CA LYS A 49 7.06 -5.47 4.90
C LYS A 49 5.62 -5.97 4.86
N ARG A 50 5.43 -7.28 4.78
CA ARG A 50 4.07 -7.84 4.71
C ARG A 50 3.35 -7.71 6.04
N HIS A 51 4.09 -7.34 7.07
CA HIS A 51 3.54 -7.22 8.41
C HIS A 51 3.24 -5.74 8.70
N THR A 52 3.56 -4.89 7.76
CA THR A 52 3.36 -3.47 7.92
C THR A 52 2.07 -3.05 7.21
N PRO A 53 1.37 -2.02 7.74
CA PRO A 53 0.12 -1.53 7.15
C PRO A 53 0.32 -0.91 5.76
N LEU A 54 -0.51 -1.32 4.81
CA LEU A 54 -0.43 -0.80 3.44
C LEU A 54 -0.88 0.65 3.37
N SER A 55 -1.57 1.10 4.40
CA SER A 55 -2.09 2.47 4.49
C SER A 55 -0.98 3.50 4.26
N LYS A 56 0.24 3.14 4.60
CA LYS A 56 1.37 4.04 4.44
C LYS A 56 1.63 4.33 2.96
N LEU A 57 1.57 3.29 2.13
CA LEU A 57 1.78 3.47 0.69
C LEU A 57 0.57 4.19 0.09
N MET A 58 -0.62 3.90 0.62
CA MET A 58 -1.84 4.50 0.12
C MET A 58 -1.84 6.00 0.35
N LYS A 59 -1.48 6.41 1.56
CA LYS A 59 -1.41 7.82 1.87
C LYS A 59 -0.29 8.49 1.08
N ALA A 60 0.81 7.77 0.89
CA ALA A 60 1.93 8.29 0.14
C ALA A 60 1.50 8.55 -1.29
N TYR A 61 0.66 7.66 -1.82
CA TYR A 61 0.13 7.77 -3.17
C TYR A 61 -0.69 9.04 -3.32
N CYS A 62 -1.70 9.21 -2.48
CA CYS A 62 -2.57 10.37 -2.58
C CYS A 62 -1.81 11.67 -2.35
N GLU A 63 -0.87 11.65 -1.42
CA GLU A 63 -0.08 12.84 -1.12
C GLU A 63 0.82 13.24 -2.29
N ARG A 64 1.38 12.26 -2.99
CA ARG A 64 2.25 12.56 -4.12
C ARG A 64 1.44 12.83 -5.40
N GLN A 65 0.31 12.16 -5.54
CA GLN A 65 -0.53 12.32 -6.73
C GLN A 65 -1.36 13.58 -6.67
N GLY A 66 -1.55 14.08 -5.48
CA GLY A 66 -2.36 15.26 -5.33
C GLY A 66 -3.83 14.92 -5.21
N LEU A 67 -4.11 13.84 -4.48
CA LEU A 67 -5.47 13.39 -4.26
C LEU A 67 -5.70 13.24 -2.77
N SER A 68 -6.95 13.08 -2.38
CA SER A 68 -7.28 12.91 -0.99
C SER A 68 -7.98 11.57 -0.76
N MET A 69 -7.93 11.07 0.47
CA MET A 69 -8.57 9.79 0.83
C MET A 69 -10.08 9.86 0.65
N ARG A 70 -10.62 11.06 0.76
CA ARG A 70 -12.05 11.28 0.57
C ARG A 70 -12.36 11.49 -0.91
N GLN A 71 -11.32 11.70 -1.69
CA GLN A 71 -11.44 11.96 -3.12
C GLN A 71 -11.25 10.70 -3.95
N ILE A 72 -10.51 9.74 -3.41
CA ILE A 72 -10.24 8.49 -4.13
C ILE A 72 -10.41 7.30 -3.22
N ARG A 73 -10.27 6.12 -3.77
CA ARG A 73 -10.39 4.89 -3.01
C ARG A 73 -9.57 3.78 -3.64
N PHE A 74 -9.04 2.92 -2.80
CA PHE A 74 -8.20 1.82 -3.23
C PHE A 74 -8.96 0.51 -3.17
N ARG A 75 -8.70 -0.37 -4.12
CA ARG A 75 -9.36 -1.66 -4.18
C ARG A 75 -8.40 -2.74 -4.67
N PHE A 76 -8.50 -3.92 -4.08
CA PHE A 76 -7.68 -5.05 -4.45
C PHE A 76 -8.48 -6.32 -4.27
N ASP A 77 -8.23 -7.32 -5.11
CA ASP A 77 -8.97 -8.61 -5.08
C ASP A 77 -10.45 -8.39 -5.27
N GLY A 78 -10.79 -7.28 -5.88
CA GLY A 78 -12.16 -6.95 -6.11
C GLY A 78 -12.85 -6.39 -4.87
N GLN A 79 -12.10 -6.25 -3.77
CA GLN A 79 -12.65 -5.72 -2.54
C GLN A 79 -11.96 -4.41 -2.17
N PRO A 80 -12.70 -3.49 -1.53
CA PRO A 80 -12.16 -2.19 -1.13
C PRO A 80 -11.11 -2.31 -0.03
N ILE A 81 -10.07 -1.52 -0.12
CA ILE A 81 -9.00 -1.57 0.86
C ILE A 81 -9.18 -0.47 1.89
N ASN A 82 -8.90 -0.78 3.13
CA ASN A 82 -8.96 0.20 4.18
C ASN A 82 -7.59 0.48 4.68
N GLU A 83 -7.46 1.48 5.50
CA GLU A 83 -6.19 1.83 6.08
C GLU A 83 -5.82 0.81 7.17
N THR A 84 -6.81 0.07 7.61
CA THR A 84 -6.65 -0.90 8.66
C THR A 84 -6.12 -2.22 8.16
N ASP A 85 -6.28 -2.48 6.89
CA ASP A 85 -5.84 -3.73 6.31
C ASP A 85 -4.33 -3.78 6.08
N THR A 86 -3.80 -4.98 6.08
CA THR A 86 -2.41 -5.22 5.77
C THR A 86 -2.29 -6.03 4.50
N PRO A 87 -1.15 -5.90 3.79
CA PRO A 87 -0.90 -6.63 2.53
C PRO A 87 -1.00 -8.15 2.73
N ALA A 88 -0.67 -8.59 3.93
CA ALA A 88 -0.68 -10.00 4.24
C ALA A 88 -2.10 -10.54 4.38
N GLN A 89 -3.06 -9.66 4.61
CA GLN A 89 -4.45 -10.06 4.76
C GLN A 89 -5.03 -10.53 3.43
N LEU A 90 -4.63 -9.88 2.35
CA LEU A 90 -5.12 -10.22 1.03
C LEU A 90 -4.25 -11.30 0.41
N GLU A 91 -3.20 -11.70 1.14
CA GLU A 91 -2.26 -12.74 0.71
C GLU A 91 -1.70 -12.41 -0.68
N MET A 92 -1.44 -11.14 -0.89
CA MET A 92 -0.94 -10.65 -2.16
C MET A 92 0.56 -10.94 -2.27
N GLU A 93 1.11 -10.74 -3.46
CA GLU A 93 2.51 -11.01 -3.71
C GLU A 93 3.23 -9.73 -4.10
N ASP A 94 4.55 -9.77 -4.16
CA ASP A 94 5.30 -8.62 -4.59
C ASP A 94 4.98 -8.25 -6.04
N GLU A 95 4.94 -6.95 -6.28
CA GLU A 95 4.65 -6.35 -7.57
C GLU A 95 3.17 -6.44 -7.92
N ASP A 96 2.33 -6.69 -6.91
CA ASP A 96 0.88 -6.72 -7.12
C ASP A 96 0.36 -5.31 -7.39
N THR A 97 -0.76 -5.21 -8.06
CA THR A 97 -1.30 -3.91 -8.45
C THR A 97 -2.58 -3.55 -7.70
N ILE A 98 -2.61 -2.34 -7.19
CA ILE A 98 -3.76 -1.80 -6.49
C ILE A 98 -4.59 -0.96 -7.45
N ASP A 99 -5.90 -1.03 -7.35
CA ASP A 99 -6.77 -0.25 -8.22
C ASP A 99 -7.34 0.94 -7.48
N VAL A 100 -7.12 2.12 -8.04
CA VAL A 100 -7.64 3.35 -7.46
C VAL A 100 -8.67 4.01 -8.38
N PHE A 101 -9.75 4.47 -7.78
CA PHE A 101 -10.83 5.11 -8.51
C PHE A 101 -11.29 6.35 -7.76
N GLN A 102 -11.83 7.32 -8.49
CA GLN A 102 -12.24 8.58 -7.90
C GLN A 102 -13.60 8.48 -7.21
N GLN A 103 -13.60 8.65 -5.90
CA GLN A 103 -14.82 8.66 -5.10
C GLN A 103 -15.31 10.08 -4.87
N GLN A 104 -14.92 10.99 -5.73
CA GLN A 104 -15.31 12.37 -5.59
C GLN A 104 -16.35 12.69 -6.65
N THR A 105 -17.59 12.71 -6.24
CA THR A 105 -18.68 12.99 -7.15
C THR A 105 -19.78 13.76 -6.42
N GLY A 106 -20.41 14.66 -7.15
CA GLY A 106 -21.47 15.44 -6.57
C GLY A 106 -21.09 16.88 -6.39
N GLY A 107 -22.06 17.75 -6.50
CA GLY A 107 -21.81 19.16 -6.34
C GLY A 107 -22.76 19.98 -7.16
N MET A 15 22.46 4.59 19.00
CA MET A 15 21.16 3.90 18.80
C MET A 15 21.04 2.64 19.66
N ALA A 16 22.09 2.34 20.44
CA ALA A 16 22.09 1.16 21.30
C ALA A 16 21.30 1.39 22.59
N ASP A 17 20.68 2.56 22.68
CA ASP A 17 19.87 2.92 23.82
C ASP A 17 18.51 2.30 23.73
N GLU A 18 18.17 1.81 22.56
CA GLU A 18 16.90 1.15 22.37
C GLU A 18 17.14 -0.33 22.19
N LYS A 19 16.30 -1.13 22.82
CA LYS A 19 16.35 -2.60 22.72
C LYS A 19 17.50 -3.16 23.58
N PRO A 20 17.37 -4.43 23.98
CA PRO A 20 18.40 -5.11 24.75
C PRO A 20 19.54 -5.59 23.85
N LYS A 21 20.33 -6.55 24.32
CA LYS A 21 21.41 -7.08 23.50
C LYS A 21 20.86 -8.04 22.44
N GLU A 22 19.60 -8.41 22.59
CA GLU A 22 18.94 -9.32 21.67
C GLU A 22 17.92 -8.56 20.84
N GLY A 23 17.29 -9.25 19.91
CA GLY A 23 16.34 -8.60 19.02
C GLY A 23 17.03 -8.16 17.75
N VAL A 24 18.14 -8.80 17.44
CA VAL A 24 18.92 -8.47 16.27
C VAL A 24 18.59 -9.44 15.12
N LYS A 25 18.39 -8.86 13.92
CA LYS A 25 18.02 -9.63 12.73
C LYS A 25 16.74 -10.42 12.97
N THR A 26 15.65 -9.70 13.10
CA THR A 26 14.35 -10.29 13.33
C THR A 26 13.68 -10.69 12.00
N GLU A 27 12.64 -11.51 12.09
CA GLU A 27 11.91 -11.99 10.91
C GLU A 27 10.90 -10.96 10.41
N ASN A 28 11.19 -9.70 10.66
CA ASN A 28 10.36 -8.60 10.20
C ASN A 28 11.01 -7.91 9.03
N ASN A 29 12.10 -8.50 8.53
CA ASN A 29 12.84 -7.94 7.39
C ASN A 29 12.18 -8.39 6.10
N ASP A 30 11.16 -9.23 6.23
CA ASP A 30 10.44 -9.76 5.09
C ASP A 30 9.55 -8.70 4.51
N HIS A 31 9.98 -8.14 3.40
CA HIS A 31 9.27 -7.07 2.75
C HIS A 31 8.91 -7.44 1.32
N ILE A 32 7.84 -6.85 0.83
CA ILE A 32 7.39 -7.10 -0.52
C ILE A 32 7.10 -5.80 -1.25
N ASN A 33 7.00 -5.90 -2.56
CA ASN A 33 6.73 -4.76 -3.40
C ASN A 33 5.25 -4.68 -3.71
N LEU A 34 4.71 -3.48 -3.66
CA LEU A 34 3.32 -3.26 -4.00
C LEU A 34 3.22 -2.12 -4.97
N LYS A 35 2.36 -2.24 -5.95
CA LYS A 35 2.19 -1.22 -6.94
C LYS A 35 0.75 -0.79 -7.02
N VAL A 36 0.54 0.46 -7.27
CA VAL A 36 -0.79 1.02 -7.35
C VAL A 36 -1.04 1.67 -8.70
N ALA A 37 -2.16 1.36 -9.32
CA ALA A 37 -2.49 1.90 -10.61
C ALA A 37 -3.76 2.71 -10.52
N GLY A 38 -3.66 3.98 -10.84
CA GLY A 38 -4.80 4.85 -10.80
C GLY A 38 -5.43 4.98 -12.15
N GLN A 39 -6.75 5.14 -12.17
CA GLN A 39 -7.52 5.31 -13.41
C GLN A 39 -7.00 6.46 -14.30
N ASP A 40 -6.18 7.35 -13.75
CA ASP A 40 -5.59 8.45 -14.52
C ASP A 40 -4.53 7.93 -15.48
N GLY A 41 -4.01 6.75 -15.16
CA GLY A 41 -2.97 6.16 -15.98
C GLY A 41 -1.63 6.30 -15.32
N SER A 42 -1.65 6.37 -14.00
CA SER A 42 -0.44 6.56 -13.23
C SER A 42 -0.26 5.42 -12.22
N VAL A 43 0.94 4.84 -12.18
CA VAL A 43 1.24 3.77 -11.25
C VAL A 43 2.46 4.11 -10.38
N VAL A 44 2.35 3.81 -9.08
CA VAL A 44 3.45 4.08 -8.15
C VAL A 44 3.88 2.76 -7.51
N GLN A 45 5.18 2.55 -7.38
CA GLN A 45 5.70 1.32 -6.78
C GLN A 45 6.27 1.58 -5.39
N PHE A 46 6.09 0.61 -4.49
CA PHE A 46 6.56 0.75 -3.11
C PHE A 46 7.13 -0.58 -2.59
N ILE A 48 7.39 -2.43 1.11
CA ILE A 48 6.99 -2.39 2.52
C ILE A 48 7.01 -3.78 3.12
N LYS A 49 6.92 -3.86 4.43
CA LYS A 49 6.92 -5.15 5.10
C LYS A 49 5.55 -5.80 5.02
N ARG A 50 5.54 -7.11 5.06
CA ARG A 50 4.31 -7.89 5.01
C ARG A 50 3.48 -7.67 6.27
N HIS A 51 4.14 -7.17 7.30
CA HIS A 51 3.49 -6.96 8.59
C HIS A 51 3.18 -5.48 8.75
N THR A 52 3.60 -4.73 7.77
CA THR A 52 3.45 -3.30 7.73
C THR A 52 2.13 -2.92 7.05
N PRO A 53 1.38 -1.97 7.62
CA PRO A 53 0.10 -1.54 7.05
C PRO A 53 0.29 -0.90 5.67
N LEU A 54 -0.43 -1.41 4.68
CA LEU A 54 -0.38 -0.90 3.31
C LEU A 54 -0.87 0.54 3.25
N SER A 55 -1.57 0.96 4.29
CA SER A 55 -2.10 2.30 4.43
C SER A 55 -1.03 3.36 4.19
N LYS A 56 0.22 3.02 4.51
CA LYS A 56 1.33 3.92 4.32
C LYS A 56 1.51 4.28 2.86
N LEU A 57 1.53 3.25 1.99
CA LEU A 57 1.68 3.48 0.56
C LEU A 57 0.44 4.17 0.00
N MET A 58 -0.72 3.81 0.55
CA MET A 58 -1.98 4.39 0.10
C MET A 58 -1.97 5.89 0.31
N LYS A 59 -1.55 6.32 1.49
CA LYS A 59 -1.46 7.73 1.77
C LYS A 59 -0.37 8.37 0.95
N ALA A 60 0.77 7.68 0.83
CA ALA A 60 1.91 8.21 0.08
C ALA A 60 1.49 8.49 -1.35
N TYR A 61 0.69 7.58 -1.90
CA TYR A 61 0.16 7.74 -3.23
C TYR A 61 -0.63 9.05 -3.34
N CYS A 62 -1.61 9.22 -2.46
CA CYS A 62 -2.43 10.42 -2.45
C CYS A 62 -1.58 11.67 -2.22
N GLU A 63 -0.61 11.56 -1.31
CA GLU A 63 0.30 12.66 -0.99
C GLU A 63 1.05 13.13 -2.24
N ARG A 64 1.65 12.18 -2.95
CA ARG A 64 2.47 12.51 -4.12
C ARG A 64 1.62 12.85 -5.34
N GLN A 65 0.50 12.15 -5.51
CA GLN A 65 -0.36 12.36 -6.66
C GLN A 65 -1.18 13.61 -6.56
N GLY A 66 -1.39 14.09 -5.36
CA GLY A 66 -2.22 15.25 -5.20
C GLY A 66 -3.67 14.84 -5.11
N LEU A 67 -3.92 13.78 -4.36
CA LEU A 67 -5.27 13.28 -4.17
C LEU A 67 -5.59 13.19 -2.70
N SER A 68 -6.86 13.05 -2.39
CA SER A 68 -7.30 12.94 -1.02
C SER A 68 -7.95 11.59 -0.81
N MET A 69 -7.94 11.09 0.43
CA MET A 69 -8.56 9.81 0.74
C MET A 69 -10.07 9.86 0.50
N ARG A 70 -10.64 11.04 0.59
CA ARG A 70 -12.06 11.24 0.33
C ARG A 70 -12.33 11.42 -1.15
N GLN A 71 -11.28 11.74 -1.89
CA GLN A 71 -11.36 11.99 -3.33
C GLN A 71 -11.20 10.72 -4.12
N ILE A 72 -10.51 9.76 -3.54
CA ILE A 72 -10.27 8.49 -4.22
C ILE A 72 -10.49 7.31 -3.29
N ARG A 73 -10.25 6.12 -3.80
CA ARG A 73 -10.35 4.90 -3.02
C ARG A 73 -9.54 3.80 -3.66
N PHE A 74 -8.99 2.94 -2.83
CA PHE A 74 -8.16 1.85 -3.28
C PHE A 74 -8.94 0.54 -3.24
N ARG A 75 -8.65 -0.35 -4.17
CA ARG A 75 -9.32 -1.62 -4.25
C ARG A 75 -8.38 -2.72 -4.69
N PHE A 76 -8.56 -3.89 -4.11
CA PHE A 76 -7.77 -5.06 -4.42
C PHE A 76 -8.64 -6.27 -4.24
N ASP A 77 -8.38 -7.31 -5.02
CA ASP A 77 -9.19 -8.56 -4.99
C ASP A 77 -10.65 -8.27 -5.25
N GLY A 78 -10.92 -7.17 -5.89
CA GLY A 78 -12.27 -6.80 -6.16
C GLY A 78 -12.99 -6.25 -4.95
N GLN A 79 -12.25 -5.97 -3.88
CA GLN A 79 -12.82 -5.41 -2.66
C GLN A 79 -12.06 -4.13 -2.26
N PRO A 80 -12.75 -3.16 -1.66
CA PRO A 80 -12.12 -1.91 -1.24
C PRO A 80 -11.11 -2.13 -0.12
N ILE A 81 -10.02 -1.37 -0.15
CA ILE A 81 -8.97 -1.49 0.83
C ILE A 81 -9.13 -0.45 1.91
N ASN A 82 -8.71 -0.77 3.13
CA ASN A 82 -8.80 0.15 4.23
C ASN A 82 -7.44 0.29 4.86
N GLU A 83 -7.31 1.24 5.74
CA GLU A 83 -6.07 1.45 6.46
C GLU A 83 -5.92 0.42 7.56
N THR A 84 -6.98 -0.35 7.80
CA THR A 84 -6.97 -1.38 8.80
C THR A 84 -6.54 -2.72 8.23
N ASP A 85 -6.30 -2.76 6.92
CA ASP A 85 -5.89 -3.99 6.28
C ASP A 85 -4.39 -4.02 6.03
N THR A 86 -3.82 -5.21 6.06
CA THR A 86 -2.41 -5.41 5.79
C THR A 86 -2.21 -6.18 4.50
N PRO A 87 -1.02 -6.05 3.87
CA PRO A 87 -0.70 -6.76 2.63
C PRO A 87 -0.76 -8.27 2.82
N ALA A 88 -0.45 -8.73 4.02
CA ALA A 88 -0.45 -10.14 4.32
C ALA A 88 -1.86 -10.66 4.54
N GLN A 89 -2.82 -9.76 4.64
CA GLN A 89 -4.20 -10.16 4.87
C GLN A 89 -4.76 -10.79 3.62
N LEU A 90 -4.56 -10.12 2.52
CA LEU A 90 -5.07 -10.56 1.24
C LEU A 90 -4.09 -11.53 0.58
N GLU A 91 -2.98 -11.80 1.29
CA GLU A 91 -1.93 -12.70 0.81
C GLU A 91 -1.48 -12.29 -0.58
N MET A 92 -1.29 -11.00 -0.76
CA MET A 92 -0.87 -10.45 -2.03
C MET A 92 0.62 -10.71 -2.23
N GLU A 93 1.05 -10.67 -3.47
CA GLU A 93 2.43 -10.97 -3.80
C GLU A 93 3.17 -9.72 -4.21
N ASP A 94 4.49 -9.80 -4.28
CA ASP A 94 5.31 -8.72 -4.77
C ASP A 94 4.82 -8.23 -6.13
N GLU A 95 4.80 -6.92 -6.27
CA GLU A 95 4.41 -6.25 -7.50
C GLU A 95 2.94 -6.44 -7.82
N ASP A 96 2.15 -6.70 -6.80
CA ASP A 96 0.70 -6.78 -6.98
C ASP A 96 0.16 -5.41 -7.30
N THR A 97 -0.91 -5.34 -8.05
CA THR A 97 -1.43 -4.06 -8.49
C THR A 97 -2.71 -3.65 -7.75
N ILE A 98 -2.68 -2.46 -7.19
CA ILE A 98 -3.82 -1.88 -6.52
C ILE A 98 -4.60 -1.03 -7.50
N ASP A 99 -5.91 -1.06 -7.44
CA ASP A 99 -6.72 -0.27 -8.34
C ASP A 99 -7.34 0.92 -7.61
N VAL A 100 -7.08 2.12 -8.11
CA VAL A 100 -7.60 3.35 -7.53
C VAL A 100 -8.63 4.00 -8.44
N PHE A 101 -9.72 4.46 -7.84
CA PHE A 101 -10.79 5.11 -8.58
C PHE A 101 -11.21 6.38 -7.85
N GLN A 102 -11.73 7.35 -8.59
CA GLN A 102 -12.15 8.62 -8.01
C GLN A 102 -13.49 8.50 -7.27
N GLN A 103 -13.45 8.76 -5.98
CA GLN A 103 -14.64 8.73 -5.16
C GLN A 103 -15.14 10.14 -4.87
N GLN A 104 -14.73 11.08 -5.69
CA GLN A 104 -15.17 12.45 -5.55
C GLN A 104 -16.45 12.65 -6.32
N THR A 105 -17.54 12.82 -5.63
CA THR A 105 -18.82 13.02 -6.27
C THR A 105 -19.54 14.21 -5.67
N GLY A 106 -19.45 15.36 -6.34
CA GLY A 106 -20.08 16.56 -5.87
C GLY A 106 -19.29 17.24 -4.78
N GLY A 107 -19.36 16.70 -3.59
CA GLY A 107 -18.64 17.27 -2.48
C GLY A 107 -18.97 16.57 -1.20
#